data_8OJH
#
_entry.id   8OJH
#
_cell.length_a   72.016
_cell.length_b   128.595
_cell.length_c   198.454
_cell.angle_alpha   90.000
_cell.angle_beta   90.000
_cell.angle_gamma   90.000
#
_symmetry.space_group_name_H-M   'P 21 21 21'
#
loop_
_entity.id
_entity.type
_entity.pdbx_description
1 polymer 'DNA damage-binding protein 1'
2 polymer 'Protein cereblon'
3 non-polymer 1,2-ETHANEDIOL
4 non-polymer 'ZINC ION'
5 non-polymer 4-azanyl-2-[(3~{S})-2,6-bis(oxidanylidene)piperidin-3-yl]-7-methoxy-isoindole-1,3-dione
6 water water
#
loop_
_entity_poly.entity_id
_entity_poly.type
_entity_poly.pdbx_seq_one_letter_code
_entity_poly.pdbx_strand_id
1 'polypeptide(L)'
;MSYNYVVTAQKPTAVNGCVTGHFTSAEDLNLLIAKNTRLEIYVVTAEGLRPVKEVGMYGKIAVMELFRPKGESKDLLFIL
TAKYNACILEYKQSGESIDIITRAHGNVQDRIGRPSETGIIGIIDPECRMIGLRLYDGLFKVIPLDRDNKELKAFNIRLE
ELHVIDVKFLYGCQAPTICFVYQDPQGRHVKTYEVSLREKEFNKGPWKQENVEAEASMVIAVPEPFGGAIIIGQESITYH
NGDKYLAIAPPIIKQSTIVCHNRVDPNGSRYLLGDMEGRLFMLLLEKEEQMDGTVTLKDLRVELLGETSIAECLTYLDNG
VVFVGSRLGDSQLVKLNVDSNEQGSYVVAMETFTNLGPIVDMCVVDLERQGQGQLVTCSGAFKEGSLRIIRNGIGIHEHA
SIDLPGIKGLWPLRSDPNRETDDTLVLSFVGQTRVLMLNGEEVEETELMGFVDDQQTFFCGNVAHQQLIQITSASVRLVS
QEPKALVSEWKEPQAKNISVASCNSSQVVVAVGRALYYLQIHPQELRQISHTEMEHEVACLDITPLGDSNGLSPLCAIGL
WTDISARILKLPSFELLHKEMLGGEIIPRSILMTTFESSHYLLCALGDGALFYFGLNIETGLLSDRKKVTLGTQPTVLRT
FRSLSTTNVFACSDRPTVIYSSNHKLVFSNVNLKEVNYMCPLNSDGYPDSLALANNSTLTIGTIDEIQKLHIRTVPLYES
PRKICYQEVSQCFGVLSSRIEVQDTSGGTTALRPSASTQALSSSVSSSKLFSSSTAPHETSFGEEVEVHNLLIIDQHTFE
VLHAHQFLQNEYALSLVSCKLGKDPNTYFIVGTAMVYPEEAEPKQGRIVVFQYSDGKLQTVAEKEVKGAVYSMVEFNGKL
LASINSTVRLYEWTTEKELRTECNHYNNIMALYLKTKGDFILVGDLMRSVLLLAYKPMEGNFEEIARDFNPNWMSAVEIL
DDDNFLGAENAFNLFVCQKDSAATTDEERQHLQEVGLFHLGEFVNVFCHGSLVMQNLGETSTPTQGSVLFGTVNGMIGLV
TSLSESWYNLLLDMQNRLNKVIKSVGKIEHSFWRSFHTERKTEPATGFIDGDLIESFLDISRPKMQEVVANLQYDDGSGM
KREATADDLIKVVEELTRIHWSHPQFEK
;
A
2 'polypeptide(L)'
;GPHMEAKKPNIINFDTSLPTSHTYLGADMEEFHGRTLHDDDSCQVIPVLPQVMMILIPGQTLPLQLFHPQEVSMVRNLIQ
KDRTFAVLAYSNVQEREAQFGTTAEIYAYREEQDFGIEIVKVKAIGRQRFKVLELRTQSDGIQQAKVQILPECVLPSTMS
AVQLESLNKCQIFPSKPVSREDQCSYKWWQKYQKRKFHCANLTSWPRWLYSLYDAETLMDRIKKQLREWDENLKDDSLPS
NPIDFSYRVAACLPIDDVLRIQLLKIGSAIQRLRCELDIMNKCTSLCCKQCQETEITTKNEIFSLSLCGPMAAYVNPHGY
VHETLTVYKACNLNLIGRPSTEHSWFPGYAWTVAQCKICASHIGWKFTATKKDMSPQKFWGLTRSALLPTIPDTEDEISP
DKVILCL
;
B
#
# COMPACT_ATOMS: atom_id res chain seq x y z
N MET A 1 -1.58 18.18 6.80
CA MET A 1 -2.56 19.24 7.06
C MET A 1 -3.80 19.12 6.15
N SER A 2 -4.60 20.22 6.01
CA SER A 2 -5.77 20.26 5.12
C SER A 2 -5.38 20.29 3.64
N TYR A 3 -4.12 20.66 3.32
CA TYR A 3 -3.58 20.79 1.97
C TYR A 3 -2.36 19.90 1.86
N ASN A 4 -2.44 18.89 1.00
CA ASN A 4 -1.34 17.96 0.84
C ASN A 4 -0.90 17.82 -0.60
N TYR A 5 0.36 17.46 -0.77
CA TYR A 5 1.02 17.28 -2.04
C TYR A 5 1.52 15.81 -2.07
N VAL A 6 0.96 15.00 -2.96
CA VAL A 6 1.37 13.61 -3.10
C VAL A 6 2.17 13.42 -4.42
N VAL A 7 3.37 12.83 -4.31
CA VAL A 7 4.22 12.59 -5.47
C VAL A 7 4.86 11.20 -5.36
N THR A 8 5.14 10.56 -6.51
CA THR A 8 5.78 9.28 -6.58
C THR A 8 7.28 9.41 -6.43
N ALA A 9 7.88 8.62 -5.54
CA ALA A 9 9.32 8.57 -5.39
C ALA A 9 9.90 7.36 -6.19
N GLN A 10 9.13 6.26 -6.33
CA GLN A 10 9.51 5.07 -7.09
C GLN A 10 8.24 4.56 -7.74
N LYS A 11 8.23 4.48 -9.08
CA LYS A 11 7.09 3.99 -9.86
C LYS A 11 6.78 2.53 -9.52
N PRO A 12 5.54 2.04 -9.71
CA PRO A 12 5.26 0.63 -9.42
C PRO A 12 6.17 -0.31 -10.20
N THR A 13 6.77 -1.28 -9.55
CA THR A 13 7.70 -2.21 -10.17
C THR A 13 7.05 -3.55 -10.57
N ALA A 14 5.99 -3.99 -9.85
CA ALA A 14 5.30 -5.26 -10.13
C ALA A 14 4.66 -5.25 -11.50
N VAL A 15 4.64 -6.42 -12.18
CA VAL A 15 4.08 -6.61 -13.51
C VAL A 15 2.71 -7.29 -13.44
N ASN A 16 1.64 -6.67 -13.98
CA ASN A 16 0.33 -7.30 -14.00
C ASN A 16 -0.10 -7.84 -15.38
N GLY A 17 0.67 -7.56 -16.42
CA GLY A 17 0.37 -8.07 -17.75
C GLY A 17 1.53 -7.88 -18.70
N CYS A 18 1.67 -8.77 -19.69
CA CYS A 18 2.72 -8.64 -20.69
C CYS A 18 2.27 -9.29 -21.96
N VAL A 19 2.37 -8.58 -23.09
CA VAL A 19 1.93 -9.13 -24.38
C VAL A 19 3.01 -8.96 -25.45
N THR A 20 2.98 -9.82 -26.47
CA THR A 20 3.89 -9.70 -27.62
C THR A 20 3.10 -9.44 -28.90
N GLY A 21 3.76 -8.80 -29.87
CA GLY A 21 3.12 -8.45 -31.12
C GLY A 21 3.99 -7.54 -31.94
N HIS A 22 3.37 -6.80 -32.88
CA HIS A 22 4.10 -5.89 -33.78
C HIS A 22 3.45 -4.54 -33.74
N PHE A 23 3.69 -3.86 -32.62
CA PHE A 23 3.10 -2.56 -32.31
C PHE A 23 3.88 -1.38 -32.90
N THR A 24 5.22 -1.36 -32.71
CA THR A 24 6.06 -0.25 -33.14
C THR A 24 6.27 -0.20 -34.64
N SER A 25 6.21 -1.37 -35.30
CA SER A 25 6.32 -1.54 -36.74
C SER A 25 5.94 -2.98 -37.10
N ALA A 26 5.45 -3.22 -38.33
CA ALA A 26 5.10 -4.59 -38.75
C ALA A 26 6.31 -5.54 -38.74
N GLU A 27 7.53 -4.99 -38.83
CA GLU A 27 8.78 -5.75 -38.85
C GLU A 27 9.41 -5.92 -37.47
N ASP A 28 8.92 -5.20 -36.45
CA ASP A 28 9.47 -5.29 -35.09
C ASP A 28 8.66 -6.23 -34.25
N LEU A 29 9.32 -7.03 -33.40
CA LEU A 29 8.60 -7.86 -32.44
C LEU A 29 8.73 -7.14 -31.10
N ASN A 30 7.61 -6.78 -30.47
CA ASN A 30 7.65 -6.00 -29.24
C ASN A 30 7.22 -6.75 -28.02
N LEU A 31 7.73 -6.32 -26.87
CA LEU A 31 7.29 -6.82 -25.60
C LEU A 31 6.63 -5.61 -24.93
N LEU A 32 5.34 -5.73 -24.56
CA LEU A 32 4.62 -4.65 -23.90
C LEU A 32 4.39 -5.10 -22.47
N ILE A 33 4.86 -4.32 -21.50
CA ILE A 33 4.73 -4.68 -20.09
C ILE A 33 3.84 -3.67 -19.36
N ALA A 34 2.83 -4.15 -18.61
CA ALA A 34 1.94 -3.27 -17.88
C ALA A 34 2.31 -3.26 -16.39
N LYS A 35 2.59 -2.06 -15.89
CA LYS A 35 2.92 -1.87 -14.51
C LYS A 35 1.91 -0.94 -13.87
N ASN A 36 0.68 -1.43 -13.70
CA ASN A 36 -0.43 -0.71 -13.10
C ASN A 36 -0.81 0.51 -13.96
N THR A 37 -0.25 1.68 -13.70
CA THR A 37 -0.56 2.89 -14.43
C THR A 37 0.42 3.19 -15.58
N ARG A 38 1.45 2.37 -15.78
N ARG A 38 1.43 2.35 -15.80
CA ARG A 38 2.45 2.58 -16.82
CA ARG A 38 2.40 2.60 -16.87
C ARG A 38 2.45 1.46 -17.85
C ARG A 38 2.49 1.45 -17.85
N LEU A 39 2.90 1.78 -19.07
CA LEU A 39 3.01 0.84 -20.16
C LEU A 39 4.43 0.97 -20.72
N GLU A 40 5.23 -0.10 -20.61
CA GLU A 40 6.59 -0.11 -21.15
C GLU A 40 6.57 -0.81 -22.51
N ILE A 41 7.26 -0.25 -23.49
CA ILE A 41 7.31 -0.82 -24.83
C ILE A 41 8.76 -1.12 -25.13
N TYR A 42 9.05 -2.38 -25.40
CA TYR A 42 10.39 -2.83 -25.72
C TYR A 42 10.40 -3.43 -27.11
N VAL A 43 11.57 -3.45 -27.75
CA VAL A 43 11.73 -4.12 -29.03
C VAL A 43 12.60 -5.34 -28.70
N VAL A 44 12.06 -6.53 -28.97
CA VAL A 44 12.74 -7.80 -28.73
C VAL A 44 13.90 -7.95 -29.73
N THR A 45 15.14 -8.02 -29.22
CA THR A 45 16.32 -8.15 -30.09
C THR A 45 17.06 -9.48 -29.82
N ALA A 46 17.97 -9.88 -30.73
CA ALA A 46 18.76 -11.09 -30.54
C ALA A 46 19.62 -10.98 -29.27
N GLU A 47 20.12 -9.76 -28.97
CA GLU A 47 20.90 -9.53 -27.77
C GLU A 47 20.00 -9.66 -26.52
N GLY A 48 19.04 -8.74 -26.35
CA GLY A 48 18.09 -8.77 -25.24
C GLY A 48 16.89 -7.90 -25.55
N LEU A 49 16.43 -7.11 -24.58
CA LEU A 49 15.30 -6.21 -24.79
C LEU A 49 15.79 -4.78 -25.01
N ARG A 50 15.17 -4.02 -25.93
CA ARG A 50 15.56 -2.63 -26.15
C ARG A 50 14.43 -1.70 -25.74
N PRO A 51 14.60 -0.88 -24.69
CA PRO A 51 13.51 0.00 -24.27
C PRO A 51 13.28 1.10 -25.29
N VAL A 52 12.03 1.29 -25.75
CA VAL A 52 11.79 2.32 -26.76
C VAL A 52 10.85 3.41 -26.28
N LYS A 53 9.85 3.09 -25.47
CA LYS A 53 8.87 4.05 -25.02
C LYS A 53 8.17 3.59 -23.79
N GLU A 54 7.97 4.48 -22.84
CA GLU A 54 7.19 4.17 -21.65
C GLU A 54 6.18 5.29 -21.49
N VAL A 55 4.91 4.93 -21.40
CA VAL A 55 3.86 5.92 -21.22
C VAL A 55 3.09 5.71 -19.92
N GLY A 56 2.63 6.80 -19.35
CA GLY A 56 1.79 6.74 -18.16
C GLY A 56 0.35 6.92 -18.55
N MET A 57 -0.57 6.42 -17.73
CA MET A 57 -1.98 6.53 -18.00
C MET A 57 -2.73 6.99 -16.79
N TYR A 58 -3.84 7.68 -17.03
CA TYR A 58 -4.67 8.18 -15.95
C TYR A 58 -5.66 7.06 -15.66
N GLY A 59 -5.11 5.91 -15.30
CA GLY A 59 -5.89 4.72 -15.02
C GLY A 59 -5.01 3.53 -14.69
N LYS A 60 -5.61 2.55 -14.02
CA LYS A 60 -4.98 1.28 -13.67
C LYS A 60 -5.31 0.34 -14.84
N ILE A 61 -4.30 -0.09 -15.63
CA ILE A 61 -4.52 -0.96 -16.79
C ILE A 61 -5.05 -2.31 -16.39
N ALA A 62 -6.31 -2.62 -16.76
CA ALA A 62 -7.01 -3.87 -16.46
C ALA A 62 -7.05 -4.87 -17.63
N VAL A 63 -6.95 -4.38 -18.86
CA VAL A 63 -6.91 -5.22 -20.05
C VAL A 63 -5.92 -4.57 -20.98
N MET A 64 -4.97 -5.34 -21.50
CA MET A 64 -4.01 -4.83 -22.44
C MET A 64 -3.90 -5.93 -23.48
N GLU A 65 -4.34 -5.68 -24.73
CA GLU A 65 -4.29 -6.70 -25.75
C GLU A 65 -3.97 -6.09 -27.09
N LEU A 66 -3.07 -6.72 -27.87
CA LEU A 66 -2.73 -6.25 -29.21
C LEU A 66 -3.61 -6.98 -30.25
N PHE A 67 -4.02 -6.29 -31.31
CA PHE A 67 -4.81 -6.91 -32.36
C PHE A 67 -4.52 -6.30 -33.75
N ARG A 68 -4.76 -7.05 -34.84
CA ARG A 68 -4.59 -6.50 -36.17
C ARG A 68 -5.84 -6.56 -37.01
N PRO A 69 -6.54 -5.43 -37.14
CA PRO A 69 -7.72 -5.42 -38.03
C PRO A 69 -7.32 -5.39 -39.51
N LYS A 70 -8.24 -5.76 -40.40
CA LYS A 70 -7.96 -5.72 -41.84
C LYS A 70 -7.76 -4.26 -42.27
N GLY A 71 -6.79 -4.03 -43.15
CA GLY A 71 -6.48 -2.69 -43.61
C GLY A 71 -5.36 -2.02 -42.81
N GLU A 72 -5.13 -2.49 -41.58
CA GLU A 72 -4.06 -1.96 -40.74
C GLU A 72 -2.77 -2.71 -41.05
N SER A 73 -1.67 -1.96 -41.25
CA SER A 73 -0.36 -2.53 -41.57
C SER A 73 0.32 -3.20 -40.37
N LYS A 74 0.18 -2.60 -39.16
CA LYS A 74 0.75 -3.15 -37.92
C LYS A 74 -0.32 -3.26 -36.82
N ASP A 75 0.03 -3.83 -35.66
CA ASP A 75 -0.94 -4.01 -34.57
C ASP A 75 -1.42 -2.72 -33.89
N LEU A 76 -2.63 -2.76 -33.37
CA LEU A 76 -3.19 -1.70 -32.54
C LEU A 76 -3.26 -2.23 -31.09
N LEU A 77 -3.42 -1.33 -30.11
CA LEU A 77 -3.45 -1.74 -28.71
C LEU A 77 -4.76 -1.38 -28.03
N PHE A 78 -5.47 -2.39 -27.51
CA PHE A 78 -6.69 -2.14 -26.74
C PHE A 78 -6.30 -2.09 -25.27
N ILE A 79 -6.68 -1.01 -24.58
CA ILE A 79 -6.46 -0.88 -23.15
C ILE A 79 -7.80 -0.57 -22.48
N LEU A 80 -8.14 -1.28 -21.40
CA LEU A 80 -9.33 -0.99 -20.61
C LEU A 80 -8.83 -0.76 -19.19
N THR A 81 -9.28 0.29 -18.51
CA THR A 81 -8.82 0.58 -17.14
C THR A 81 -9.83 0.13 -16.07
N ALA A 82 -9.39 0.06 -14.79
CA ALA A 82 -10.24 -0.29 -13.67
C ALA A 82 -11.48 0.62 -13.58
N LYS A 83 -11.38 1.89 -14.00
CA LYS A 83 -12.53 2.81 -14.01
C LYS A 83 -13.33 2.78 -15.31
N TYR A 84 -13.08 1.78 -16.17
CA TYR A 84 -13.76 1.45 -17.41
C TYR A 84 -13.45 2.37 -18.58
N ASN A 85 -12.27 2.99 -18.60
CA ASN A 85 -11.83 3.81 -19.74
C ASN A 85 -11.21 2.91 -20.81
N ALA A 86 -11.94 2.65 -21.89
CA ALA A 86 -11.47 1.84 -22.98
C ALA A 86 -10.79 2.73 -24.02
N CYS A 87 -9.82 2.16 -24.77
CA CYS A 87 -9.14 2.92 -25.81
C CYS A 87 -8.40 2.03 -26.82
N ILE A 88 -8.22 2.55 -28.04
CA ILE A 88 -7.45 1.90 -29.07
C ILE A 88 -6.30 2.84 -29.35
N LEU A 89 -5.06 2.34 -29.24
CA LEU A 89 -3.86 3.14 -29.41
C LEU A 89 -3.03 2.71 -30.61
N GLU A 90 -2.34 3.68 -31.22
CA GLU A 90 -1.45 3.45 -32.34
C GLU A 90 -0.08 4.04 -32.01
N TYR A 91 0.98 3.31 -32.35
CA TYR A 91 2.33 3.80 -32.12
C TYR A 91 2.79 4.53 -33.38
N LYS A 92 3.16 5.79 -33.23
CA LYS A 92 3.65 6.57 -34.36
C LYS A 92 5.01 7.16 -34.07
N GLN A 93 5.96 6.88 -34.94
CA GLN A 93 7.30 7.42 -34.80
C GLN A 93 7.69 8.14 -36.07
N SER A 94 8.32 9.31 -35.93
CA SER A 94 8.80 10.11 -37.05
C SER A 94 10.20 10.52 -36.66
N GLY A 95 11.19 9.85 -37.24
CA GLY A 95 12.58 10.11 -36.91
C GLY A 95 12.88 9.79 -35.47
N GLU A 96 13.17 10.82 -34.66
CA GLU A 96 13.44 10.63 -33.24
C GLU A 96 12.24 10.93 -32.33
N SER A 97 11.08 11.32 -32.90
CA SER A 97 9.91 11.64 -32.09
C SER A 97 8.89 10.51 -32.03
N ILE A 98 8.50 10.12 -30.80
CA ILE A 98 7.54 9.03 -30.57
C ILE A 98 6.24 9.53 -29.94
N ASP A 99 5.09 9.15 -30.52
CA ASP A 99 3.77 9.56 -30.03
C ASP A 99 2.79 8.39 -29.96
N ILE A 100 2.08 8.23 -28.83
CA ILE A 100 1.05 7.21 -28.72
C ILE A 100 -0.28 7.90 -28.99
N ILE A 101 -0.85 7.74 -30.19
CA ILE A 101 -2.10 8.42 -30.54
C ILE A 101 -3.33 7.57 -30.16
N THR A 102 -4.45 8.23 -29.87
CA THR A 102 -5.68 7.53 -29.50
C THR A 102 -6.60 7.42 -30.72
N ARG A 103 -6.67 6.22 -31.28
CA ARG A 103 -7.54 5.91 -32.41
C ARG A 103 -9.00 5.98 -31.99
N ALA A 104 -9.38 5.31 -30.89
CA ALA A 104 -10.74 5.26 -30.37
C ALA A 104 -10.72 5.36 -28.85
N HIS A 105 -11.81 5.81 -28.22
CA HIS A 105 -11.89 5.90 -26.76
C HIS A 105 -13.31 6.09 -26.27
N GLY A 106 -13.56 5.67 -25.05
CA GLY A 106 -14.86 5.79 -24.42
C GLY A 106 -14.95 5.03 -23.12
N ASN A 107 -15.93 5.36 -22.29
CA ASN A 107 -16.12 4.69 -21.03
C ASN A 107 -17.22 3.66 -21.21
N VAL A 108 -16.89 2.39 -20.94
CA VAL A 108 -17.83 1.28 -21.12
C VAL A 108 -18.47 0.80 -19.81
N GLN A 109 -18.61 1.69 -18.83
CA GLN A 109 -19.26 1.32 -17.58
C GLN A 109 -20.78 1.33 -17.75
N ASP A 110 -21.49 0.47 -17.01
CA ASP A 110 -22.95 0.43 -17.07
C ASP A 110 -23.54 1.14 -15.84
N ARG A 111 -24.78 1.65 -15.94
CA ARG A 111 -25.42 2.33 -14.81
C ARG A 111 -25.61 1.34 -13.66
N ILE A 112 -26.19 0.19 -13.95
CA ILE A 112 -26.32 -0.87 -12.97
C ILE A 112 -25.40 -2.02 -13.42
N GLY A 113 -24.95 -2.81 -12.46
CA GLY A 113 -24.07 -3.92 -12.77
C GLY A 113 -23.32 -4.45 -11.57
N ARG A 114 -23.34 -5.77 -11.42
CA ARG A 114 -22.63 -6.41 -10.32
C ARG A 114 -21.30 -6.90 -10.88
N PRO A 115 -20.19 -6.21 -10.53
CA PRO A 115 -18.88 -6.63 -11.02
C PRO A 115 -18.57 -8.08 -10.61
N SER A 116 -18.17 -8.90 -11.57
CA SER A 116 -17.92 -10.33 -11.35
C SER A 116 -16.81 -10.64 -10.35
N GLU A 117 -16.88 -11.85 -9.75
CA GLU A 117 -15.94 -12.34 -8.74
C GLU A 117 -14.54 -12.50 -9.34
N THR A 118 -14.45 -12.99 -10.58
CA THR A 118 -13.14 -13.15 -11.23
C THR A 118 -12.73 -11.89 -12.06
N GLY A 119 -13.28 -10.74 -11.72
CA GLY A 119 -12.96 -9.46 -12.32
C GLY A 119 -13.18 -9.29 -13.82
N ILE A 120 -12.68 -8.16 -14.34
CA ILE A 120 -12.77 -7.76 -15.74
C ILE A 120 -12.06 -8.77 -16.64
N ILE A 121 -12.68 -9.11 -17.77
CA ILE A 121 -12.07 -9.99 -18.78
C ILE A 121 -12.29 -9.32 -20.15
N GLY A 122 -11.21 -9.09 -20.87
CA GLY A 122 -11.28 -8.50 -22.20
C GLY A 122 -10.68 -9.45 -23.20
N ILE A 123 -11.45 -9.83 -24.21
CA ILE A 123 -10.99 -10.76 -25.23
C ILE A 123 -11.28 -10.21 -26.63
N ILE A 124 -10.49 -10.59 -27.64
CA ILE A 124 -10.72 -10.15 -29.02
C ILE A 124 -10.78 -11.39 -29.91
N ASP A 125 -11.76 -11.45 -30.83
CA ASP A 125 -11.93 -12.63 -31.67
C ASP A 125 -10.87 -12.69 -32.77
N PRO A 126 -10.50 -13.90 -33.21
CA PRO A 126 -9.45 -14.02 -34.24
C PRO A 126 -9.64 -13.15 -35.49
N GLU A 127 -10.89 -12.94 -35.92
CA GLU A 127 -11.15 -12.12 -37.11
C GLU A 127 -11.06 -10.59 -36.86
N CYS A 128 -10.94 -10.19 -35.58
CA CYS A 128 -10.89 -8.81 -35.13
C CYS A 128 -12.16 -8.04 -35.46
N ARG A 129 -13.31 -8.71 -35.32
N ARG A 129 -13.31 -8.71 -35.31
CA ARG A 129 -14.62 -8.12 -35.58
CA ARG A 129 -14.63 -8.13 -35.58
C ARG A 129 -15.15 -7.34 -34.38
C ARG A 129 -15.13 -7.34 -34.37
N MET A 130 -14.79 -7.78 -33.15
CA MET A 130 -15.28 -7.15 -31.95
C MET A 130 -14.33 -7.32 -30.76
N ILE A 131 -14.60 -6.58 -29.66
CA ILE A 131 -13.92 -6.74 -28.39
C ILE A 131 -15.02 -7.23 -27.44
N GLY A 132 -14.80 -8.34 -26.78
CA GLY A 132 -15.76 -8.88 -25.82
C GLY A 132 -15.32 -8.56 -24.41
N LEU A 133 -16.20 -7.96 -23.62
CA LEU A 133 -15.87 -7.59 -22.24
C LEU A 133 -16.80 -8.23 -21.25
N ARG A 134 -16.25 -8.92 -20.27
CA ARG A 134 -17.02 -9.50 -19.19
C ARG A 134 -16.68 -8.64 -17.98
N LEU A 135 -17.50 -7.62 -17.71
CA LEU A 135 -17.33 -6.69 -16.61
C LEU A 135 -18.27 -7.03 -15.43
N TYR A 136 -19.48 -7.50 -15.76
CA TYR A 136 -20.55 -7.77 -14.80
C TYR A 136 -21.18 -9.14 -14.97
N ASP A 137 -21.71 -9.67 -13.86
CA ASP A 137 -22.41 -10.93 -13.86
C ASP A 137 -23.69 -10.80 -14.69
N GLY A 138 -23.93 -11.78 -15.54
CA GLY A 138 -25.12 -11.84 -16.39
C GLY A 138 -25.06 -11.07 -17.69
N LEU A 139 -23.95 -10.36 -17.95
CA LEU A 139 -23.81 -9.59 -19.19
C LEU A 139 -22.51 -9.85 -19.95
N PHE A 140 -22.59 -9.74 -21.28
CA PHE A 140 -21.42 -9.85 -22.12
C PHE A 140 -21.42 -8.62 -23.03
N LYS A 141 -20.44 -7.72 -22.89
CA LYS A 141 -20.41 -6.48 -23.68
C LYS A 141 -19.62 -6.66 -24.94
N VAL A 142 -20.14 -6.14 -26.05
CA VAL A 142 -19.49 -6.29 -27.35
C VAL A 142 -19.22 -4.94 -28.00
N ILE A 143 -17.95 -4.60 -28.23
CA ILE A 143 -17.60 -3.37 -28.94
C ILE A 143 -17.22 -3.75 -30.37
N PRO A 144 -18.06 -3.46 -31.37
CA PRO A 144 -17.69 -3.77 -32.76
C PRO A 144 -16.45 -2.96 -33.19
N LEU A 145 -15.51 -3.60 -33.89
CA LEU A 145 -14.30 -2.92 -34.31
C LEU A 145 -14.41 -2.32 -35.70
N ASP A 146 -15.56 -1.71 -36.00
CA ASP A 146 -15.77 -1.03 -37.27
C ASP A 146 -14.90 0.21 -37.30
N ARG A 147 -14.37 0.55 -38.47
CA ARG A 147 -13.49 1.71 -38.64
C ARG A 147 -14.09 3.01 -38.09
N ASP A 148 -15.43 3.15 -38.13
CA ASP A 148 -16.10 4.36 -37.69
C ASP A 148 -16.67 4.35 -36.25
N ASN A 149 -16.43 3.27 -35.48
CA ASN A 149 -16.87 3.21 -34.09
C ASN A 149 -15.80 3.86 -33.18
N LYS A 150 -15.50 5.14 -33.40
CA LYS A 150 -14.44 5.84 -32.69
C LYS A 150 -14.78 6.17 -31.23
N GLU A 151 -16.05 6.19 -30.88
CA GLU A 151 -16.46 6.41 -29.49
C GLU A 151 -16.61 5.10 -28.70
N LEU A 152 -16.18 3.96 -29.29
CA LEU A 152 -16.26 2.62 -28.73
C LEU A 152 -17.62 2.30 -28.17
N LYS A 153 -18.66 2.57 -28.96
CA LYS A 153 -20.04 2.29 -28.62
C LYS A 153 -20.19 0.76 -28.58
N ALA A 154 -20.91 0.28 -27.57
CA ALA A 154 -21.02 -1.15 -27.35
C ALA A 154 -22.47 -1.60 -27.07
N PHE A 155 -22.74 -2.89 -27.18
CA PHE A 155 -24.06 -3.43 -26.84
C PHE A 155 -23.91 -4.64 -25.91
N ASN A 156 -24.91 -4.86 -25.08
CA ASN A 156 -24.88 -5.95 -24.11
C ASN A 156 -25.76 -7.12 -24.47
N ILE A 157 -25.17 -8.31 -24.52
CA ILE A 157 -25.90 -9.52 -24.72
C ILE A 157 -26.08 -10.17 -23.34
N ARG A 158 -27.28 -10.66 -23.01
CA ARG A 158 -27.54 -11.30 -21.73
C ARG A 158 -26.99 -12.71 -21.64
N LEU A 159 -26.18 -12.98 -20.64
CA LEU A 159 -25.61 -14.31 -20.38
C LEU A 159 -26.46 -14.95 -19.29
N GLU A 160 -27.02 -16.13 -19.55
CA GLU A 160 -27.85 -16.81 -18.53
C GLU A 160 -26.97 -17.20 -17.33
N GLU A 161 -25.78 -17.74 -17.60
CA GLU A 161 -24.82 -18.19 -16.60
C GLU A 161 -24.25 -16.96 -15.87
N LEU A 162 -24.43 -16.93 -14.56
CA LEU A 162 -24.08 -15.76 -13.78
C LEU A 162 -22.67 -15.74 -13.25
N HIS A 163 -22.12 -16.93 -12.98
CA HIS A 163 -20.77 -17.02 -12.44
C HIS A 163 -19.80 -17.65 -13.44
N VAL A 164 -19.22 -16.82 -14.30
CA VAL A 164 -18.27 -17.26 -15.29
C VAL A 164 -16.86 -17.11 -14.70
N ILE A 165 -16.03 -18.16 -14.83
CA ILE A 165 -14.66 -18.19 -14.31
C ILE A 165 -13.71 -17.60 -15.35
N ASP A 166 -13.74 -18.13 -16.58
CA ASP A 166 -12.90 -17.62 -17.66
C ASP A 166 -13.63 -17.73 -18.99
N VAL A 167 -13.37 -16.80 -19.92
CA VAL A 167 -13.99 -16.83 -21.23
C VAL A 167 -12.98 -16.44 -22.30
N LYS A 168 -12.99 -17.16 -23.44
CA LYS A 168 -12.09 -16.93 -24.59
C LYS A 168 -12.89 -17.02 -25.88
N PHE A 169 -12.37 -16.46 -26.98
CA PHE A 169 -12.98 -16.58 -28.30
C PHE A 169 -12.29 -17.76 -28.98
N LEU A 170 -13.04 -18.70 -29.54
CA LEU A 170 -12.46 -19.86 -30.20
C LEU A 170 -11.90 -19.56 -31.59
N TYR A 171 -10.98 -20.41 -32.08
CA TYR A 171 -10.39 -20.26 -33.40
C TYR A 171 -11.07 -21.21 -34.39
N GLY A 172 -11.00 -20.87 -35.68
CA GLY A 172 -11.55 -21.69 -36.75
C GLY A 172 -13.03 -22.00 -36.66
N CYS A 173 -13.86 -20.97 -36.45
CA CYS A 173 -15.30 -21.17 -36.36
C CYS A 173 -16.04 -20.42 -37.47
N GLN A 174 -17.29 -20.82 -37.76
CA GLN A 174 -18.07 -20.15 -38.79
C GLN A 174 -18.40 -18.68 -38.42
N ALA A 175 -18.48 -18.38 -37.12
CA ALA A 175 -18.79 -17.04 -36.60
C ALA A 175 -18.10 -16.83 -35.25
N PRO A 176 -18.03 -15.60 -34.71
CA PRO A 176 -17.37 -15.41 -33.41
C PRO A 176 -18.01 -16.28 -32.33
N THR A 177 -17.25 -17.18 -31.71
CA THR A 177 -17.77 -18.12 -30.73
C THR A 177 -17.02 -18.08 -29.40
N ILE A 178 -17.70 -17.79 -28.30
CA ILE A 178 -17.04 -17.77 -27.00
C ILE A 178 -17.08 -19.15 -26.34
N CYS A 179 -16.00 -19.51 -25.67
CA CYS A 179 -15.93 -20.72 -24.88
C CYS A 179 -15.70 -20.25 -23.47
N PHE A 180 -16.48 -20.74 -22.52
CA PHE A 180 -16.31 -20.33 -21.14
C PHE A 180 -16.56 -21.42 -20.12
N VAL A 181 -15.93 -21.29 -18.96
CA VAL A 181 -16.11 -22.17 -17.81
C VAL A 181 -17.02 -21.40 -16.85
N TYR A 182 -18.06 -22.04 -16.33
CA TYR A 182 -18.98 -21.41 -15.39
C TYR A 182 -19.35 -22.34 -14.23
N GLN A 183 -19.94 -21.80 -13.15
CA GLN A 183 -20.37 -22.62 -12.02
C GLN A 183 -21.81 -22.36 -11.64
N ASP A 184 -22.53 -23.42 -11.34
CA ASP A 184 -23.92 -23.34 -10.92
C ASP A 184 -24.16 -24.31 -9.73
N PRO A 185 -25.39 -24.45 -9.17
CA PRO A 185 -25.60 -25.39 -8.05
C PRO A 185 -25.12 -26.82 -8.30
N GLN A 186 -25.38 -27.36 -9.52
CA GLN A 186 -25.02 -28.75 -9.86
C GLN A 186 -23.59 -28.95 -10.37
N GLY A 187 -22.66 -28.03 -10.06
CA GLY A 187 -21.26 -28.17 -10.47
C GLY A 187 -20.67 -27.08 -11.34
N ARG A 188 -19.43 -27.31 -11.83
CA ARG A 188 -18.68 -26.43 -12.71
C ARG A 188 -18.68 -27.05 -14.13
N HIS A 189 -18.93 -26.24 -15.17
CA HIS A 189 -19.10 -26.74 -16.54
C HIS A 189 -18.43 -25.85 -17.62
N VAL A 190 -18.26 -26.37 -18.85
CA VAL A 190 -17.73 -25.63 -19.99
C VAL A 190 -18.85 -25.47 -21.04
N LYS A 191 -18.91 -24.33 -21.75
CA LYS A 191 -19.98 -24.07 -22.69
C LYS A 191 -19.56 -23.10 -23.81
N THR A 192 -20.26 -23.15 -24.94
CA THR A 192 -19.98 -22.25 -26.06
C THR A 192 -21.25 -21.53 -26.54
N TYR A 193 -21.07 -20.40 -27.20
CA TYR A 193 -22.13 -19.60 -27.76
C TYR A 193 -21.60 -18.92 -28.99
N GLU A 194 -22.38 -18.92 -30.07
CA GLU A 194 -22.02 -18.17 -31.27
C GLU A 194 -22.60 -16.78 -31.10
N VAL A 195 -21.88 -15.76 -31.53
CA VAL A 195 -22.36 -14.38 -31.44
C VAL A 195 -22.98 -14.01 -32.77
N SER A 196 -24.30 -13.90 -32.81
CA SER A 196 -24.99 -13.51 -34.04
C SER A 196 -24.68 -12.04 -34.30
N LEU A 197 -23.93 -11.76 -35.38
CA LEU A 197 -23.56 -10.39 -35.70
C LEU A 197 -24.78 -9.59 -36.12
N ARG A 198 -25.76 -10.21 -36.80
CA ARG A 198 -26.97 -9.50 -37.22
C ARG A 198 -27.95 -9.34 -36.05
N GLU A 199 -28.25 -10.43 -35.34
CA GLU A 199 -29.20 -10.39 -34.24
C GLU A 199 -28.67 -9.77 -32.96
N LYS A 200 -27.33 -9.53 -32.86
CA LYS A 200 -26.67 -8.97 -31.67
C LYS A 200 -27.01 -9.79 -30.42
N GLU A 201 -27.10 -11.12 -30.58
CA GLU A 201 -27.50 -12.07 -29.52
C GLU A 201 -26.66 -13.35 -29.57
N PHE A 202 -26.84 -14.23 -28.57
CA PHE A 202 -26.15 -15.52 -28.58
C PHE A 202 -26.96 -16.55 -29.35
N ASN A 203 -26.27 -17.51 -29.94
CA ASN A 203 -26.87 -18.63 -30.64
C ASN A 203 -26.22 -19.89 -30.10
N LYS A 204 -26.88 -21.05 -30.26
CA LYS A 204 -26.35 -22.32 -29.74
C LYS A 204 -24.91 -22.58 -30.21
N GLY A 205 -24.03 -22.88 -29.28
CA GLY A 205 -22.63 -23.10 -29.60
C GLY A 205 -22.39 -24.45 -30.23
N PRO A 206 -21.23 -24.63 -30.87
CA PRO A 206 -20.92 -25.93 -31.49
C PRO A 206 -20.78 -27.10 -30.51
N TRP A 207 -20.33 -26.85 -29.26
CA TRP A 207 -20.15 -27.92 -28.27
C TRP A 207 -20.34 -27.46 -26.81
N LYS A 208 -20.56 -28.42 -25.90
CA LYS A 208 -20.73 -28.13 -24.47
C LYS A 208 -20.29 -29.33 -23.62
N GLN A 209 -19.75 -29.07 -22.43
CA GLN A 209 -19.29 -30.14 -21.56
C GLN A 209 -19.65 -29.89 -20.11
N GLU A 210 -20.71 -30.53 -19.63
CA GLU A 210 -21.13 -30.37 -18.25
C GLU A 210 -20.27 -31.23 -17.29
N ASN A 211 -20.26 -30.84 -16.02
CA ASN A 211 -19.54 -31.46 -14.92
C ASN A 211 -18.07 -31.68 -15.23
N VAL A 212 -17.35 -30.58 -15.54
CA VAL A 212 -15.90 -30.60 -15.71
C VAL A 212 -15.28 -30.53 -14.29
N GLU A 213 -13.95 -30.62 -14.16
CA GLU A 213 -13.26 -30.57 -12.88
C GLU A 213 -13.75 -29.44 -11.97
N ALA A 214 -14.03 -29.73 -10.70
CA ALA A 214 -14.54 -28.74 -9.74
C ALA A 214 -13.67 -27.49 -9.65
N GLU A 215 -12.37 -27.63 -9.90
CA GLU A 215 -11.46 -26.50 -9.79
C GLU A 215 -10.94 -26.01 -11.15
N ALA A 216 -11.62 -26.31 -12.25
CA ALA A 216 -11.16 -25.84 -13.54
C ALA A 216 -11.26 -24.33 -13.53
N SER A 217 -10.17 -23.66 -13.91
CA SER A 217 -10.17 -22.20 -13.92
C SER A 217 -9.64 -21.48 -15.15
N MET A 218 -9.10 -22.18 -16.12
CA MET A 218 -8.55 -21.49 -17.29
C MET A 218 -9.00 -22.00 -18.64
N VAL A 219 -9.39 -21.09 -19.51
CA VAL A 219 -9.77 -21.46 -20.85
C VAL A 219 -8.64 -21.06 -21.81
N ILE A 220 -8.17 -22.01 -22.63
CA ILE A 220 -7.13 -21.73 -23.60
C ILE A 220 -7.71 -22.04 -24.97
N ALA A 221 -7.76 -21.05 -25.86
CA ALA A 221 -8.28 -21.27 -27.19
C ALA A 221 -7.12 -21.75 -28.06
N VAL A 222 -7.23 -22.96 -28.58
CA VAL A 222 -6.21 -23.56 -29.41
C VAL A 222 -6.42 -23.09 -30.84
N PRO A 223 -5.37 -22.59 -31.51
CA PRO A 223 -5.55 -22.14 -32.90
C PRO A 223 -5.75 -23.25 -33.91
N GLU A 224 -5.99 -22.90 -35.18
CA GLU A 224 -6.12 -23.89 -36.25
C GLU A 224 -4.75 -24.58 -36.45
N PRO A 225 -4.71 -25.84 -36.92
CA PRO A 225 -5.83 -26.64 -37.43
C PRO A 225 -6.69 -27.36 -36.42
N PHE A 226 -6.18 -27.62 -35.21
CA PHE A 226 -6.94 -28.35 -34.21
C PHE A 226 -8.14 -27.57 -33.67
N GLY A 227 -7.93 -26.31 -33.32
CA GLY A 227 -9.00 -25.51 -32.74
C GLY A 227 -9.42 -26.07 -31.39
N GLY A 228 -10.62 -25.73 -30.95
CA GLY A 228 -11.13 -26.25 -29.69
C GLY A 228 -10.59 -25.49 -28.50
N ALA A 229 -10.70 -26.09 -27.30
CA ALA A 229 -10.28 -25.43 -26.09
C ALA A 229 -9.60 -26.36 -25.12
N ILE A 230 -8.66 -25.82 -24.32
CA ILE A 230 -7.94 -26.54 -23.28
C ILE A 230 -8.37 -25.97 -21.96
N ILE A 231 -8.85 -26.83 -21.06
CA ILE A 231 -9.32 -26.40 -19.75
C ILE A 231 -8.34 -26.88 -18.69
N ILE A 232 -7.80 -25.95 -17.93
CA ILE A 232 -6.85 -26.24 -16.89
C ILE A 232 -7.49 -26.08 -15.52
N GLY A 233 -7.32 -27.08 -14.67
CA GLY A 233 -7.82 -27.08 -13.30
C GLY A 233 -6.72 -27.34 -12.28
N GLN A 234 -7.08 -27.86 -11.12
CA GLN A 234 -6.15 -28.15 -10.04
C GLN A 234 -5.37 -29.45 -10.30
N GLU A 235 -6.06 -30.59 -10.55
CA GLU A 235 -5.37 -31.85 -10.76
C GLU A 235 -5.41 -32.37 -12.20
N SER A 236 -6.15 -31.69 -13.11
CA SER A 236 -6.26 -32.19 -14.48
C SER A 236 -6.30 -31.10 -15.53
N ILE A 237 -6.00 -31.48 -16.77
CA ILE A 237 -6.04 -30.61 -17.96
C ILE A 237 -6.83 -31.37 -19.00
N THR A 238 -7.90 -30.76 -19.55
CA THR A 238 -8.69 -31.44 -20.58
C THR A 238 -8.69 -30.69 -21.91
N TYR A 239 -8.97 -31.40 -22.99
CA TYR A 239 -9.08 -30.81 -24.31
C TYR A 239 -10.49 -31.07 -24.79
N HIS A 240 -11.10 -30.10 -25.46
CA HIS A 240 -12.45 -30.23 -25.95
C HIS A 240 -12.60 -29.69 -27.33
N ASN A 241 -13.44 -30.33 -28.11
CA ASN A 241 -13.84 -29.90 -29.44
C ASN A 241 -15.24 -30.51 -29.78
N GLY A 242 -15.72 -30.33 -31.00
CA GLY A 242 -17.02 -30.85 -31.43
C GLY A 242 -17.24 -32.31 -31.09
N ASP A 243 -16.30 -33.17 -31.49
CA ASP A 243 -16.40 -34.60 -31.20
C ASP A 243 -15.29 -35.12 -30.28
N LYS A 244 -14.14 -34.41 -30.20
CA LYS A 244 -13.02 -34.89 -29.38
C LYS A 244 -13.04 -34.44 -27.92
N TYR A 245 -12.52 -35.28 -27.03
CA TYR A 245 -12.37 -35.01 -25.59
C TYR A 245 -11.12 -35.72 -25.10
N LEU A 246 -10.13 -34.98 -24.61
CA LEU A 246 -8.90 -35.56 -24.07
C LEU A 246 -8.80 -35.20 -22.58
N ALA A 247 -8.24 -36.07 -21.75
CA ALA A 247 -8.14 -35.79 -20.32
C ALA A 247 -6.86 -36.36 -19.70
N ILE A 248 -6.07 -35.51 -19.06
CA ILE A 248 -4.86 -35.99 -18.42
C ILE A 248 -4.77 -35.50 -16.99
N ALA A 249 -4.27 -36.33 -16.09
CA ALA A 249 -4.08 -35.96 -14.71
C ALA A 249 -2.69 -36.41 -14.29
N PRO A 250 -1.66 -35.74 -14.79
CA PRO A 250 -0.29 -36.10 -14.45
C PRO A 250 0.07 -35.75 -13.02
N PRO A 251 0.90 -36.55 -12.38
CA PRO A 251 1.42 -36.40 -11.03
C PRO A 251 2.30 -35.16 -10.88
N ILE A 252 2.97 -34.80 -11.96
CA ILE A 252 3.86 -33.67 -11.99
C ILE A 252 3.13 -32.39 -11.65
N ILE A 253 1.89 -32.26 -12.10
CA ILE A 253 1.08 -31.06 -11.78
C ILE A 253 0.17 -31.27 -10.55
N LYS A 254 0.24 -32.45 -9.89
CA LYS A 254 -0.59 -32.80 -8.73
C LYS A 254 -0.50 -31.77 -7.59
N GLN A 255 0.70 -31.45 -7.12
CA GLN A 255 0.85 -30.47 -6.04
C GLN A 255 0.95 -29.01 -6.53
N SER A 256 0.52 -28.74 -7.75
CA SER A 256 0.62 -27.41 -8.34
C SER A 256 -0.74 -26.78 -8.59
N THR A 257 -0.78 -25.45 -8.53
CA THR A 257 -1.97 -24.73 -8.90
C THR A 257 -1.52 -23.88 -10.07
N ILE A 258 -1.93 -24.20 -11.28
CA ILE A 258 -1.49 -23.42 -12.41
C ILE A 258 -2.15 -22.08 -12.45
N VAL A 259 -1.38 -21.02 -12.61
CA VAL A 259 -1.97 -19.70 -12.62
C VAL A 259 -1.81 -18.89 -13.89
N CYS A 260 -0.85 -19.21 -14.74
CA CYS A 260 -0.68 -18.46 -15.97
C CYS A 260 -0.30 -19.37 -17.11
N HIS A 261 -0.50 -18.89 -18.33
CA HIS A 261 -0.17 -19.67 -19.50
C HIS A 261 0.29 -18.78 -20.66
N ASN A 262 0.91 -19.39 -21.68
CA ASN A 262 1.34 -18.68 -22.88
C ASN A 262 1.58 -19.63 -24.05
N ARG A 263 1.08 -19.30 -25.23
CA ARG A 263 1.30 -20.09 -26.41
C ARG A 263 2.72 -19.87 -26.94
N VAL A 264 3.48 -20.96 -27.17
CA VAL A 264 4.85 -20.84 -27.65
C VAL A 264 4.89 -20.63 -29.18
N ASP A 265 4.05 -21.37 -29.93
CA ASP A 265 4.07 -21.29 -31.40
C ASP A 265 2.69 -21.01 -32.02
N PRO A 266 2.66 -20.41 -33.23
CA PRO A 266 1.37 -20.06 -33.84
C PRO A 266 0.37 -21.21 -34.02
N ASN A 267 0.85 -22.42 -34.34
CA ASN A 267 -0.05 -23.58 -34.50
C ASN A 267 -0.57 -24.16 -33.16
N GLY A 268 -0.14 -23.61 -32.02
CA GLY A 268 -0.57 -24.02 -30.70
C GLY A 268 -0.16 -25.41 -30.27
N SER A 269 0.98 -25.87 -30.76
CA SER A 269 1.46 -27.20 -30.38
C SER A 269 2.06 -27.22 -28.97
N ARG A 270 2.63 -26.08 -28.52
CA ARG A 270 3.22 -25.99 -27.19
C ARG A 270 2.76 -24.78 -26.43
N TYR A 271 2.64 -24.95 -25.11
CA TYR A 271 2.22 -23.90 -24.19
C TYR A 271 3.13 -23.88 -22.97
N LEU A 272 3.31 -22.71 -22.35
CA LEU A 272 4.08 -22.58 -21.11
C LEU A 272 3.07 -22.38 -20.00
N LEU A 273 3.22 -23.08 -18.89
CA LEU A 273 2.33 -22.95 -17.74
C LEU A 273 3.14 -22.60 -16.52
N GLY A 274 2.63 -21.71 -15.69
CA GLY A 274 3.32 -21.36 -14.45
C GLY A 274 2.47 -21.64 -13.23
N ASP A 275 3.06 -22.14 -12.12
CA ASP A 275 2.25 -22.38 -10.92
C ASP A 275 2.57 -21.37 -9.79
N MET A 276 1.73 -21.31 -8.75
CA MET A 276 1.93 -20.41 -7.63
C MET A 276 3.28 -20.61 -6.92
N GLU A 277 3.94 -21.73 -7.13
CA GLU A 277 5.22 -22.04 -6.51
C GLU A 277 6.45 -21.74 -7.38
N GLY A 278 6.25 -21.13 -8.55
CA GLY A 278 7.35 -20.80 -9.44
C GLY A 278 7.79 -21.87 -10.43
N ARG A 279 7.12 -23.04 -10.47
CA ARG A 279 7.46 -24.09 -11.42
C ARG A 279 7.01 -23.65 -12.82
N LEU A 280 7.80 -23.98 -13.83
CA LEU A 280 7.46 -23.66 -15.21
C LEU A 280 7.31 -24.98 -15.94
N PHE A 281 6.16 -25.19 -16.59
CA PHE A 281 5.81 -26.42 -17.33
C PHE A 281 5.65 -26.16 -18.83
N MET A 282 5.72 -27.23 -19.62
CA MET A 282 5.45 -27.14 -21.03
C MET A 282 4.30 -28.09 -21.33
N LEU A 283 3.19 -27.54 -21.87
CA LEU A 283 2.06 -28.35 -22.27
C LEU A 283 2.22 -28.65 -23.76
N LEU A 284 2.27 -29.93 -24.09
CA LEU A 284 2.47 -30.35 -25.48
C LEU A 284 1.22 -31.02 -26.01
N LEU A 285 0.76 -30.59 -27.20
CA LEU A 285 -0.39 -31.17 -27.87
C LEU A 285 0.15 -32.10 -28.96
N GLU A 286 0.10 -33.40 -28.69
CA GLU A 286 0.66 -34.41 -29.57
C GLU A 286 -0.31 -34.86 -30.68
N LYS A 287 0.11 -34.70 -31.95
CA LYS A 287 -0.67 -35.10 -33.14
C LYS A 287 -0.39 -36.57 -33.50
N GLU A 288 -1.34 -37.24 -34.17
CA GLU A 288 -1.16 -38.63 -34.58
C GLU A 288 -0.77 -38.71 -36.07
C VAL A 295 -3.39 -34.97 -37.09
N THR A 296 -4.41 -35.72 -36.64
CA THR A 296 -5.39 -35.24 -35.66
C THR A 296 -4.79 -35.14 -34.22
N LEU A 297 -5.51 -34.50 -33.26
CA LEU A 297 -4.99 -34.41 -31.88
C LEU A 297 -5.16 -35.72 -31.08
N LYS A 298 -4.06 -36.40 -30.77
CA LYS A 298 -4.09 -37.69 -30.06
C LYS A 298 -3.98 -37.63 -28.52
N ASP A 299 -3.09 -36.79 -27.95
CA ASP A 299 -2.95 -36.74 -26.47
C ASP A 299 -2.22 -35.47 -26.00
N LEU A 300 -2.30 -35.15 -24.70
CA LEU A 300 -1.57 -33.99 -24.15
C LEU A 300 -0.47 -34.49 -23.21
N ARG A 301 0.62 -33.73 -23.07
CA ARG A 301 1.74 -34.14 -22.24
C ARG A 301 2.32 -32.97 -21.48
N VAL A 302 2.58 -33.14 -20.18
CA VAL A 302 3.17 -32.06 -19.37
C VAL A 302 4.60 -32.40 -18.96
N GLU A 303 5.54 -31.47 -19.21
CA GLU A 303 6.95 -31.62 -18.85
C GLU A 303 7.34 -30.50 -17.89
N LEU A 304 8.11 -30.81 -16.85
CA LEU A 304 8.56 -29.79 -15.90
C LEU A 304 9.89 -29.23 -16.39
N LEU A 305 9.92 -27.93 -16.72
CA LEU A 305 11.12 -27.26 -17.22
C LEU A 305 12.05 -26.75 -16.11
N GLY A 306 11.49 -26.24 -15.04
CA GLY A 306 12.30 -25.71 -13.95
C GLY A 306 11.59 -24.70 -13.07
N GLU A 307 12.36 -23.78 -12.51
CA GLU A 307 11.83 -22.78 -11.60
C GLU A 307 12.20 -21.40 -12.09
N THR A 308 11.22 -20.51 -12.01
CA THR A 308 11.32 -19.11 -12.35
C THR A 308 10.79 -18.34 -11.11
N SER A 309 10.69 -17.00 -11.18
CA SER A 309 10.07 -16.24 -10.10
C SER A 309 8.56 -16.62 -10.11
N ILE A 310 7.82 -16.41 -9.01
CA ILE A 310 6.38 -16.71 -9.01
C ILE A 310 5.72 -15.81 -10.06
N ALA A 311 5.24 -16.42 -11.15
CA ALA A 311 4.74 -15.71 -12.30
C ALA A 311 3.29 -15.26 -12.27
N GLU A 312 3.11 -13.98 -12.53
CA GLU A 312 1.83 -13.39 -12.74
C GLU A 312 1.46 -13.70 -14.21
N CYS A 313 2.42 -13.49 -15.13
CA CYS A 313 2.25 -13.70 -16.56
C CYS A 313 3.55 -14.20 -17.21
N LEU A 314 3.44 -14.99 -18.26
CA LEU A 314 4.57 -15.48 -19.03
C LEU A 314 4.38 -15.01 -20.45
N THR A 315 5.47 -14.75 -21.17
CA THR A 315 5.36 -14.41 -22.59
C THR A 315 6.62 -14.95 -23.32
N TYR A 316 6.41 -15.89 -24.25
CA TYR A 316 7.51 -16.44 -25.04
C TYR A 316 7.87 -15.38 -26.06
N LEU A 317 9.13 -14.97 -26.06
CA LEU A 317 9.58 -13.94 -26.97
C LEU A 317 10.05 -14.57 -28.31
N ASP A 318 11.30 -15.04 -28.36
CA ASP A 318 11.88 -15.66 -29.54
C ASP A 318 13.25 -16.22 -29.15
N ASN A 319 13.69 -17.27 -29.82
CA ASN A 319 14.98 -17.88 -29.54
C ASN A 319 15.04 -18.47 -28.14
N GLY A 320 13.97 -19.16 -27.76
CA GLY A 320 13.89 -19.82 -26.47
C GLY A 320 13.88 -18.89 -25.28
N VAL A 321 13.67 -17.58 -25.51
CA VAL A 321 13.66 -16.61 -24.43
C VAL A 321 12.23 -16.37 -24.01
N VAL A 322 11.97 -16.39 -22.70
CA VAL A 322 10.65 -16.22 -22.11
C VAL A 322 10.70 -15.07 -21.11
N PHE A 323 9.71 -14.20 -21.12
CA PHE A 323 9.63 -13.11 -20.17
C PHE A 323 8.73 -13.54 -19.00
N VAL A 324 9.27 -13.54 -17.78
CA VAL A 324 8.50 -13.87 -16.59
C VAL A 324 8.13 -12.60 -15.89
N GLY A 325 6.84 -12.30 -15.90
CA GLY A 325 6.32 -11.13 -15.21
C GLY A 325 5.89 -11.52 -13.81
N SER A 326 6.47 -10.87 -12.82
CA SER A 326 6.16 -11.19 -11.44
C SER A 326 5.54 -10.00 -10.67
N ARG A 327 4.66 -10.33 -9.71
CA ARG A 327 4.09 -9.38 -8.76
C ARG A 327 4.76 -9.61 -7.40
N LEU A 328 5.03 -10.89 -7.02
CA LEU A 328 5.63 -11.24 -5.71
C LEU A 328 7.14 -11.28 -5.65
N GLY A 329 7.81 -11.28 -6.79
CA GLY A 329 9.26 -11.34 -6.85
C GLY A 329 9.80 -10.60 -8.05
N ASP A 330 11.11 -10.65 -8.26
CA ASP A 330 11.75 -9.98 -9.38
C ASP A 330 11.28 -10.56 -10.72
N SER A 331 10.97 -9.71 -11.72
CA SER A 331 10.64 -10.22 -13.05
C SER A 331 11.93 -10.77 -13.70
N GLN A 332 11.81 -11.56 -14.78
CA GLN A 332 13.00 -12.18 -15.39
C GLN A 332 12.88 -12.38 -16.89
N LEU A 333 14.00 -12.64 -17.52
CA LEU A 333 14.16 -13.11 -18.88
C LEU A 333 14.82 -14.47 -18.66
N VAL A 334 14.15 -15.56 -19.02
CA VAL A 334 14.77 -16.89 -18.87
C VAL A 334 14.98 -17.53 -20.23
N LYS A 335 16.05 -18.30 -20.36
CA LYS A 335 16.35 -19.03 -21.59
C LYS A 335 15.99 -20.50 -21.37
N LEU A 336 15.12 -21.00 -22.22
CA LEU A 336 14.73 -22.39 -22.18
C LEU A 336 15.76 -23.17 -23.01
N ASN A 337 16.73 -23.83 -22.36
CA ASN A 337 17.73 -24.63 -23.07
C ASN A 337 17.22 -26.06 -23.46
N VAL A 338 15.89 -26.30 -23.32
CA VAL A 338 15.24 -27.57 -23.65
C VAL A 338 13.77 -27.38 -24.00
C SER A 340 16.57 -32.57 -25.69
N ASN A 341 17.61 -33.28 -26.16
CA ASN A 341 17.60 -34.74 -26.20
C ASN A 341 18.58 -35.34 -25.18
N GLU A 342 19.84 -34.87 -25.17
CA GLU A 342 20.84 -35.36 -24.21
C GLU A 342 20.40 -35.13 -22.76
N GLN A 343 19.71 -34.02 -22.52
CA GLN A 343 19.21 -33.69 -21.19
C GLN A 343 17.69 -33.47 -21.28
N GLY A 344 17.03 -33.36 -20.12
CA GLY A 344 15.63 -33.01 -20.09
C GLY A 344 15.48 -31.51 -20.32
N SER A 345 14.25 -31.05 -20.53
CA SER A 345 14.01 -29.62 -20.75
C SER A 345 14.36 -28.82 -19.49
N TYR A 346 15.22 -27.79 -19.60
CA TYR A 346 15.64 -26.97 -18.44
C TYR A 346 15.54 -25.46 -18.72
N VAL A 347 15.46 -24.65 -17.64
CA VAL A 347 15.34 -23.19 -17.67
C VAL A 347 16.56 -22.55 -17.01
N VAL A 348 17.13 -21.49 -17.61
CA VAL A 348 18.30 -20.79 -17.07
C VAL A 348 18.04 -19.28 -17.10
N ALA A 349 18.23 -18.59 -15.97
CA ALA A 349 17.95 -17.16 -15.87
C ALA A 349 18.95 -16.29 -16.59
N MET A 350 18.50 -15.51 -17.57
CA MET A 350 19.39 -14.60 -18.30
C MET A 350 19.49 -13.28 -17.56
N GLU A 351 18.34 -12.68 -17.23
CA GLU A 351 18.30 -11.38 -16.60
C GLU A 351 17.22 -11.30 -15.53
N THR A 352 17.46 -10.56 -14.46
CA THR A 352 16.44 -10.32 -13.45
C THR A 352 16.20 -8.82 -13.39
N PHE A 353 14.94 -8.44 -13.24
CA PHE A 353 14.52 -7.06 -13.16
C PHE A 353 13.91 -6.83 -11.78
N THR A 354 14.34 -5.77 -11.09
CA THR A 354 13.90 -5.46 -9.74
C THR A 354 12.41 -5.24 -9.56
N ASN A 355 11.84 -5.90 -8.55
CA ASN A 355 10.47 -5.70 -8.12
C ASN A 355 10.49 -5.55 -6.61
N LEU A 356 10.14 -4.36 -6.13
CA LEU A 356 10.08 -4.06 -4.70
C LEU A 356 8.79 -4.50 -4.03
N GLY A 357 7.75 -4.85 -4.80
CA GLY A 357 6.47 -5.18 -4.23
C GLY A 357 6.19 -6.64 -3.96
N PRO A 358 5.19 -6.97 -3.12
CA PRO A 358 4.42 -6.06 -2.28
C PRO A 358 5.29 -5.56 -1.12
N ILE A 359 5.21 -4.26 -0.83
CA ILE A 359 5.93 -3.67 0.28
C ILE A 359 4.98 -3.86 1.40
N VAL A 360 5.24 -4.81 2.31
CA VAL A 360 4.29 -5.07 3.40
C VAL A 360 4.61 -4.24 4.65
N ASP A 361 5.86 -3.81 4.79
CA ASP A 361 6.36 -2.95 5.85
C ASP A 361 7.67 -2.31 5.38
N MET A 362 8.10 -1.26 6.05
CA MET A 362 9.33 -0.54 5.75
C MET A 362 9.72 0.37 6.90
N CYS A 363 10.97 0.78 6.94
CA CYS A 363 11.47 1.69 7.94
C CYS A 363 12.53 2.59 7.34
N VAL A 364 12.80 3.72 8.00
CA VAL A 364 13.80 4.67 7.51
C VAL A 364 14.99 4.65 8.43
N VAL A 365 16.18 4.50 7.86
CA VAL A 365 17.46 4.50 8.55
C VAL A 365 18.17 5.81 8.15
N ASP A 366 18.85 6.50 9.07
CA ASP A 366 19.52 7.78 8.75
C ASP A 366 21.04 7.68 8.76
N LEU A 367 21.70 8.29 7.77
CA LEU A 367 23.16 8.27 7.68
N GLN A 370 22.08 16.43 8.36
CA GLN A 370 21.83 15.85 7.03
C GLN A 370 20.57 14.98 7.01
N GLY A 371 19.85 14.99 5.88
CA GLY A 371 18.63 14.22 5.73
C GLY A 371 18.68 13.01 4.80
N GLN A 372 19.88 12.65 4.29
CA GLN A 372 20.02 11.50 3.37
C GLN A 372 19.91 10.11 4.05
N GLY A 373 18.69 9.60 4.12
CA GLY A 373 18.43 8.31 4.73
C GLY A 373 18.18 7.16 3.77
N GLN A 374 18.32 5.95 4.28
CA GLN A 374 18.10 4.68 3.59
C GLN A 374 16.68 4.22 3.90
N LEU A 375 16.07 3.49 3.00
CA LEU A 375 14.73 2.96 3.21
C LEU A 375 14.84 1.46 3.08
N VAL A 376 14.50 0.71 4.13
CA VAL A 376 14.58 -0.75 4.09
C VAL A 376 13.19 -1.31 4.03
N THR A 377 12.87 -2.11 3.00
CA THR A 377 11.50 -2.64 2.86
C THR A 377 11.41 -4.14 3.13
N CYS A 378 10.21 -4.62 3.48
CA CYS A 378 9.90 -6.04 3.61
C CYS A 378 9.14 -6.25 2.34
N SER A 379 9.82 -6.78 1.33
CA SER A 379 9.30 -6.96 -0.01
C SER A 379 9.05 -8.43 -0.34
N GLY A 380 8.18 -8.67 -1.31
CA GLY A 380 7.88 -10.00 -1.80
C GLY A 380 7.15 -10.90 -0.84
N ALA A 381 6.88 -12.12 -1.30
CA ALA A 381 6.20 -13.13 -0.52
C ALA A 381 6.75 -14.49 -0.88
N PHE A 382 6.71 -15.39 0.09
CA PHE A 382 7.19 -16.77 -0.02
C PHE A 382 8.64 -16.89 -0.41
N LYS A 383 8.96 -17.69 -1.40
CA LYS A 383 10.33 -17.86 -1.81
C LYS A 383 10.92 -16.56 -2.32
N GLU A 384 10.07 -15.69 -2.82
CA GLU A 384 10.51 -14.40 -3.33
C GLU A 384 10.76 -13.33 -2.28
N GLY A 385 10.44 -13.62 -1.02
CA GLY A 385 10.60 -12.68 0.09
C GLY A 385 12.00 -12.16 0.26
N SER A 386 12.12 -10.89 0.64
CA SER A 386 13.43 -10.26 0.78
C SER A 386 13.35 -8.91 1.50
N LEU A 387 14.51 -8.33 1.82
CA LEU A 387 14.65 -6.96 2.27
C LEU A 387 15.26 -6.20 1.08
N ARG A 388 14.82 -4.97 0.85
CA ARG A 388 15.39 -4.16 -0.22
C ARG A 388 15.86 -2.89 0.44
N ILE A 389 17.16 -2.63 0.37
CA ILE A 389 17.73 -1.43 0.94
C ILE A 389 17.86 -0.40 -0.17
N ILE A 390 17.10 0.68 -0.06
CA ILE A 390 17.00 1.69 -1.10
C ILE A 390 17.64 2.99 -0.69
N ARG A 391 18.67 3.41 -1.42
CA ARG A 391 19.31 4.70 -1.16
C ARG A 391 19.66 5.40 -2.47
N ASN A 392 19.57 6.73 -2.45
CA ASN A 392 19.91 7.61 -3.57
C ASN A 392 21.44 7.88 -3.52
N GLY A 393 21.92 8.79 -4.36
CA GLY A 393 23.33 9.13 -4.37
C GLY A 393 24.09 8.64 -5.57
N ILE A 394 25.35 9.05 -5.65
CA ILE A 394 26.24 8.73 -6.77
C ILE A 394 26.85 7.34 -6.66
N GLY A 395 26.60 6.52 -7.66
CA GLY A 395 27.17 5.18 -7.68
C GLY A 395 28.56 5.16 -8.28
N ILE A 396 29.43 4.28 -7.76
CA ILE A 396 30.77 4.13 -8.30
C ILE A 396 30.97 2.67 -8.81
N HIS A 397 31.21 2.51 -10.13
CA HIS A 397 31.48 1.17 -10.66
C HIS A 397 32.91 0.84 -10.24
N GLU A 398 33.13 -0.27 -9.52
CA GLU A 398 34.47 -0.65 -9.14
C GLU A 398 35.06 -1.52 -10.23
N HIS A 399 36.28 -1.21 -10.67
CA HIS A 399 36.93 -1.99 -11.71
C HIS A 399 38.07 -2.83 -11.17
N ALA A 400 38.78 -2.31 -10.15
CA ALA A 400 39.92 -3.02 -9.59
C ALA A 400 40.08 -2.80 -8.11
N SER A 401 40.62 -3.79 -7.40
CA SER A 401 40.90 -3.67 -5.98
C SER A 401 42.32 -4.12 -5.68
N ILE A 402 43.06 -3.35 -4.85
CA ILE A 402 44.44 -3.65 -4.44
C ILE A 402 44.48 -3.62 -2.92
N ASP A 403 44.96 -4.69 -2.29
CA ASP A 403 45.09 -4.75 -0.84
C ASP A 403 46.42 -4.09 -0.45
N LEU A 404 46.33 -2.88 0.13
CA LEU A 404 47.49 -2.09 0.52
C LEU A 404 47.08 -1.16 1.66
N PRO A 405 47.29 -1.59 2.91
CA PRO A 405 46.82 -0.78 4.06
C PRO A 405 47.62 0.46 4.40
N GLY A 406 46.96 1.39 5.10
CA GLY A 406 47.58 2.62 5.59
C GLY A 406 47.91 3.69 4.58
N ILE A 407 47.18 3.73 3.45
CA ILE A 407 47.40 4.75 2.42
C ILE A 407 47.01 6.09 3.00
N LYS A 408 47.90 7.07 2.92
CA LYS A 408 47.73 8.42 3.43
C LYS A 408 47.77 9.50 2.34
N GLY A 409 47.48 9.13 1.10
CA GLY A 409 47.49 10.06 -0.02
C GLY A 409 47.60 9.37 -1.37
N LEU A 410 47.05 9.98 -2.42
CA LEU A 410 47.09 9.39 -3.76
C LEU A 410 47.35 10.47 -4.79
N TRP A 411 48.21 10.21 -5.79
CA TRP A 411 48.47 11.19 -6.84
C TRP A 411 48.64 10.58 -8.21
N PRO A 412 47.87 11.05 -9.20
CA PRO A 412 48.03 10.55 -10.56
C PRO A 412 49.23 11.22 -11.25
N LEU A 413 49.90 10.48 -12.12
CA LEU A 413 51.08 10.98 -12.80
C LEU A 413 51.18 10.47 -14.22
N ARG A 414 51.86 11.24 -15.07
CA ARG A 414 52.12 10.82 -16.44
C ARG A 414 53.63 10.74 -16.58
N SER A 415 54.20 9.52 -16.47
CA SER A 415 55.65 9.33 -16.60
C SER A 415 56.10 9.21 -18.07
N ASP A 416 55.30 9.73 -19.02
CA ASP A 416 55.59 9.70 -20.44
C ASP A 416 55.18 11.06 -20.98
N PRO A 417 56.15 11.93 -21.26
CA PRO A 417 55.81 13.28 -21.78
C PRO A 417 55.08 13.28 -23.11
N ASN A 418 55.24 12.22 -23.91
CA ASN A 418 54.59 12.09 -25.21
C ASN A 418 53.12 11.67 -25.11
N ARG A 419 52.67 11.16 -23.94
CA ARG A 419 51.28 10.76 -23.76
C ARG A 419 50.47 11.63 -22.79
N GLU A 420 49.22 11.94 -23.16
CA GLU A 420 48.31 12.76 -22.34
C GLU A 420 47.59 11.99 -21.23
N THR A 421 47.64 10.65 -21.28
CA THR A 421 47.02 9.77 -20.32
C THR A 421 47.94 9.53 -19.12
N ASP A 422 47.37 9.30 -17.95
CA ASP A 422 48.16 9.01 -16.75
C ASP A 422 48.59 7.55 -16.78
N ASP A 423 49.81 7.26 -16.37
CA ASP A 423 50.25 5.87 -16.32
C ASP A 423 50.78 5.44 -14.95
N THR A 424 50.74 6.34 -13.98
CA THR A 424 51.27 6.05 -12.66
C THR A 424 50.37 6.50 -11.51
N LEU A 425 50.39 5.74 -10.41
CA LEU A 425 49.64 6.10 -9.21
C LEU A 425 50.64 6.11 -8.06
N VAL A 426 50.88 7.28 -7.45
CA VAL A 426 51.81 7.37 -6.33
C VAL A 426 51.03 7.41 -5.04
N LEU A 427 51.27 6.47 -4.13
CA LEU A 427 50.56 6.46 -2.85
C LEU A 427 51.52 6.70 -1.68
N SER A 428 51.16 7.61 -0.76
CA SER A 428 52.00 7.84 0.41
C SER A 428 51.48 7.03 1.61
N PHE A 429 52.40 6.71 2.51
CA PHE A 429 52.15 5.95 3.72
C PHE A 429 52.86 6.65 4.87
N VAL A 430 52.63 6.18 6.10
CA VAL A 430 53.28 6.86 7.20
C VAL A 430 54.76 6.66 7.03
N GLY A 431 55.47 7.77 6.88
CA GLY A 431 56.89 7.79 6.67
C GLY A 431 57.32 6.97 5.46
N GLN A 432 56.53 6.96 4.41
CA GLN A 432 56.90 6.12 3.26
C GLN A 432 56.15 6.56 1.98
N THR A 433 56.69 6.24 0.81
CA THR A 433 56.04 6.55 -0.45
C THR A 433 56.23 5.39 -1.40
N ARG A 434 55.15 4.95 -2.04
CA ARG A 434 55.17 3.87 -3.01
C ARG A 434 54.66 4.37 -4.39
N VAL A 435 55.12 3.75 -5.47
CA VAL A 435 54.72 4.15 -6.80
C VAL A 435 54.27 2.91 -7.57
N LEU A 436 53.09 2.96 -8.19
CA LEU A 436 52.56 1.84 -8.96
C LEU A 436 52.44 2.27 -10.41
N MET A 437 52.79 1.38 -11.34
CA MET A 437 52.63 1.68 -12.76
C MET A 437 51.44 0.93 -13.35
N LEU A 438 50.69 1.60 -14.23
CA LEU A 438 49.51 1.04 -14.87
C LEU A 438 49.75 0.72 -16.34
N ASN A 439 49.47 -0.51 -16.75
CA ASN A 439 49.58 -0.93 -18.15
C ASN A 439 48.25 -1.56 -18.50
N GLY A 440 47.27 -0.71 -18.80
CA GLY A 440 45.92 -1.14 -19.07
C GLY A 440 45.27 -1.44 -17.74
N GLU A 441 44.98 -2.72 -17.51
CA GLU A 441 44.44 -3.18 -16.24
C GLU A 441 45.50 -3.98 -15.43
N GLU A 442 46.79 -3.72 -15.70
CA GLU A 442 47.90 -4.37 -15.03
C GLU A 442 48.64 -3.37 -14.17
N VAL A 443 48.38 -3.38 -12.86
CA VAL A 443 49.07 -2.53 -11.91
C VAL A 443 50.28 -3.31 -11.37
N GLU A 444 51.44 -2.67 -11.32
CA GLU A 444 52.65 -3.31 -10.84
C GLU A 444 53.49 -2.28 -10.12
N GLU A 445 53.87 -2.55 -8.86
CA GLU A 445 54.69 -1.61 -8.10
C GLU A 445 56.09 -1.42 -8.70
N THR A 446 56.52 -0.16 -8.80
CA THR A 446 57.81 0.19 -9.38
C THR A 446 58.54 1.29 -8.54
N GLU A 447 59.67 1.81 -9.03
CA GLU A 447 60.42 2.87 -8.39
C GLU A 447 60.56 4.02 -9.40
N LEU A 448 60.18 5.25 -9.00
CA LEU A 448 60.31 6.39 -9.91
C LEU A 448 61.71 6.97 -9.72
N MET A 449 62.50 7.04 -10.80
CA MET A 449 63.87 7.54 -10.70
C MET A 449 63.90 9.04 -10.40
N GLY A 450 64.09 9.38 -9.13
CA GLY A 450 64.10 10.77 -8.71
C GLY A 450 63.24 11.06 -7.50
N PHE A 451 62.27 10.17 -7.21
CA PHE A 451 61.37 10.29 -6.06
C PHE A 451 61.89 9.40 -4.93
N VAL A 452 61.75 9.85 -3.68
CA VAL A 452 62.22 9.08 -2.52
C VAL A 452 61.12 8.29 -1.81
N ASP A 453 61.45 7.05 -1.40
CA ASP A 453 60.51 6.23 -0.62
C ASP A 453 60.63 6.51 0.89
N ASP A 454 61.80 7.02 1.33
CA ASP A 454 62.19 7.36 2.70
C ASP A 454 61.14 8.23 3.38
N GLN A 455 60.63 9.24 2.66
CA GLN A 455 59.68 10.20 3.23
C GLN A 455 58.22 10.04 2.80
N GLN A 456 57.30 10.56 3.63
CA GLN A 456 55.89 10.57 3.32
C GLN A 456 55.64 11.76 2.41
N THR A 457 55.05 11.53 1.25
CA THR A 457 54.78 12.60 0.30
C THR A 457 53.56 13.39 0.71
N PHE A 458 53.64 14.73 0.64
CA PHE A 458 52.51 15.61 0.91
C PHE A 458 51.79 15.99 -0.39
N PHE A 459 52.50 15.97 -1.54
CA PHE A 459 52.00 16.26 -2.88
C PHE A 459 53.02 15.82 -3.90
N CYS A 460 52.55 15.28 -5.02
CA CYS A 460 53.39 14.99 -6.16
C CYS A 460 52.57 15.03 -7.47
N GLY A 461 53.23 15.15 -8.61
CA GLY A 461 52.55 15.20 -9.89
C GLY A 461 53.32 15.93 -10.96
N ASN A 462 52.67 16.16 -12.11
CA ASN A 462 53.28 16.82 -13.27
C ASN A 462 53.37 18.32 -13.10
N VAL A 463 54.58 18.85 -13.29
CA VAL A 463 54.86 20.28 -13.22
C VAL A 463 55.38 20.80 -14.57
N ALA A 464 55.38 22.14 -14.76
CA ALA A 464 55.80 22.78 -16.01
C ALA A 464 57.24 22.44 -16.44
N HIS A 465 57.49 22.54 -17.76
CA HIS A 465 58.78 22.28 -18.41
C HIS A 465 59.14 20.82 -18.35
N GLN A 466 58.15 19.96 -18.63
CA GLN A 466 58.27 18.50 -18.66
C GLN A 466 58.96 17.93 -17.40
N GLN A 467 58.46 18.29 -16.21
CA GLN A 467 59.05 17.85 -14.96
C GLN A 467 58.00 17.24 -14.00
N LEU A 468 58.46 16.63 -12.88
CA LEU A 468 57.60 16.03 -11.86
C LEU A 468 58.08 16.51 -10.49
N ILE A 469 57.19 17.10 -9.68
CA ILE A 469 57.58 17.56 -8.34
C ILE A 469 57.20 16.51 -7.28
N GLN A 470 57.92 16.47 -6.16
CA GLN A 470 57.60 15.56 -5.05
C GLN A 470 57.85 16.25 -3.73
N ILE A 471 56.84 16.95 -3.19
CA ILE A 471 56.98 17.65 -1.92
C ILE A 471 56.81 16.67 -0.78
N THR A 472 57.86 16.48 0.04
CA THR A 472 57.83 15.58 1.19
C THR A 472 58.19 16.37 2.48
N SER A 473 58.17 15.72 3.65
CA SER A 473 58.51 16.36 4.92
C SER A 473 59.94 16.94 4.93
N ALA A 474 60.85 16.31 4.20
CA ALA A 474 62.23 16.77 4.14
C ALA A 474 62.50 17.86 3.08
N SER A 475 62.08 17.63 1.82
CA SER A 475 62.39 18.58 0.74
C SER A 475 61.33 18.63 -0.37
N VAL A 476 61.50 19.55 -1.35
CA VAL A 476 60.62 19.68 -2.50
C VAL A 476 61.45 19.34 -3.73
N ARG A 477 61.52 18.05 -4.07
CA ARG A 477 62.34 17.55 -5.17
C ARG A 477 61.78 17.73 -6.58
N LEU A 478 62.42 18.57 -7.39
CA LEU A 478 62.03 18.74 -8.79
C LEU A 478 62.75 17.64 -9.58
N VAL A 479 62.02 16.86 -10.38
CA VAL A 479 62.59 15.76 -11.16
C VAL A 479 62.33 15.99 -12.65
N SER A 480 63.31 15.68 -13.52
CA SER A 480 63.13 15.84 -14.97
C SER A 480 62.43 14.62 -15.59
N GLN A 481 61.72 14.79 -16.73
CA GLN A 481 61.01 13.66 -17.35
C GLN A 481 61.89 12.82 -18.27
N GLU A 482 62.54 13.43 -19.29
CA GLU A 482 63.41 12.69 -20.21
C GLU A 482 64.65 12.12 -19.49
N PRO A 483 65.47 12.94 -18.77
CA PRO A 483 66.61 12.36 -18.05
C PRO A 483 66.18 11.46 -16.90
N LYS A 484 64.99 11.70 -16.32
CA LYS A 484 64.44 10.94 -15.20
C LYS A 484 65.38 10.98 -14.00
N ALA A 485 65.62 12.18 -13.50
CA ALA A 485 66.52 12.38 -12.38
C ALA A 485 66.18 13.67 -11.68
N LEU A 486 66.79 13.91 -10.53
CA LEU A 486 66.48 15.12 -9.77
C LEU A 486 67.29 16.31 -10.25
N VAL A 487 66.67 17.10 -11.13
CA VAL A 487 67.27 18.29 -11.72
C VAL A 487 67.56 19.38 -10.70
N SER A 488 66.68 19.53 -9.73
CA SER A 488 66.79 20.55 -8.69
C SER A 488 66.09 20.07 -7.40
N GLU A 489 66.42 20.66 -6.26
CA GLU A 489 65.82 20.28 -4.98
C GLU A 489 65.79 21.49 -4.06
N TRP A 490 64.76 21.59 -3.21
CA TRP A 490 64.66 22.69 -2.27
C TRP A 490 64.52 22.15 -0.85
N LYS A 491 65.30 22.66 0.08
CA LYS A 491 65.20 22.28 1.48
C LYS A 491 65.04 23.52 2.36
N GLU A 492 64.53 23.35 3.59
CA GLU A 492 64.36 24.48 4.51
C GLU A 492 65.73 25.02 4.90
N PRO A 493 65.92 26.36 4.89
CA PRO A 493 67.23 26.93 5.22
C PRO A 493 67.81 26.54 6.57
N GLN A 494 66.98 26.04 7.49
CA GLN A 494 67.46 25.59 8.80
C GLN A 494 67.15 24.10 9.06
N ALA A 495 66.99 23.30 7.97
CA ALA A 495 66.68 21.86 7.98
C ALA A 495 65.44 21.45 8.81
N LYS A 496 64.46 22.35 8.96
CA LYS A 496 63.24 22.02 9.70
C LYS A 496 62.20 21.39 8.76
N ASN A 497 61.47 20.38 9.24
CA ASN A 497 60.48 19.68 8.42
C ASN A 497 59.29 20.55 7.98
N ILE A 498 58.79 20.32 6.76
CA ILE A 498 57.64 21.05 6.23
C ILE A 498 56.37 20.47 6.86
N SER A 499 55.50 21.32 7.38
CA SER A 499 54.26 20.87 8.01
C SER A 499 53.13 20.60 7.00
N VAL A 500 52.78 21.61 6.18
CA VAL A 500 51.74 21.49 5.15
C VAL A 500 52.28 21.99 3.82
N ALA A 501 51.84 21.40 2.69
CA ALA A 501 52.34 21.82 1.38
C ALA A 501 51.30 21.88 0.26
N SER A 502 51.36 22.93 -0.55
CA SER A 502 50.49 23.16 -1.69
C SER A 502 51.31 23.39 -2.96
N CYS A 503 50.74 23.07 -4.12
CA CYS A 503 51.44 23.22 -5.39
C CYS A 503 50.47 23.21 -6.58
N ASN A 504 50.90 23.83 -7.68
CA ASN A 504 50.18 23.82 -8.96
C ASN A 504 51.21 23.50 -10.10
N SER A 505 50.99 23.95 -11.34
CA SER A 505 51.92 23.64 -12.43
C SER A 505 53.11 24.61 -12.47
N SER A 506 52.94 25.85 -11.97
CA SER A 506 54.00 26.84 -12.02
C SER A 506 54.53 27.31 -10.66
N GLN A 507 53.82 27.02 -9.56
CA GLN A 507 54.25 27.48 -8.24
C GLN A 507 54.07 26.48 -7.11
N VAL A 508 54.92 26.58 -6.09
CA VAL A 508 54.88 25.70 -4.91
C VAL A 508 54.92 26.55 -3.64
N VAL A 509 54.03 26.30 -2.68
CA VAL A 509 53.99 27.06 -1.44
C VAL A 509 54.09 26.13 -0.24
N VAL A 510 55.30 25.94 0.26
CA VAL A 510 55.54 25.07 1.42
C VAL A 510 55.38 25.85 2.72
N ALA A 511 54.83 25.22 3.76
CA ALA A 511 54.66 25.89 5.05
C ALA A 511 55.40 25.15 6.17
N VAL A 512 56.38 25.81 6.81
CA VAL A 512 57.14 25.20 7.91
C VAL A 512 56.72 25.79 9.25
N GLY A 513 55.88 25.05 9.98
CA GLY A 513 55.34 25.51 11.25
C GLY A 513 54.35 26.63 11.01
N ARG A 514 54.82 27.88 11.08
CA ARG A 514 54.00 29.05 10.78
C ARG A 514 54.69 30.03 9.81
N ALA A 515 55.72 29.55 9.07
CA ALA A 515 56.44 30.35 8.09
C ALA A 515 56.21 29.76 6.69
N LEU A 516 55.46 30.48 5.86
CA LEU A 516 55.14 30.03 4.51
C LEU A 516 56.13 30.53 3.46
N TYR A 517 56.94 29.62 2.90
CA TYR A 517 57.91 29.96 1.86
C TYR A 517 57.29 29.74 0.47
N TYR A 518 57.18 30.80 -0.35
CA TYR A 518 56.57 30.71 -1.67
C TYR A 518 57.55 30.52 -2.83
N LEU A 519 57.94 29.28 -3.13
CA LEU A 519 58.84 28.97 -4.25
C LEU A 519 58.14 29.05 -5.62
N GLN A 520 58.91 29.06 -6.73
CA GLN A 520 58.35 29.14 -8.08
C GLN A 520 59.04 28.13 -9.01
N ILE A 521 58.25 27.36 -9.77
CA ILE A 521 58.76 26.32 -10.67
C ILE A 521 59.39 26.89 -11.94
N HIS A 522 60.68 26.62 -12.13
CA HIS A 522 61.44 27.08 -13.30
C HIS A 522 62.28 25.95 -13.91
N PRO A 523 62.62 25.99 -15.22
CA PRO A 523 63.39 24.90 -15.83
C PRO A 523 64.66 24.51 -15.06
N GLN A 524 64.69 23.27 -14.55
CA GLN A 524 65.76 22.69 -13.75
C GLN A 524 66.11 23.49 -12.50
N GLU A 525 65.16 24.31 -12.00
CA GLU A 525 65.42 25.15 -10.84
C GLU A 525 64.20 25.40 -9.96
N LEU A 526 64.44 25.70 -8.67
CA LEU A 526 63.41 26.03 -7.70
C LEU A 526 63.79 27.34 -7.01
N ARG A 527 63.55 28.48 -7.68
CA ARG A 527 63.92 29.79 -7.14
C ARG A 527 62.95 30.31 -6.07
N GLN A 528 63.40 30.33 -4.80
CA GLN A 528 62.61 30.80 -3.66
C GLN A 528 62.34 32.31 -3.73
N ILE A 529 61.08 32.69 -4.04
CA ILE A 529 60.68 34.10 -4.18
C ILE A 529 60.49 34.81 -2.83
N SER A 530 59.62 34.29 -1.96
CA SER A 530 59.34 34.92 -0.67
C SER A 530 59.38 33.92 0.52
N HIS A 531 59.45 34.43 1.76
CA HIS A 531 59.46 33.58 2.96
C HIS A 531 58.92 34.35 4.16
N THR A 532 57.63 34.72 4.10
CA THR A 532 56.97 35.48 5.17
C THR A 532 56.44 34.54 6.25
N GLU A 533 56.49 34.96 7.52
CA GLU A 533 55.98 34.17 8.63
C GLU A 533 54.64 34.74 9.11
N MET A 534 53.57 33.92 9.07
CA MET A 534 52.24 34.35 9.50
C MET A 534 52.13 34.43 11.04
N GLU A 535 51.13 35.20 11.54
CA GLU A 535 50.91 35.40 12.98
C GLU A 535 50.79 34.08 13.76
N HIS A 536 49.75 33.28 13.48
CA HIS A 536 49.59 31.97 14.09
C HIS A 536 50.16 30.89 13.13
N GLU A 537 50.22 29.63 13.58
CA GLU A 537 50.77 28.54 12.75
C GLU A 537 49.95 28.26 11.49
N VAL A 538 50.56 27.60 10.50
CA VAL A 538 49.87 27.28 9.24
C VAL A 538 49.33 25.86 9.28
N ALA A 539 48.02 25.69 9.14
CA ALA A 539 47.42 24.35 9.17
C ALA A 539 47.19 23.77 7.77
N CYS A 540 46.68 24.59 6.83
CA CYS A 540 46.42 24.16 5.46
C CYS A 540 46.58 25.31 4.46
N LEU A 541 46.78 25.00 3.17
CA LEU A 541 46.96 26.02 2.15
C LEU A 541 46.53 25.55 0.76
N ASP A 542 46.34 26.49 -0.15
CA ASP A 542 45.97 26.15 -1.52
C ASP A 542 46.31 27.27 -2.49
N ILE A 543 46.90 26.89 -3.62
CA ILE A 543 47.29 27.84 -4.65
C ILE A 543 46.66 27.54 -6.01
N THR A 544 45.47 26.98 -6.03
CA THR A 544 44.85 26.66 -7.30
C THR A 544 44.58 27.90 -8.12
N PRO A 545 45.03 27.89 -9.37
CA PRO A 545 44.88 28.97 -10.35
C PRO A 545 43.46 29.12 -10.85
N LEU A 546 43.00 30.35 -11.02
CA LEU A 546 41.65 30.62 -11.50
C LEU A 546 41.66 31.85 -12.41
N GLY A 551 49.47 28.99 -16.54
CA GLY A 551 48.52 29.07 -15.43
C GLY A 551 49.15 29.48 -14.11
N LEU A 552 49.05 30.77 -13.77
CA LEU A 552 49.63 31.29 -12.52
C LEU A 552 48.53 31.81 -11.59
N SER A 553 48.66 31.53 -10.29
CA SER A 553 47.66 31.97 -9.32
C SER A 553 48.11 33.18 -8.52
N PRO A 554 47.42 34.32 -8.68
CA PRO A 554 47.78 35.51 -7.90
C PRO A 554 47.32 35.42 -6.43
N LEU A 555 46.29 34.61 -6.14
CA LEU A 555 45.77 34.43 -4.79
C LEU A 555 46.25 33.11 -4.17
N CYS A 556 46.24 33.02 -2.83
CA CYS A 556 46.67 31.84 -2.11
C CYS A 556 45.92 31.72 -0.78
N ALA A 557 45.19 30.63 -0.59
CA ALA A 557 44.44 30.41 0.64
C ALA A 557 45.31 29.88 1.77
N ILE A 558 44.94 30.18 3.02
CA ILE A 558 45.68 29.71 4.19
C ILE A 558 44.77 29.58 5.40
N GLY A 559 45.03 28.56 6.21
CA GLY A 559 44.28 28.30 7.42
C GLY A 559 45.15 28.48 8.65
N LEU A 560 44.56 28.96 9.75
CA LEU A 560 45.32 29.21 10.98
C LEU A 560 45.26 28.04 11.94
N TRP A 561 46.41 27.73 12.55
CA TRP A 561 46.55 26.70 13.59
C TRP A 561 46.17 27.19 15.01
N THR A 562 46.56 28.42 15.34
CA THR A 562 46.30 29.00 16.65
C THR A 562 45.02 29.85 16.66
N ASP A 563 44.85 30.73 15.66
CA ASP A 563 43.71 31.63 15.58
C ASP A 563 42.40 30.98 15.16
N ILE A 564 42.43 29.76 14.56
CA ILE A 564 41.25 29.03 14.08
C ILE A 564 40.45 29.88 13.09
N SER A 565 41.08 30.29 11.98
CA SER A 565 40.46 31.16 10.98
C SER A 565 40.93 30.82 9.54
N ALA A 566 40.17 31.30 8.53
CA ALA A 566 40.49 31.10 7.13
C ALA A 566 40.80 32.45 6.46
N ARG A 567 42.04 32.66 6.01
CA ARG A 567 42.42 33.93 5.39
C ARG A 567 43.08 33.73 4.02
N ILE A 568 42.82 34.64 3.08
CA ILE A 568 43.39 34.58 1.73
C ILE A 568 44.46 35.64 1.57
N LEU A 569 45.71 35.22 1.25
CA LEU A 569 46.82 36.14 1.07
C LEU A 569 47.20 36.35 -0.40
N LYS A 570 47.82 37.49 -0.72
CA LYS A 570 48.24 37.81 -2.09
C LYS A 570 49.62 37.20 -2.42
N LEU A 571 49.97 37.09 -3.70
CA LEU A 571 51.25 36.52 -4.11
C LEU A 571 51.82 37.21 -5.35
N PRO A 572 53.13 37.47 -5.39
CA PRO A 572 54.15 37.18 -4.38
C PRO A 572 54.35 38.35 -3.42
N SER A 573 53.25 38.84 -2.84
CA SER A 573 53.30 39.98 -1.92
C SER A 573 53.06 39.59 -0.45
N PHE A 574 52.40 38.44 -0.21
CA PHE A 574 52.05 37.91 1.11
C PHE A 574 51.03 38.75 1.90
N GLU A 575 50.67 39.94 1.40
CA GLU A 575 49.71 40.82 2.07
C GLU A 575 48.30 40.22 2.08
N LEU A 576 47.67 40.15 3.25
CA LEU A 576 46.35 39.57 3.40
C LEU A 576 45.24 40.41 2.77
N LEU A 577 44.53 39.84 1.78
CA LEU A 577 43.41 40.53 1.13
C LEU A 577 42.10 40.36 1.91
N HIS A 578 41.96 39.25 2.66
CA HIS A 578 40.79 38.95 3.47
C HIS A 578 41.21 38.01 4.62
N LYS A 579 40.69 38.24 5.83
CA LYS A 579 41.04 37.40 6.98
C LYS A 579 39.81 37.02 7.80
N GLU A 580 38.98 36.11 7.27
CA GLU A 580 37.74 35.66 7.90
C GLU A 580 38.00 34.78 9.14
N MET A 581 37.63 35.28 10.32
CA MET A 581 37.79 34.52 11.56
C MET A 581 36.69 33.45 11.62
N LEU A 582 37.06 32.19 11.39
CA LEU A 582 36.09 31.09 11.38
C LEU A 582 35.44 30.86 12.74
N GLY A 583 36.24 30.93 13.81
CA GLY A 583 35.75 30.72 15.17
C GLY A 583 35.83 29.28 15.62
N GLY A 584 35.18 28.98 16.74
CA GLY A 584 35.16 27.64 17.32
C GLY A 584 36.49 27.20 17.91
N GLU A 585 36.56 25.95 18.35
CA GLU A 585 37.80 25.42 18.92
C GLU A 585 38.47 24.38 17.99
N ILE A 586 37.70 23.74 17.11
CA ILE A 586 38.23 22.73 16.17
C ILE A 586 39.00 23.36 15.01
N ILE A 587 40.29 22.99 14.87
CA ILE A 587 41.18 23.51 13.83
C ILE A 587 40.77 23.03 12.43
N PRO A 588 40.98 23.84 11.37
CA PRO A 588 40.59 23.39 10.02
C PRO A 588 41.49 22.30 9.46
N ARG A 589 40.97 21.51 8.51
CA ARG A 589 41.73 20.42 7.92
C ARG A 589 42.20 20.72 6.50
N SER A 590 41.29 21.16 5.62
CA SER A 590 41.65 21.46 4.24
C SER A 590 41.02 22.76 3.72
N ILE A 591 41.65 23.36 2.71
CA ILE A 591 41.17 24.59 2.07
C ILE A 591 41.26 24.43 0.55
N LEU A 592 40.23 24.86 -0.19
CA LEU A 592 40.24 24.70 -1.65
C LEU A 592 39.57 25.84 -2.40
N MET A 593 40.25 26.37 -3.43
CA MET A 593 39.74 27.41 -4.32
C MET A 593 39.37 26.73 -5.63
N THR A 594 38.11 26.88 -6.09
CA THR A 594 37.64 26.24 -7.33
C THR A 594 36.53 27.03 -8.02
N THR A 595 36.43 26.96 -9.36
CA THR A 595 35.39 27.67 -10.09
C THR A 595 34.21 26.77 -10.38
N PHE A 596 33.04 27.12 -9.87
CA PHE A 596 31.83 26.35 -10.08
C PHE A 596 30.83 27.18 -10.88
N GLU A 597 30.58 26.81 -12.15
CA GLU A 597 29.67 27.51 -13.07
C GLU A 597 30.08 28.98 -13.25
N SER A 598 31.38 29.19 -13.54
CA SER A 598 32.03 30.50 -13.73
C SER A 598 31.97 31.43 -12.50
N SER A 599 31.47 30.94 -11.36
CA SER A 599 31.39 31.68 -10.11
C SER A 599 32.41 31.07 -9.14
N HIS A 600 33.53 31.77 -8.93
CA HIS A 600 34.65 31.33 -8.09
C HIS A 600 34.28 31.25 -6.61
N TYR A 601 34.56 30.11 -5.99
CA TYR A 601 34.30 29.89 -4.56
C TYR A 601 35.56 29.38 -3.83
N LEU A 602 35.53 29.43 -2.49
CA LEU A 602 36.64 28.96 -1.68
C LEU A 602 36.09 28.14 -0.53
N LEU A 603 35.95 26.83 -0.75
CA LEU A 603 35.45 25.91 0.27
C LEU A 603 36.51 25.70 1.35
N CYS A 604 36.07 25.33 2.55
CA CYS A 604 36.97 25.08 3.66
C CYS A 604 36.42 24.03 4.60
N ALA A 605 37.17 22.96 4.81
CA ALA A 605 36.73 21.87 5.68
C ALA A 605 37.29 22.03 7.08
N LEU A 606 36.46 21.71 8.09
CA LEU A 606 36.85 21.79 9.49
C LEU A 606 37.18 20.40 10.04
N GLY A 607 37.85 20.37 11.19
CA GLY A 607 38.25 19.13 11.84
C GLY A 607 37.12 18.26 12.37
N ASP A 608 35.87 18.73 12.26
CA ASP A 608 34.71 17.97 12.72
C ASP A 608 33.71 17.66 11.61
N GLY A 609 34.19 17.57 10.37
CA GLY A 609 33.36 17.28 9.21
C GLY A 609 32.39 18.39 8.89
N ALA A 610 32.83 19.64 9.06
CA ALA A 610 31.98 20.79 8.77
C ALA A 610 32.51 21.54 7.56
N LEU A 611 31.72 21.60 6.48
CA LEU A 611 32.16 22.26 5.25
C LEU A 611 31.64 23.69 5.14
N PHE A 612 32.49 24.68 5.47
CA PHE A 612 32.15 26.09 5.37
C PHE A 612 32.50 26.57 3.96
N TYR A 613 31.57 27.25 3.29
CA TYR A 613 31.85 27.75 1.96
C TYR A 613 31.60 29.25 1.78
N PHE A 614 32.62 29.98 1.30
CA PHE A 614 32.54 31.41 1.06
C PHE A 614 32.81 31.70 -0.43
N GLY A 615 32.29 32.81 -0.92
CA GLY A 615 32.51 33.21 -2.31
C GLY A 615 33.89 33.82 -2.50
N LEU A 616 34.34 33.96 -3.76
CA LEU A 616 35.66 34.55 -4.02
C LEU A 616 35.71 35.35 -5.31
N ASN A 617 36.63 36.31 -5.37
CA ASN A 617 36.85 37.14 -6.56
C ASN A 617 38.32 37.03 -6.96
N ILE A 618 38.61 37.00 -8.26
CA ILE A 618 39.98 36.86 -8.75
C ILE A 618 40.87 38.08 -8.44
N GLU A 619 40.27 39.28 -8.33
CA GLU A 619 41.03 40.49 -8.01
C GLU A 619 40.63 41.05 -6.64
N THR A 620 39.35 40.90 -6.26
CA THR A 620 38.87 41.39 -4.97
C THR A 620 39.31 40.48 -3.81
N GLY A 621 38.99 39.19 -3.90
CA GLY A 621 39.35 38.21 -2.88
C GLY A 621 38.47 38.25 -1.65
N LEU A 622 37.28 38.86 -1.75
CA LEU A 622 36.35 38.96 -0.62
C LEU A 622 35.38 37.77 -0.55
N LEU A 623 34.83 37.50 0.65
CA LEU A 623 33.89 36.40 0.85
C LEU A 623 32.45 36.81 0.55
N SER A 624 31.84 36.24 -0.50
CA SER A 624 30.48 36.57 -0.88
C SER A 624 29.44 35.53 -0.45
N ASP A 625 29.75 34.74 0.59
CA ASP A 625 28.85 33.72 1.12
C ASP A 625 29.29 33.31 2.53
N ARG A 626 28.33 32.94 3.38
CA ARG A 626 28.63 32.48 4.72
C ARG A 626 28.02 31.12 5.09
N LYS A 627 27.60 30.36 4.08
CA LYS A 627 26.95 29.06 4.31
C LYS A 627 27.84 27.95 4.85
N LYS A 628 27.26 27.04 5.64
CA LYS A 628 28.00 25.91 6.16
C LYS A 628 27.13 24.65 6.10
N VAL A 629 27.63 23.61 5.42
CA VAL A 629 26.91 22.34 5.32
C VAL A 629 27.69 21.27 6.10
N THR A 630 27.00 20.46 6.90
CA THR A 630 27.66 19.41 7.68
C THR A 630 27.89 18.16 6.83
N LEU A 631 29.16 17.86 6.52
CA LEU A 631 29.53 16.73 5.69
C LEU A 631 29.58 15.39 6.46
N GLY A 632 30.26 15.39 7.60
CA GLY A 632 30.37 14.17 8.40
C GLY A 632 30.99 14.37 9.78
N THR A 633 31.65 13.32 10.30
CA THR A 633 32.29 13.38 11.61
C THR A 633 33.80 13.50 11.44
N GLN A 634 34.37 12.74 10.49
CA GLN A 634 35.81 12.79 10.22
C GLN A 634 36.14 13.98 9.30
N PRO A 635 37.34 14.57 9.45
CA PRO A 635 37.70 15.73 8.60
C PRO A 635 37.65 15.44 7.10
N THR A 636 37.27 16.44 6.30
CA THR A 636 37.13 16.25 4.87
C THR A 636 38.36 16.65 4.06
N VAL A 637 38.74 15.80 3.11
CA VAL A 637 39.84 16.07 2.20
C VAL A 637 39.24 16.48 0.88
N LEU A 638 39.27 17.78 0.55
CA LEU A 638 38.70 18.26 -0.71
C LEU A 638 39.65 17.98 -1.88
N ARG A 639 39.14 17.44 -2.99
CA ARG A 639 39.97 17.13 -4.15
C ARG A 639 39.23 17.43 -5.45
N THR A 640 39.82 18.23 -6.33
CA THR A 640 39.16 18.60 -7.58
C THR A 640 39.30 17.51 -8.64
N PHE A 641 38.27 17.35 -9.46
CA PHE A 641 38.22 16.39 -10.56
C PHE A 641 37.27 16.90 -11.65
N ARG A 642 37.60 16.65 -12.93
CA ARG A 642 36.75 17.11 -14.02
C ARG A 642 35.69 16.10 -14.38
N SER A 643 34.43 16.54 -14.37
CA SER A 643 33.30 15.71 -14.76
C SER A 643 32.77 16.35 -16.02
N LEU A 644 32.74 15.60 -17.12
CA LEU A 644 32.34 16.12 -18.42
C LEU A 644 33.25 17.30 -18.73
N SER A 645 32.68 18.44 -19.10
CA SER A 645 33.49 19.62 -19.42
C SER A 645 33.74 20.58 -18.26
N THR A 646 33.22 20.26 -17.08
CA THR A 646 33.36 21.14 -15.94
C THR A 646 34.10 20.53 -14.76
N THR A 647 34.51 21.34 -13.82
CA THR A 647 35.20 20.78 -12.68
C THR A 647 34.25 20.61 -11.48
N ASN A 648 34.42 19.50 -10.74
CA ASN A 648 33.66 19.10 -9.55
C ASN A 648 34.65 18.84 -8.38
N VAL A 649 34.15 18.74 -7.14
CA VAL A 649 35.00 18.50 -5.97
C VAL A 649 34.55 17.27 -5.19
N PHE A 650 35.45 16.32 -4.98
CA PHE A 650 35.14 15.13 -4.20
C PHE A 650 35.56 15.36 -2.76
N ALA A 651 34.60 15.26 -1.83
CA ALA A 651 34.85 15.43 -0.41
C ALA A 651 35.09 14.07 0.25
N CYS A 652 36.29 13.87 0.77
CA CYS A 652 36.64 12.62 1.43
C CYS A 652 36.50 12.71 2.92
N SER A 653 35.39 12.24 3.47
CA SER A 653 35.17 12.26 4.90
C SER A 653 34.62 10.88 5.36
N ASP A 654 34.15 10.76 6.64
CA ASP A 654 33.52 9.53 7.13
C ASP A 654 32.32 9.10 6.24
N ARG A 655 31.87 9.99 5.35
CA ARG A 655 30.81 9.80 4.38
C ARG A 655 31.20 10.56 3.11
N PRO A 656 31.64 9.86 2.05
CA PRO A 656 32.02 10.55 0.81
C PRO A 656 30.92 11.43 0.20
N THR A 657 31.30 12.55 -0.41
CA THR A 657 30.36 13.52 -0.97
C THR A 657 30.92 14.13 -2.27
N VAL A 658 30.05 14.68 -3.13
CA VAL A 658 30.44 15.36 -4.37
C VAL A 658 29.82 16.77 -4.40
N ILE A 659 30.65 17.79 -4.45
CA ILE A 659 30.21 19.18 -4.50
C ILE A 659 30.12 19.59 -5.95
N TYR A 660 28.95 20.08 -6.38
CA TYR A 660 28.77 20.57 -7.74
C TYR A 660 27.83 21.76 -7.81
N SER A 661 28.05 22.68 -8.76
CA SER A 661 27.17 23.84 -8.90
C SER A 661 25.92 23.51 -9.69
N SER A 662 24.75 23.89 -9.17
CA SER A 662 23.48 23.69 -9.88
C SER A 662 22.68 24.99 -9.83
N ASN A 663 22.52 25.63 -11.00
CA ASN A 663 21.83 26.92 -11.17
C ASN A 663 22.56 28.06 -10.43
N HIS A 664 23.90 27.94 -10.34
CA HIS A 664 24.83 28.88 -9.67
C HIS A 664 24.74 28.81 -8.13
N LYS A 665 24.11 27.77 -7.59
CA LYS A 665 23.98 27.55 -6.15
C LYS A 665 24.62 26.21 -5.85
N LEU A 666 25.65 26.19 -4.97
CA LEU A 666 26.36 24.95 -4.63
C LEU A 666 25.43 23.85 -4.13
N VAL A 667 25.68 22.61 -4.58
CA VAL A 667 24.89 21.43 -4.26
C VAL A 667 25.83 20.29 -3.83
N PHE A 668 25.47 19.58 -2.77
CA PHE A 668 26.29 18.48 -2.28
C PHE A 668 25.54 17.17 -2.40
N SER A 669 26.01 16.26 -3.24
CA SER A 669 25.39 14.94 -3.44
C SER A 669 26.17 13.87 -2.68
N ASN A 670 25.46 12.91 -2.05
CA ASN A 670 26.15 11.84 -1.32
C ASN A 670 26.71 10.76 -2.25
N VAL A 671 27.82 10.14 -1.88
CA VAL A 671 28.40 9.12 -2.71
C VAL A 671 28.14 7.77 -2.07
N ASN A 672 27.80 6.80 -2.89
CA ASN A 672 27.47 5.49 -2.38
C ASN A 672 28.64 4.59 -2.08
N LEU A 673 29.36 4.95 -1.04
CA LEU A 673 30.51 4.20 -0.58
C LEU A 673 30.55 4.33 0.93
N LYS A 674 31.09 3.34 1.61
CA LYS A 674 31.16 3.38 3.06
C LYS A 674 32.15 4.43 3.61
N GLU A 675 33.46 4.23 3.45
CA GLU A 675 34.46 5.18 3.95
C GLU A 675 35.56 5.36 2.93
N VAL A 676 35.72 6.58 2.43
CA VAL A 676 36.77 6.90 1.48
C VAL A 676 37.57 8.00 2.13
N ASN A 677 38.80 7.70 2.60
CA ASN A 677 39.60 8.75 3.26
C ASN A 677 40.41 9.57 2.27
N TYR A 678 40.83 8.96 1.13
CA TYR A 678 41.60 9.65 0.10
C TYR A 678 41.13 9.32 -1.31
N MET A 679 41.26 10.28 -2.24
CA MET A 679 40.89 10.06 -3.65
C MET A 679 41.69 10.95 -4.61
N CYS A 680 41.77 10.52 -5.87
CA CYS A 680 42.41 11.27 -6.95
C CYS A 680 41.79 10.88 -8.32
N PRO A 681 41.73 11.82 -9.28
CA PRO A 681 41.18 11.47 -10.59
C PRO A 681 42.23 10.78 -11.45
N LEU A 682 41.85 9.66 -12.05
CA LEU A 682 42.73 8.87 -12.86
C LEU A 682 42.22 8.73 -14.29
N ASN A 683 43.09 8.92 -15.27
CA ASN A 683 42.72 8.78 -16.66
C ASN A 683 43.72 7.88 -17.35
N SER A 684 43.71 6.62 -16.95
CA SER A 684 44.60 5.62 -17.51
C SER A 684 44.06 5.08 -18.82
N ASP A 685 44.92 4.47 -19.62
CA ASP A 685 44.46 3.90 -20.89
C ASP A 685 43.47 2.76 -20.63
N GLY A 686 43.74 1.95 -19.61
CA GLY A 686 42.83 0.88 -19.22
C GLY A 686 41.68 1.38 -18.36
N TYR A 687 41.90 2.47 -17.61
CA TYR A 687 40.90 3.08 -16.74
C TYR A 687 40.68 4.55 -17.16
N PRO A 688 39.96 4.82 -18.25
CA PRO A 688 39.80 6.22 -18.70
C PRO A 688 38.70 7.00 -18.01
N ASP A 689 39.00 8.24 -17.64
CA ASP A 689 38.05 9.09 -16.96
C ASP A 689 37.56 8.43 -15.70
N SER A 690 38.47 7.74 -15.00
CA SER A 690 38.18 7.04 -13.76
C SER A 690 38.79 7.76 -12.57
N LEU A 691 38.60 7.19 -11.38
CA LEU A 691 39.19 7.74 -10.16
C LEU A 691 39.74 6.64 -9.24
N ALA A 692 40.64 6.99 -8.33
CA ALA A 692 41.19 6.02 -7.41
C ALA A 692 40.74 6.40 -6.02
N LEU A 693 40.04 5.49 -5.35
CA LEU A 693 39.58 5.72 -3.99
C LEU A 693 40.41 4.87 -3.03
N ALA A 694 40.69 5.41 -1.86
CA ALA A 694 41.49 4.70 -0.88
C ALA A 694 40.88 4.70 0.50
N ASN A 695 40.96 3.57 1.19
CA ASN A 695 40.46 3.42 2.54
C ASN A 695 41.56 2.85 3.43
N ASN A 696 41.23 2.45 4.65
CA ASN A 696 42.26 1.96 5.55
C ASN A 696 43.02 0.77 5.01
N SER A 697 42.32 -0.16 4.39
CA SER A 697 43.00 -1.34 3.87
C SER A 697 42.96 -1.59 2.38
N THR A 698 42.26 -0.77 1.61
CA THR A 698 42.19 -1.03 0.18
C THR A 698 42.27 0.16 -0.77
N LEU A 699 42.82 -0.08 -1.95
CA LEU A 699 42.93 0.91 -3.00
C LEU A 699 42.01 0.41 -4.11
N THR A 700 41.02 1.20 -4.49
CA THR A 700 40.05 0.82 -5.52
C THR A 700 40.13 1.76 -6.71
N ILE A 701 40.08 1.23 -7.93
CA ILE A 701 40.04 2.06 -9.14
C ILE A 701 38.61 1.93 -9.68
N GLY A 702 37.90 3.04 -9.76
CA GLY A 702 36.53 3.00 -10.24
C GLY A 702 36.12 4.14 -11.15
N THR A 703 34.97 4.01 -11.78
CA THR A 703 34.40 5.03 -12.67
C THR A 703 33.11 5.58 -12.05
N ILE A 704 32.92 6.92 -12.05
CA ILE A 704 31.71 7.51 -11.51
C ILE A 704 30.57 7.37 -12.53
N ASP A 705 29.40 6.90 -12.04
CA ASP A 705 28.20 6.67 -12.84
C ASP A 705 27.74 7.95 -13.53
N GLU A 706 27.42 7.83 -14.83
CA GLU A 706 26.98 8.93 -15.70
C GLU A 706 25.89 9.81 -15.07
N ILE A 707 24.81 9.20 -14.56
CA ILE A 707 23.74 9.96 -13.91
C ILE A 707 23.26 9.25 -12.63
N GLN A 708 23.06 10.03 -11.56
CA GLN A 708 22.55 9.60 -10.24
C GLN A 708 21.23 8.79 -10.38
N LYS A 709 21.26 7.52 -9.95
CA LYS A 709 20.10 6.61 -10.00
C LYS A 709 19.88 5.96 -8.61
N LEU A 710 18.73 5.27 -8.42
CA LEU A 710 18.48 4.61 -7.13
C LEU A 710 19.34 3.37 -6.99
N HIS A 711 19.91 3.18 -5.82
CA HIS A 711 20.75 2.03 -5.58
C HIS A 711 20.02 1.12 -4.66
N ILE A 712 19.62 -0.04 -5.17
CA ILE A 712 18.85 -0.98 -4.39
C ILE A 712 19.64 -2.23 -4.10
N ARG A 713 19.66 -2.65 -2.84
CA ARG A 713 20.35 -3.88 -2.47
C ARG A 713 19.33 -4.90 -2.08
N THR A 714 19.34 -6.08 -2.70
CA THR A 714 18.40 -7.13 -2.39
C THR A 714 18.99 -8.12 -1.40
N VAL A 715 18.26 -8.46 -0.35
CA VAL A 715 18.70 -9.45 0.63
C VAL A 715 17.68 -10.58 0.59
N PRO A 716 17.87 -11.60 -0.27
CA PRO A 716 16.88 -12.68 -0.34
C PRO A 716 16.75 -13.46 0.96
N LEU A 717 15.51 -13.63 1.44
CA LEU A 717 15.21 -14.38 2.66
C LEU A 717 14.68 -15.78 2.33
N TYR A 718 14.08 -15.98 1.13
CA TYR A 718 13.49 -17.26 0.70
C TYR A 718 12.27 -17.67 1.54
N GLU A 719 11.66 -16.69 2.21
CA GLU A 719 10.46 -16.80 3.02
C GLU A 719 9.81 -15.42 3.11
N SER A 720 8.60 -15.32 3.66
CA SER A 720 7.85 -14.06 3.77
C SER A 720 8.26 -13.12 4.88
N PRO A 721 8.90 -11.98 4.56
CA PRO A 721 9.12 -10.96 5.59
C PRO A 721 7.78 -10.23 5.82
N ARG A 722 7.47 -9.93 7.08
CA ARG A 722 6.21 -9.31 7.44
C ARG A 722 6.39 -7.99 8.13
N LYS A 723 7.34 -7.90 9.08
CA LYS A 723 7.56 -6.65 9.81
C LYS A 723 9.04 -6.33 9.98
N ILE A 724 9.41 -5.05 10.11
CA ILE A 724 10.80 -4.63 10.28
C ILE A 724 10.93 -3.48 11.24
N CYS A 725 12.04 -3.42 11.97
N CYS A 725 12.05 -3.43 12.00
CA CYS A 725 12.37 -2.35 12.89
CA CYS A 725 12.37 -2.37 12.96
C CYS A 725 13.89 -2.21 12.94
C CYS A 725 13.88 -2.23 13.04
N TYR A 726 14.38 -0.99 13.09
CA TYR A 726 15.83 -0.76 13.15
C TYR A 726 16.32 -0.48 14.59
N GLN A 727 17.31 -1.25 15.05
CA GLN A 727 17.88 -1.05 16.38
C GLN A 727 19.26 -0.49 16.19
N GLU A 728 19.41 0.84 16.27
CA GLU A 728 20.70 1.47 16.02
C GLU A 728 21.79 1.07 16.99
N VAL A 729 21.46 0.91 18.27
CA VAL A 729 22.44 0.51 19.27
C VAL A 729 22.99 -0.88 19.00
N SER A 730 22.18 -1.79 18.45
CA SER A 730 22.65 -3.13 18.12
C SER A 730 23.19 -3.23 16.70
N GLN A 731 23.04 -2.16 15.89
CA GLN A 731 23.46 -2.07 14.51
C GLN A 731 22.89 -3.21 13.68
N CYS A 732 21.59 -3.42 13.85
CA CYS A 732 20.90 -4.52 13.19
C CYS A 732 19.40 -4.21 13.04
N PHE A 733 18.69 -5.07 12.29
CA PHE A 733 17.26 -5.00 12.06
C PHE A 733 16.58 -6.19 12.65
N GLY A 734 15.41 -5.97 13.21
CA GLY A 734 14.56 -7.04 13.72
C GLY A 734 13.48 -7.23 12.68
N VAL A 735 13.35 -8.46 12.15
CA VAL A 735 12.38 -8.75 11.10
C VAL A 735 11.48 -9.90 11.49
N LEU A 736 10.18 -9.67 11.51
CA LEU A 736 9.21 -10.74 11.73
C LEU A 736 9.03 -11.40 10.38
N SER A 737 9.07 -12.73 10.35
CA SER A 737 8.90 -13.46 9.09
C SER A 737 8.22 -14.78 9.31
N SER A 738 7.70 -15.38 8.24
CA SER A 738 7.07 -16.67 8.34
C SER A 738 7.49 -17.57 7.18
N ARG A 739 7.42 -18.88 7.40
CA ARG A 739 7.75 -19.83 6.35
C ARG A 739 6.69 -20.91 6.31
N ILE A 740 6.40 -21.43 5.11
CA ILE A 740 5.40 -22.48 4.94
C ILE A 740 6.04 -23.87 5.10
N GLU A 741 5.45 -24.70 5.94
CA GLU A 741 5.93 -26.06 6.15
C GLU A 741 4.79 -27.05 5.86
N VAL A 742 5.11 -28.25 5.35
CA VAL A 742 4.09 -29.27 5.07
C VAL A 742 4.14 -30.36 6.12
N GLN A 743 2.98 -30.98 6.42
CA GLN A 743 2.93 -32.07 7.40
C GLN A 743 3.67 -33.26 6.82
N ASP A 744 4.60 -33.80 7.58
CA ASP A 744 5.42 -34.93 7.14
C ASP A 744 4.82 -36.27 7.46
N THR A 745 5.20 -37.27 6.68
CA THR A 745 4.69 -38.62 6.88
C THR A 745 5.16 -39.13 8.23
N SER A 746 6.41 -38.87 8.56
CA SER A 746 6.96 -39.26 9.85
C SER A 746 6.67 -38.18 10.87
N GLY A 747 5.42 -38.09 11.30
CA GLY A 747 4.98 -37.09 12.25
C GLY A 747 5.86 -36.91 13.47
N THR A 749 6.48 -31.49 11.36
CA THR A 749 6.34 -30.76 10.10
C THR A 749 7.69 -30.41 9.48
N THR A 750 7.75 -30.33 8.14
CA THR A 750 9.02 -30.07 7.46
C THR A 750 8.92 -28.97 6.39
N ALA A 751 10.02 -28.21 6.22
CA ALA A 751 10.05 -27.09 5.29
C ALA A 751 10.27 -27.48 3.84
N LEU A 752 9.73 -26.65 2.93
CA LEU A 752 9.83 -26.87 1.49
C LEU A 752 11.20 -26.51 0.90
N ARG A 753 12.00 -25.71 1.61
CA ARG A 753 13.33 -25.29 1.14
C ARG A 753 14.10 -24.58 2.28
N PRO A 754 15.43 -24.42 2.17
CA PRO A 754 16.14 -23.63 3.20
C PRO A 754 15.82 -22.14 2.99
N SER A 755 15.60 -21.45 4.10
CA SER A 755 15.27 -20.03 4.09
C SER A 755 15.97 -19.33 5.27
N ALA A 756 15.92 -18.00 5.31
CA ALA A 756 16.55 -17.17 6.34
C ALA A 756 16.39 -17.70 7.76
N SER A 757 15.21 -18.21 8.11
CA SER A 757 14.94 -18.69 9.47
C SER A 757 15.49 -20.09 9.77
N THR A 758 15.96 -20.80 8.75
CA THR A 758 16.57 -22.13 8.92
C THR A 758 18.12 -22.08 8.71
N GLN A 759 18.65 -20.94 8.21
CA GLN A 759 20.07 -20.76 7.93
C GLN A 759 20.63 -19.61 8.78
N ALA A 760 20.20 -19.51 10.05
CA ALA A 760 20.69 -18.47 10.94
C ALA A 760 21.94 -18.93 11.69
N LEU A 761 22.85 -17.99 12.03
CA LEU A 761 24.09 -18.28 12.76
C LEU A 761 23.77 -18.94 14.10
N SER A 762 22.85 -18.35 14.83
CA SER A 762 22.36 -18.84 16.11
C SER A 762 20.85 -18.89 16.00
N SER A 763 20.20 -19.77 16.74
CA SER A 763 18.75 -19.85 16.70
C SER A 763 18.17 -20.30 18.02
N SER A 764 16.98 -19.82 18.30
CA SER A 764 16.27 -20.20 19.51
C SER A 764 14.85 -20.59 19.16
N VAL A 765 14.22 -21.32 20.05
CA VAL A 765 12.83 -21.73 19.88
C VAL A 765 12.07 -21.33 21.12
N SER A 766 10.76 -21.10 21.00
CA SER A 766 9.96 -20.75 22.16
C SER A 766 9.68 -21.98 23.03
N SER A 767 9.68 -23.20 22.46
CA SER A 767 9.45 -24.43 23.23
C SER A 767 10.19 -25.68 22.71
N SER A 768 10.41 -26.68 23.60
CA SER A 768 11.10 -27.92 23.25
C SER A 768 10.11 -29.08 23.01
CA PHE A 782 -1.51 -35.28 3.86
C PHE A 782 -0.50 -34.11 3.90
N GLY A 783 -0.31 -33.46 2.75
CA GLY A 783 0.59 -32.31 2.66
C GLY A 783 -0.10 -31.04 3.09
N GLU A 784 -0.45 -30.94 4.39
CA GLU A 784 -1.16 -29.79 4.94
C GLU A 784 -0.22 -28.69 5.37
N GLU A 785 -0.37 -27.50 4.77
CA GLU A 785 0.47 -26.35 5.09
C GLU A 785 0.31 -25.84 6.52
N VAL A 786 1.39 -25.27 7.06
CA VAL A 786 1.45 -24.68 8.40
C VAL A 786 2.39 -23.48 8.37
N GLU A 787 2.07 -22.43 9.12
CA GLU A 787 2.87 -21.22 9.12
C GLU A 787 3.77 -21.15 10.33
N VAL A 788 5.09 -21.23 10.12
CA VAL A 788 6.05 -21.11 11.21
C VAL A 788 6.53 -19.68 11.27
N HIS A 789 6.24 -18.97 12.39
CA HIS A 789 6.61 -17.58 12.56
C HIS A 789 7.90 -17.45 13.36
N ASN A 790 8.79 -16.56 12.87
CA ASN A 790 10.10 -16.32 13.44
C ASN A 790 10.38 -14.85 13.57
N LEU A 791 11.42 -14.52 14.37
CA LEU A 791 11.96 -13.19 14.55
C LEU A 791 13.41 -13.30 14.13
N LEU A 792 13.81 -12.56 13.10
CA LEU A 792 15.18 -12.61 12.58
C LEU A 792 15.94 -11.38 13.01
N ILE A 793 17.24 -11.53 13.29
CA ILE A 793 18.09 -10.40 13.62
C ILE A 793 19.07 -10.33 12.49
N ILE A 794 18.87 -9.42 11.56
CA ILE A 794 19.72 -9.30 10.39
C ILE A 794 20.74 -8.18 10.61
N ASP A 795 22.03 -8.43 10.34
CA ASP A 795 23.08 -7.43 10.51
C ASP A 795 22.91 -6.29 9.50
N GLN A 796 23.11 -5.03 9.92
CA GLN A 796 22.86 -3.89 9.03
C GLN A 796 23.92 -3.63 7.97
N HIS A 797 25.09 -4.26 8.07
CA HIS A 797 26.16 -4.04 7.10
C HIS A 797 26.34 -5.24 6.20
N THR A 798 26.35 -6.42 6.81
CA THR A 798 26.54 -7.67 6.10
C THR A 798 25.24 -8.35 5.69
N PHE A 799 24.11 -7.97 6.31
CA PHE A 799 22.78 -8.51 6.07
C PHE A 799 22.67 -9.99 6.34
N GLU A 800 23.57 -10.54 7.18
CA GLU A 800 23.51 -11.95 7.51
C GLU A 800 22.57 -12.19 8.66
N VAL A 801 21.90 -13.34 8.64
CA VAL A 801 20.95 -13.67 9.69
C VAL A 801 21.73 -14.12 10.93
N LEU A 802 21.94 -13.17 11.83
CA LEU A 802 22.68 -13.39 13.07
C LEU A 802 21.94 -14.35 13.99
N HIS A 803 20.60 -14.24 14.04
CA HIS A 803 19.77 -15.07 14.90
C HIS A 803 18.33 -15.20 14.37
N ALA A 804 17.68 -16.33 14.69
CA ALA A 804 16.30 -16.62 14.34
C ALA A 804 15.56 -17.25 15.52
N HIS A 805 14.65 -16.50 16.16
CA HIS A 805 13.84 -17.03 17.26
C HIS A 805 12.54 -17.57 16.69
N GLN A 806 12.26 -18.86 16.87
CA GLN A 806 11.04 -19.46 16.37
C GLN A 806 9.97 -19.32 17.42
N PHE A 807 8.79 -18.82 17.04
CA PHE A 807 7.70 -18.66 18.00
C PHE A 807 6.96 -19.99 18.25
N LEU A 808 6.00 -20.02 19.19
CA LEU A 808 5.27 -21.24 19.51
C LEU A 808 4.51 -21.83 18.33
N GLN A 809 4.09 -23.10 18.46
CA GLN A 809 3.30 -23.75 17.40
C GLN A 809 1.93 -23.06 17.36
N ASN A 810 1.44 -22.70 16.16
CA ASN A 810 0.16 -21.99 16.03
C ASN A 810 0.18 -20.52 16.50
N GLU A 811 1.34 -20.03 16.94
CA GLU A 811 1.47 -18.64 17.37
C GLU A 811 1.78 -17.80 16.16
N TYR A 812 1.05 -16.71 16.01
CA TYR A 812 1.17 -15.79 14.88
C TYR A 812 1.76 -14.47 15.35
N ALA A 813 2.99 -14.14 14.92
CA ALA A 813 3.63 -12.87 15.29
C ALA A 813 3.00 -11.75 14.45
N LEU A 814 2.41 -10.73 15.07
CA LEU A 814 1.68 -9.69 14.36
C LEU A 814 2.32 -8.31 14.38
N SER A 815 2.93 -7.93 15.51
CA SER A 815 3.48 -6.60 15.67
C SER A 815 4.90 -6.61 16.21
N LEU A 816 5.68 -5.57 15.88
CA LEU A 816 7.06 -5.50 16.31
C LEU A 816 7.48 -4.06 16.59
N VAL A 817 8.19 -3.84 17.71
CA VAL A 817 8.76 -2.54 18.06
C VAL A 817 10.17 -2.72 18.58
N SER A 818 11.01 -1.68 18.43
CA SER A 818 12.36 -1.67 18.99
C SER A 818 12.43 -0.40 19.81
N CYS A 819 12.60 -0.52 21.14
CA CYS A 819 12.55 0.68 21.99
C CYS A 819 13.11 0.48 23.39
N LYS A 820 13.35 1.62 24.07
CA LYS A 820 13.75 1.76 25.46
C LYS A 820 12.45 2.06 26.23
N LEU A 821 12.24 1.40 27.35
CA LEU A 821 11.05 1.60 28.17
C LEU A 821 11.44 1.98 29.57
N GLY A 822 10.66 2.86 30.19
CA GLY A 822 10.85 3.31 31.56
C GLY A 822 12.23 3.88 31.83
N LYS A 823 12.82 3.44 32.97
CA LYS A 823 14.15 3.88 33.39
C LYS A 823 15.27 2.89 32.98
N ASP A 824 14.93 1.87 32.19
CA ASP A 824 15.84 0.82 31.71
C ASP A 824 16.62 1.31 30.51
N PRO A 825 17.97 1.26 30.59
CA PRO A 825 18.79 1.77 29.48
C PRO A 825 18.86 0.86 28.25
N ASN A 826 18.51 -0.43 28.42
CA ASN A 826 18.54 -1.42 27.33
C ASN A 826 17.55 -1.13 26.23
N THR A 827 17.85 -1.58 25.01
CA THR A 827 16.93 -1.44 23.89
C THR A 827 16.41 -2.83 23.56
N TYR A 828 15.10 -2.98 23.50
CA TYR A 828 14.49 -4.27 23.30
C TYR A 828 13.76 -4.41 21.98
N PHE A 829 13.57 -5.66 21.55
CA PHE A 829 12.76 -6.02 20.40
C PHE A 829 11.51 -6.58 21.05
N ILE A 830 10.38 -5.90 20.90
CA ILE A 830 9.14 -6.33 21.53
C ILE A 830 8.20 -6.88 20.45
N VAL A 831 7.67 -8.10 20.63
CA VAL A 831 6.81 -8.73 19.63
C VAL A 831 5.44 -8.98 20.22
N GLY A 832 4.41 -8.69 19.43
CA GLY A 832 3.04 -8.96 19.84
C GLY A 832 2.50 -10.09 19.01
N THR A 833 2.03 -11.16 19.68
CA THR A 833 1.55 -12.38 19.00
C THR A 833 0.03 -12.64 19.21
N ALA A 834 -0.50 -13.71 18.57
CA ALA A 834 -1.85 -14.21 18.72
C ALA A 834 -1.80 -15.72 18.59
N MET A 835 -2.66 -16.46 19.30
CA MET A 835 -2.73 -17.90 19.16
C MET A 835 -3.83 -18.17 18.15
N VAL A 836 -3.51 -18.89 17.08
CA VAL A 836 -4.46 -19.08 15.99
C VAL A 836 -4.90 -20.52 15.84
N TYR A 837 -6.17 -20.77 16.16
CA TYR A 837 -6.73 -22.12 16.04
C TYR A 837 -7.83 -22.11 15.00
N PRO A 838 -7.78 -23.04 14.03
CA PRO A 838 -8.80 -23.04 12.96
C PRO A 838 -10.24 -23.15 13.47
N GLU A 839 -10.42 -23.80 14.61
CA GLU A 839 -11.72 -23.99 15.25
C GLU A 839 -12.18 -22.78 16.08
N GLU A 840 -11.35 -21.73 16.22
CA GLU A 840 -11.75 -20.54 16.97
C GLU A 840 -11.66 -19.31 16.08
N ALA A 841 -12.80 -18.62 15.88
CA ALA A 841 -12.84 -17.45 15.01
C ALA A 841 -12.09 -16.25 15.60
N GLU A 842 -12.46 -15.78 16.80
CA GLU A 842 -11.79 -14.64 17.41
C GLU A 842 -10.63 -15.14 18.29
N PRO A 843 -9.48 -14.44 18.27
CA PRO A 843 -8.34 -14.89 19.09
C PRO A 843 -8.59 -14.69 20.58
N LYS A 844 -8.50 -15.79 21.34
CA LYS A 844 -8.73 -15.76 22.79
C LYS A 844 -7.44 -15.68 23.62
N GLN A 845 -6.29 -15.92 23.01
CA GLN A 845 -5.01 -15.83 23.69
C GLN A 845 -3.93 -15.29 22.75
N GLY A 846 -2.90 -14.73 23.36
CA GLY A 846 -1.74 -14.14 22.71
C GLY A 846 -0.79 -13.59 23.75
N ARG A 847 0.40 -13.12 23.33
CA ARG A 847 1.35 -12.57 24.30
C ARG A 847 2.27 -11.45 23.77
N ILE A 848 2.94 -10.75 24.69
CA ILE A 848 3.92 -9.74 24.37
C ILE A 848 5.27 -10.25 24.90
N VAL A 849 6.21 -10.57 24.02
CA VAL A 849 7.53 -11.03 24.44
C VAL A 849 8.54 -9.91 24.29
N VAL A 850 9.28 -9.65 25.36
CA VAL A 850 10.35 -8.65 25.33
C VAL A 850 11.69 -9.38 25.11
N PHE A 851 12.36 -9.11 23.98
CA PHE A 851 13.64 -9.74 23.68
C PHE A 851 14.76 -8.72 23.78
N GLN A 852 15.97 -9.19 24.10
CA GLN A 852 17.15 -8.35 24.11
C GLN A 852 18.21 -8.99 23.24
N TYR A 853 18.70 -8.24 22.24
CA TYR A 853 19.78 -8.72 21.40
C TYR A 853 21.11 -8.25 21.98
N SER A 854 21.64 -9.06 22.89
CA SER A 854 22.87 -8.78 23.60
C SER A 854 23.93 -9.74 23.14
N ASP A 855 25.15 -9.24 22.95
CA ASP A 855 26.27 -10.04 22.47
C ASP A 855 25.82 -10.63 21.14
N GLY A 856 25.90 -11.94 21.01
CA GLY A 856 25.48 -12.58 19.79
C GLY A 856 24.18 -13.34 19.80
N LYS A 857 23.42 -13.29 20.88
CA LYS A 857 22.17 -14.05 20.93
C LYS A 857 20.95 -13.30 21.45
N LEU A 858 19.78 -13.81 21.11
CA LEU A 858 18.54 -13.18 21.55
C LEU A 858 18.13 -13.79 22.88
N GLN A 859 17.80 -12.94 23.86
CA GLN A 859 17.39 -13.44 25.17
C GLN A 859 15.99 -12.97 25.48
N THR A 860 15.13 -13.85 26.01
CA THR A 860 13.77 -13.46 26.39
C THR A 860 13.83 -12.83 27.77
N VAL A 861 13.64 -11.52 27.84
CA VAL A 861 13.70 -10.79 29.09
C VAL A 861 12.40 -10.95 29.85
N ALA A 862 11.29 -10.71 29.17
CA ALA A 862 9.97 -10.77 29.77
C ALA A 862 8.96 -11.32 28.78
N GLU A 863 7.88 -11.86 29.30
CA GLU A 863 6.80 -12.42 28.53
C GLU A 863 5.53 -11.95 29.26
N LYS A 864 4.51 -11.50 28.52
CA LYS A 864 3.28 -11.03 29.14
C LYS A 864 2.11 -11.68 28.44
N GLU A 865 1.28 -12.44 29.17
CA GLU A 865 0.15 -13.11 28.55
C GLU A 865 -1.07 -12.22 28.55
N VAL A 866 -1.63 -12.01 27.36
CA VAL A 866 -2.83 -11.20 27.16
C VAL A 866 -3.94 -12.13 26.63
N LYS A 867 -5.20 -11.73 26.75
CA LYS A 867 -6.30 -12.60 26.33
C LYS A 867 -6.83 -12.17 24.97
N GLY A 868 -5.94 -12.08 24.00
CA GLY A 868 -6.33 -11.72 22.66
C GLY A 868 -5.16 -11.50 21.72
N ALA A 869 -5.45 -11.00 20.51
CA ALA A 869 -4.44 -10.75 19.49
C ALA A 869 -3.83 -9.38 19.66
N VAL A 870 -2.48 -9.30 19.69
CA VAL A 870 -1.80 -8.02 19.80
C VAL A 870 -1.57 -7.47 18.38
N TYR A 871 -2.60 -6.85 17.79
CA TYR A 871 -2.53 -6.34 16.43
C TYR A 871 -1.54 -5.23 16.23
N SER A 872 -1.40 -4.36 17.22
CA SER A 872 -0.49 -3.21 17.13
C SER A 872 0.18 -2.90 18.46
N MET A 873 1.35 -2.29 18.35
CA MET A 873 2.14 -1.83 19.45
C MET A 873 2.87 -0.58 19.01
N VAL A 874 3.06 0.34 19.93
CA VAL A 874 3.80 1.56 19.68
C VAL A 874 4.39 2.08 21.00
N GLU A 875 5.66 2.52 21.00
CA GLU A 875 6.26 3.09 22.19
C GLU A 875 5.59 4.43 22.43
N PHE A 876 4.99 4.59 23.61
CA PHE A 876 4.26 5.79 24.01
C PHE A 876 4.90 6.41 25.25
N ASN A 877 5.70 7.47 25.07
CA ASN A 877 6.37 8.20 26.15
C ASN A 877 7.04 7.31 27.22
N GLY A 878 7.88 6.39 26.78
CA GLY A 878 8.59 5.49 27.69
C GLY A 878 7.74 4.34 28.22
N LYS A 879 6.49 4.24 27.78
CA LYS A 879 5.56 3.18 28.15
C LYS A 879 5.20 2.40 26.88
N LEU A 880 4.58 1.23 27.01
CA LEU A 880 4.21 0.44 25.85
C LEU A 880 2.70 0.53 25.59
N LEU A 881 2.31 1.07 24.44
CA LEU A 881 0.92 1.13 24.08
C LEU A 881 0.67 -0.07 23.18
N ALA A 882 -0.31 -0.91 23.55
CA ALA A 882 -0.63 -2.15 22.83
C ALA A 882 -2.11 -2.24 22.59
N SER A 883 -2.52 -2.74 21.43
CA SER A 883 -3.93 -2.91 21.11
C SER A 883 -4.26 -4.39 21.01
N ILE A 884 -4.95 -4.90 22.01
CA ILE A 884 -5.33 -6.31 22.08
C ILE A 884 -6.79 -6.36 21.78
N ASN A 885 -7.17 -7.03 20.70
CA ASN A 885 -8.55 -7.13 20.31
C ASN A 885 -9.15 -5.74 20.15
N SER A 886 -10.20 -5.48 20.91
CA SER A 886 -10.91 -4.22 20.88
C SER A 886 -10.48 -3.29 22.01
N THR A 887 -9.36 -3.60 22.64
CA THR A 887 -8.86 -2.82 23.75
C THR A 887 -7.52 -2.15 23.50
N VAL A 888 -7.36 -0.93 23.99
CA VAL A 888 -6.09 -0.23 23.90
C VAL A 888 -5.52 -0.22 25.32
N ARG A 889 -4.50 -1.03 25.57
CA ARG A 889 -3.88 -1.17 26.88
C ARG A 889 -2.54 -0.46 26.92
N LEU A 890 -2.25 0.26 28.02
CA LEU A 890 -0.97 0.94 28.19
C LEU A 890 -0.22 0.26 29.33
N TYR A 891 1.03 -0.14 29.09
CA TYR A 891 1.89 -0.84 30.03
C TYR A 891 3.07 -0.04 30.50
N GLU A 892 3.41 -0.17 31.76
CA GLU A 892 4.59 0.44 32.32
C GLU A 892 5.68 -0.62 32.44
N TRP A 893 6.95 -0.26 32.26
CA TRP A 893 8.06 -1.22 32.34
C TRP A 893 8.75 -1.00 33.68
N THR A 894 8.54 -1.91 34.63
CA THR A 894 9.06 -1.77 35.99
C THR A 894 10.55 -2.11 36.16
N THR A 895 11.15 -1.75 37.31
CA THR A 895 12.54 -2.11 37.62
C THR A 895 12.70 -3.63 37.81
N GLU A 896 11.62 -4.34 38.15
CA GLU A 896 11.67 -5.80 38.24
C GLU A 896 11.66 -6.45 36.83
N LYS A 897 11.77 -5.64 35.75
CA LYS A 897 11.76 -6.01 34.32
C LYS A 897 10.50 -6.77 33.95
N GLU A 898 9.34 -6.15 34.21
CA GLU A 898 8.02 -6.68 33.92
C GLU A 898 7.11 -5.57 33.38
N LEU A 899 6.14 -5.95 32.53
CA LEU A 899 5.17 -5.03 31.96
C LEU A 899 3.96 -5.03 32.88
N ARG A 900 3.74 -3.92 33.57
CA ARG A 900 2.64 -3.80 34.49
C ARG A 900 1.56 -2.91 33.86
N THR A 901 0.31 -3.39 33.76
CA THR A 901 -0.80 -2.64 33.16
C THR A 901 -1.12 -1.36 33.92
N GLU A 902 -1.30 -0.24 33.19
CA GLU A 902 -1.66 1.02 33.82
C GLU A 902 -3.15 1.34 33.57
N CYS A 903 -3.57 1.33 32.29
CA CYS A 903 -4.94 1.61 31.93
C CYS A 903 -5.36 0.88 30.66
N ASN A 904 -6.68 0.84 30.42
CA ASN A 904 -7.32 0.20 29.28
C ASN A 904 -8.29 1.15 28.60
N HIS A 905 -8.68 0.83 27.37
CA HIS A 905 -9.72 1.57 26.69
C HIS A 905 -10.51 0.61 25.88
N TYR A 906 -11.72 0.34 26.32
CA TYR A 906 -12.60 -0.60 25.69
C TYR A 906 -13.32 0.11 24.59
N ASN A 907 -12.85 -0.07 23.37
CA ASN A 907 -13.46 0.54 22.21
C ASN A 907 -14.53 -0.38 21.68
N ASN A 908 -15.50 0.19 20.98
CA ASN A 908 -16.51 -0.62 20.29
C ASN A 908 -15.95 -1.14 18.91
N ILE A 909 -14.67 -0.87 18.60
CA ILE A 909 -13.96 -1.28 17.38
C ILE A 909 -12.68 -2.05 17.73
N MET A 910 -12.22 -2.86 16.80
N MET A 910 -12.23 -2.88 16.79
CA MET A 910 -11.01 -3.63 16.94
CA MET A 910 -11.00 -3.65 16.96
C MET A 910 -9.84 -2.68 16.73
C MET A 910 -9.83 -2.70 16.74
N ALA A 911 -8.92 -2.60 17.70
CA ALA A 911 -7.79 -1.69 17.60
C ALA A 911 -6.71 -2.25 16.68
N LEU A 912 -6.93 -2.13 15.36
CA LEU A 912 -6.02 -2.65 14.34
C LEU A 912 -4.83 -1.74 14.09
N TYR A 913 -5.10 -0.43 13.91
CA TYR A 913 -4.08 0.57 13.61
C TYR A 913 -3.83 1.43 14.82
N LEU A 914 -2.55 1.70 15.15
CA LEU A 914 -2.20 2.53 16.29
C LEU A 914 -1.10 3.47 15.88
N LYS A 915 -1.34 4.77 16.02
CA LYS A 915 -0.32 5.78 15.73
C LYS A 915 -0.36 6.81 16.87
N THR A 916 0.80 7.33 17.29
CA THR A 916 0.84 8.30 18.37
C THR A 916 1.65 9.53 18.06
N LYS A 917 1.25 10.67 18.64
CA LYS A 917 1.95 11.94 18.52
C LYS A 917 1.80 12.60 19.87
N GLY A 918 2.87 12.66 20.64
CA GLY A 918 2.83 13.24 21.98
C GLY A 918 1.94 12.43 22.89
N ASP A 919 0.90 13.05 23.45
CA ASP A 919 -0.06 12.31 24.29
C ASP A 919 -1.33 11.92 23.52
N PHE A 920 -1.26 11.88 22.19
CA PHE A 920 -2.39 11.56 21.33
C PHE A 920 -2.27 10.17 20.74
N ILE A 921 -3.40 9.51 20.54
CA ILE A 921 -3.44 8.16 19.99
C ILE A 921 -4.47 8.12 18.87
N LEU A 922 -4.12 7.56 17.72
CA LEU A 922 -5.04 7.42 16.60
C LEU A 922 -5.33 5.94 16.43
N VAL A 923 -6.48 5.49 16.88
CA VAL A 923 -6.89 4.10 16.73
C VAL A 923 -7.71 3.96 15.45
N GLY A 924 -7.57 2.82 14.77
CA GLY A 924 -8.32 2.56 13.56
C GLY A 924 -8.65 1.09 13.38
N ASP A 925 -9.74 0.76 12.70
CA ASP A 925 -10.08 -0.63 12.41
C ASP A 925 -10.13 -0.87 10.87
N LEU A 926 -10.33 -2.13 10.43
CA LEU A 926 -10.39 -2.45 9.00
C LEU A 926 -11.52 -1.77 8.24
N MET A 927 -12.52 -1.23 8.95
CA MET A 927 -13.66 -0.61 8.31
C MET A 927 -13.67 0.90 8.39
N ARG A 928 -12.48 1.50 8.38
CA ARG A 928 -12.28 2.95 8.39
C ARG A 928 -12.95 3.66 9.58
N SER A 929 -12.87 3.02 10.74
CA SER A 929 -13.39 3.63 11.95
C SER A 929 -12.18 4.25 12.63
N VAL A 930 -12.08 5.57 12.52
CA VAL A 930 -11.00 6.31 13.12
C VAL A 930 -11.47 6.87 14.45
N LEU A 931 -10.69 6.64 15.51
CA LEU A 931 -11.00 7.11 16.85
C LEU A 931 -9.75 7.79 17.42
N LEU A 932 -9.91 8.93 18.06
CA LEU A 932 -8.80 9.73 18.59
C LEU A 932 -8.84 9.68 20.11
N LEU A 933 -7.73 9.31 20.74
CA LEU A 933 -7.66 9.24 22.21
C LEU A 933 -6.57 10.16 22.77
N ALA A 934 -6.72 10.58 24.01
CA ALA A 934 -5.73 11.41 24.68
C ALA A 934 -5.39 10.76 25.99
N TYR A 935 -4.11 10.51 26.23
CA TYR A 935 -3.72 9.94 27.50
C TYR A 935 -3.73 11.07 28.51
N LYS A 936 -4.53 10.93 29.57
CA LYS A 936 -4.63 11.92 30.63
C LYS A 936 -3.68 11.53 31.76
N PRO A 937 -2.48 12.15 31.85
CA PRO A 937 -1.48 11.71 32.85
C PRO A 937 -1.90 11.88 34.31
N MET A 938 -2.52 13.00 34.69
CA MET A 938 -2.99 13.17 36.06
C MET A 938 -4.19 12.28 36.41
N GLU A 939 -4.81 11.64 35.43
CA GLU A 939 -5.92 10.73 35.65
C GLU A 939 -5.53 9.26 35.46
N GLY A 940 -4.42 8.98 34.78
CA GLY A 940 -3.97 7.62 34.53
C GLY A 940 -4.79 6.84 33.53
N ASN A 941 -5.80 7.46 32.91
CA ASN A 941 -6.65 6.79 31.95
C ASN A 941 -6.62 7.51 30.57
N PHE A 942 -7.48 7.10 29.61
CA PHE A 942 -7.60 7.73 28.28
C PHE A 942 -8.91 8.46 28.18
N GLU A 943 -8.92 9.58 27.46
CA GLU A 943 -10.11 10.38 27.21
C GLU A 943 -10.30 10.37 25.72
N GLU A 944 -11.44 9.88 25.23
CA GLU A 944 -11.74 9.86 23.80
C GLU A 944 -12.00 11.29 23.37
N ILE A 945 -11.24 11.78 22.39
CA ILE A 945 -11.32 13.15 21.94
C ILE A 945 -12.31 13.34 20.79
N ALA A 946 -12.22 12.51 19.76
CA ALA A 946 -13.06 12.62 18.57
C ALA A 946 -13.16 11.27 17.85
N ARG A 947 -14.15 11.10 16.96
CA ARG A 947 -14.29 9.86 16.18
C ARG A 947 -14.97 10.14 14.84
N ASP A 948 -14.64 9.35 13.83
CA ASP A 948 -15.31 9.48 12.55
C ASP A 948 -15.52 8.08 12.05
N PHE A 949 -16.76 7.62 11.95
CA PHE A 949 -16.99 6.27 11.47
C PHE A 949 -17.58 6.32 10.09
N ASN A 950 -16.86 5.79 9.12
CA ASN A 950 -17.34 5.73 7.76
C ASN A 950 -17.07 4.33 7.30
N PRO A 951 -18.09 3.62 6.85
CA PRO A 951 -17.78 2.24 6.50
C PRO A 951 -17.15 2.07 5.13
N ASN A 952 -15.88 1.70 5.17
CA ASN A 952 -15.11 1.41 3.98
C ASN A 952 -13.89 0.64 4.41
N TRP A 953 -13.33 -0.20 3.54
CA TRP A 953 -12.08 -0.87 3.91
C TRP A 953 -10.89 0.09 4.04
N MET A 954 -10.16 0.04 5.17
CA MET A 954 -8.97 0.88 5.42
C MET A 954 -7.72 0.00 5.54
N SER A 955 -6.61 0.38 4.89
CA SER A 955 -5.38 -0.42 4.91
C SER A 955 -4.24 0.19 5.70
N ALA A 956 -4.28 1.49 5.93
CA ALA A 956 -3.22 2.18 6.66
C ALA A 956 -3.72 3.51 7.19
N VAL A 957 -3.09 3.99 8.27
CA VAL A 957 -3.34 5.30 8.88
C VAL A 957 -1.99 5.94 9.27
N GLU A 958 -1.99 7.27 9.40
CA GLU A 958 -0.83 8.04 9.83
C GLU A 958 -1.31 9.40 10.36
N ILE A 959 -0.56 9.98 11.31
CA ILE A 959 -0.85 11.28 11.89
C ILE A 959 0.06 12.29 11.24
N LEU A 960 -0.49 13.31 10.58
CA LEU A 960 0.29 14.35 9.93
C LEU A 960 0.69 15.45 10.98
N ASP A 961 -0.29 15.89 11.77
CA ASP A 961 -0.09 16.85 12.85
C ASP A 961 -1.14 16.60 13.96
N ASP A 962 -1.12 17.35 15.08
CA ASP A 962 -2.08 17.14 16.17
C ASP A 962 -3.55 17.17 15.71
N ASP A 963 -3.82 17.81 14.56
CA ASP A 963 -5.16 18.00 14.03
C ASP A 963 -5.50 17.13 12.83
N ASN A 964 -4.54 16.83 11.95
CA ASN A 964 -4.84 16.08 10.72
C ASN A 964 -4.31 14.65 10.70
N PHE A 965 -5.07 13.73 10.06
CA PHE A 965 -4.78 12.29 9.98
C PHE A 965 -5.05 11.71 8.56
N LEU A 966 -4.01 11.10 7.98
CA LEU A 966 -3.98 10.47 6.65
C LEU A 966 -4.34 8.99 6.75
N GLY A 967 -4.96 8.47 5.71
CA GLY A 967 -5.33 7.07 5.65
C GLY A 967 -5.53 6.59 4.22
N ALA A 968 -5.46 5.27 4.04
CA ALA A 968 -5.65 4.66 2.73
C ALA A 968 -6.93 3.81 2.79
N GLU A 969 -7.89 4.10 1.91
CA GLU A 969 -9.17 3.40 1.92
C GLU A 969 -9.57 2.88 0.54
N ASN A 970 -10.51 1.94 0.49
CA ASN A 970 -10.97 1.36 -0.76
C ASN A 970 -11.67 2.44 -1.60
N ALA A 971 -11.47 2.44 -2.93
CA ALA A 971 -10.62 1.53 -3.68
C ALA A 971 -9.41 2.32 -4.16
N PHE A 972 -8.21 2.04 -3.60
CA PHE A 972 -6.94 2.68 -3.99
C PHE A 972 -6.92 4.18 -3.73
N ASN A 973 -7.62 4.62 -2.69
CA ASN A 973 -7.70 6.03 -2.36
C ASN A 973 -6.93 6.38 -1.11
N LEU A 974 -6.67 7.69 -0.95
CA LEU A 974 -6.11 8.32 0.23
C LEU A 974 -7.17 9.29 0.74
N PHE A 975 -7.17 9.55 2.03
CA PHE A 975 -8.08 10.54 2.63
C PHE A 975 -7.41 11.25 3.81
N VAL A 976 -7.90 12.43 4.15
CA VAL A 976 -7.40 13.18 5.28
C VAL A 976 -8.60 13.66 6.09
N CYS A 977 -8.54 13.45 7.41
N CYS A 977 -8.58 13.43 7.40
CA CYS A 977 -9.58 13.90 8.35
CA CYS A 977 -9.62 13.96 8.28
C CYS A 977 -8.94 14.78 9.41
C CYS A 977 -8.99 14.74 9.44
N GLN A 978 -9.67 15.80 9.89
CA GLN A 978 -9.14 16.67 10.94
C GLN A 978 -10.10 17.01 12.06
N LYS A 979 -9.55 17.25 13.27
CA LYS A 979 -10.41 17.65 14.39
C LYS A 979 -10.79 19.10 14.21
N ASP A 980 -12.09 19.33 14.02
CA ASP A 980 -12.71 20.62 13.73
C ASP A 980 -12.33 21.74 14.73
N SER A 981 -12.04 22.95 14.20
CA SER A 981 -11.67 24.09 15.03
N ALA A 983 -15.67 24.68 16.31
CA ALA A 983 -15.33 24.19 17.65
C ALA A 983 -16.21 24.79 18.76
N THR A 984 -17.39 25.34 18.41
CA THR A 984 -18.30 25.95 19.39
C THR A 984 -18.98 24.91 20.31
N THR A 985 -19.57 23.86 19.71
CA THR A 985 -20.26 22.81 20.46
C THR A 985 -19.39 21.58 20.75
N ASP A 986 -19.81 20.72 21.70
CA ASP A 986 -19.10 19.49 22.03
C ASP A 986 -19.15 18.49 20.87
N GLU A 987 -20.25 18.49 20.09
CA GLU A 987 -20.42 17.62 18.92
C GLU A 987 -19.45 18.01 17.79
N GLU A 988 -19.11 19.31 17.67
CA GLU A 988 -18.16 19.77 16.66
C GLU A 988 -16.74 19.33 17.03
N ARG A 989 -16.39 19.45 18.31
CA ARG A 989 -15.08 19.08 18.83
C ARG A 989 -14.85 17.57 18.72
N GLN A 990 -15.88 16.76 19.00
CA GLN A 990 -15.82 15.30 18.99
C GLN A 990 -16.05 14.68 17.61
N HIS A 991 -15.98 15.46 16.54
CA HIS A 991 -16.19 14.93 15.21
C HIS A 991 -15.11 15.35 14.22
N LEU A 992 -14.51 14.37 13.55
CA LEU A 992 -13.48 14.63 12.59
C LEU A 992 -14.13 14.92 11.23
N GLN A 993 -13.71 16.01 10.58
CA GLN A 993 -14.26 16.42 9.29
C GLN A 993 -13.39 15.92 8.16
N GLU A 994 -14.00 15.37 7.10
CA GLU A 994 -13.22 14.89 5.97
C GLU A 994 -12.75 16.07 5.15
N VAL A 995 -11.44 16.34 5.14
CA VAL A 995 -10.92 17.50 4.42
C VAL A 995 -10.08 17.20 3.20
N GLY A 996 -9.88 15.93 2.87
CA GLY A 996 -9.06 15.54 1.73
C GLY A 996 -9.43 14.18 1.18
N LEU A 997 -9.58 14.08 -0.13
CA LEU A 997 -9.95 12.86 -0.84
C LEU A 997 -9.12 12.78 -2.11
N PHE A 998 -8.64 11.58 -2.50
CA PHE A 998 -7.79 11.43 -3.68
C PHE A 998 -7.69 9.97 -4.11
N HIS A 999 -7.88 9.69 -5.40
CA HIS A 999 -7.70 8.34 -5.91
C HIS A 999 -6.23 8.21 -6.31
N LEU A 1000 -5.46 7.47 -5.50
CA LEU A 1000 -4.03 7.28 -5.71
C LEU A 1000 -3.76 6.26 -6.81
N GLY A 1001 -4.54 5.19 -6.83
CA GLY A 1001 -4.34 4.12 -7.81
C GLY A 1001 -3.49 2.99 -7.25
N GLU A 1002 -3.00 3.13 -6.02
CA GLU A 1002 -2.17 2.13 -5.35
C GLU A 1002 -2.81 1.70 -4.03
N PHE A 1003 -2.38 0.56 -3.48
CA PHE A 1003 -2.90 0.06 -2.23
C PHE A 1003 -1.80 0.22 -1.22
N VAL A 1004 -1.91 1.21 -0.37
CA VAL A 1004 -0.89 1.48 0.65
C VAL A 1004 -0.95 0.46 1.79
N ASN A 1005 0.18 -0.19 2.09
CA ASN A 1005 0.31 -1.17 3.16
C ASN A 1005 0.97 -0.54 4.39
N VAL A 1006 1.85 0.45 4.19
CA VAL A 1006 2.60 1.04 5.28
C VAL A 1006 2.78 2.53 5.06
N PHE A 1007 2.61 3.29 6.13
CA PHE A 1007 2.87 4.72 6.16
C PHE A 1007 4.02 4.92 7.15
N CYS A 1008 4.98 5.80 6.83
CA CYS A 1008 6.03 6.11 7.80
C CYS A 1008 6.66 7.49 7.59
N HIS A 1009 6.84 8.24 8.67
CA HIS A 1009 7.50 9.53 8.60
C HIS A 1009 8.97 9.26 8.35
N GLY A 1010 9.59 10.06 7.50
CA GLY A 1010 11.00 9.89 7.22
C GLY A 1010 11.48 10.80 6.14
N SER A 1011 12.76 11.16 6.17
N SER A 1011 12.77 11.15 6.16
CA SER A 1011 13.35 12.00 5.14
CA SER A 1011 13.34 12.01 5.14
C SER A 1011 14.39 11.20 4.35
C SER A 1011 14.41 11.27 4.34
N LEU A 1012 14.16 11.05 3.04
CA LEU A 1012 15.06 10.34 2.16
C LEU A 1012 15.96 11.33 1.40
N VAL A 1013 15.39 12.49 1.03
CA VAL A 1013 16.13 13.57 0.36
C VAL A 1013 16.64 14.61 1.39
N MET A 1014 17.64 15.44 1.00
CA MET A 1014 18.24 16.45 1.87
C MET A 1014 17.29 17.61 2.21
N PRO A 1023 8.09 25.12 -0.32
CA PRO A 1023 6.64 24.99 -0.17
C PRO A 1023 6.17 23.69 0.48
N THR A 1024 7.08 22.78 0.85
CA THR A 1024 6.68 21.49 1.43
C THR A 1024 7.11 21.26 2.86
N GLN A 1025 6.15 21.15 3.78
CA GLN A 1025 6.48 20.90 5.19
C GLN A 1025 6.16 19.45 5.58
N GLY A 1026 7.15 18.75 6.15
CA GLY A 1026 6.95 17.41 6.62
C GLY A 1026 7.12 16.39 5.53
N SER A 1027 7.37 15.14 5.90
CA SER A 1027 7.50 14.09 4.92
C SER A 1027 6.92 12.76 5.37
N VAL A 1028 5.91 12.27 4.68
CA VAL A 1028 5.34 10.98 5.00
C VAL A 1028 5.49 10.09 3.78
N LEU A 1029 6.11 8.94 3.98
CA LEU A 1029 6.38 7.98 2.91
C LEU A 1029 5.38 6.82 2.93
N PHE A 1030 5.10 6.20 1.77
CA PHE A 1030 4.20 5.05 1.75
C PHE A 1030 4.66 3.93 0.79
N GLY A 1031 4.43 2.68 1.23
CA GLY A 1031 4.77 1.46 0.51
C GLY A 1031 3.50 0.82 -0.01
N THR A 1032 3.51 0.33 -1.24
CA THR A 1032 2.31 -0.21 -1.86
C THR A 1032 2.46 -1.67 -2.33
N VAL A 1033 1.35 -2.34 -2.65
CA VAL A 1033 1.35 -3.71 -3.16
C VAL A 1033 2.14 -3.81 -4.47
N ASN A 1034 2.05 -2.79 -5.34
CA ASN A 1034 2.76 -2.83 -6.63
C ASN A 1034 4.24 -2.45 -6.55
N GLY A 1035 4.75 -2.13 -5.38
CA GLY A 1035 6.16 -1.75 -5.22
C GLY A 1035 6.46 -0.29 -5.44
N MET A 1036 5.42 0.53 -5.48
CA MET A 1036 5.53 1.95 -5.66
C MET A 1036 5.76 2.58 -4.28
N ILE A 1037 6.68 3.54 -4.20
CA ILE A 1037 6.94 4.29 -2.96
C ILE A 1037 6.54 5.73 -3.28
N GLY A 1038 5.73 6.30 -2.42
CA GLY A 1038 5.26 7.67 -2.61
C GLY A 1038 5.55 8.57 -1.44
N LEU A 1039 5.37 9.85 -1.62
CA LEU A 1039 5.62 10.85 -0.59
C LEU A 1039 4.44 11.82 -0.50
N VAL A 1040 3.96 12.08 0.70
CA VAL A 1040 2.87 13.01 0.99
C VAL A 1040 3.45 14.10 1.90
N THR A 1041 3.33 15.36 1.48
CA THR A 1041 3.86 16.46 2.24
C THR A 1041 2.84 17.60 2.34
N SER A 1042 2.99 18.52 3.31
CA SER A 1042 2.02 19.59 3.50
C SER A 1042 2.30 20.85 2.70
N LEU A 1043 1.24 21.53 2.30
CA LEU A 1043 1.31 22.79 1.58
C LEU A 1043 0.58 23.89 2.37
N SER A 1044 0.95 25.15 2.13
CA SER A 1044 0.21 26.28 2.68
C SER A 1044 -1.06 26.46 1.80
N GLU A 1045 -2.04 27.23 2.27
CA GLU A 1045 -3.26 27.48 1.49
C GLU A 1045 -2.92 28.23 0.19
N SER A 1046 -1.93 29.13 0.22
CA SER A 1046 -1.46 29.87 -0.94
C SER A 1046 -0.83 28.90 -1.96
N TRP A 1047 0.07 28.00 -1.50
CA TRP A 1047 0.70 27.03 -2.39
C TRP A 1047 -0.30 26.06 -2.98
N TYR A 1048 -1.22 25.56 -2.18
CA TYR A 1048 -2.25 24.64 -2.65
C TYR A 1048 -3.13 25.33 -3.71
N ASN A 1049 -3.48 26.59 -3.52
CA ASN A 1049 -4.32 27.32 -4.46
C ASN A 1049 -3.62 27.58 -5.80
N LEU A 1050 -2.33 27.96 -5.76
CA LEU A 1050 -1.57 28.19 -6.98
C LEU A 1050 -1.42 26.89 -7.80
N LEU A 1051 -1.01 25.78 -7.13
CA LEU A 1051 -0.83 24.45 -7.74
C LEU A 1051 -2.16 23.88 -8.23
N LEU A 1052 -3.25 24.16 -7.52
CA LEU A 1052 -4.57 23.72 -7.94
C LEU A 1052 -4.98 24.42 -9.26
N ASP A 1053 -4.71 25.75 -9.38
CA ASP A 1053 -5.02 26.44 -10.65
C ASP A 1053 -4.13 25.90 -11.74
N MET A 1054 -2.83 25.72 -11.43
CA MET A 1054 -1.84 25.19 -12.35
C MET A 1054 -2.19 23.84 -12.86
N GLN A 1055 -2.83 22.98 -12.05
CA GLN A 1055 -3.24 21.65 -12.46
C GLN A 1055 -4.32 21.76 -13.52
N ASN A 1056 -5.34 22.60 -13.26
CA ASN A 1056 -6.45 22.82 -14.18
C ASN A 1056 -6.00 23.43 -15.50
N ARG A 1057 -4.91 24.20 -15.48
CA ARG A 1057 -4.37 24.75 -16.68
C ARG A 1057 -3.49 23.70 -17.41
N LEU A 1058 -2.75 22.88 -16.66
CA LEU A 1058 -1.94 21.78 -17.19
C LEU A 1058 -2.80 20.75 -17.87
N ASN A 1059 -3.98 20.43 -17.30
CA ASN A 1059 -4.93 19.45 -17.86
C ASN A 1059 -5.44 19.82 -19.24
N LYS A 1060 -5.40 21.11 -19.60
CA LYS A 1060 -5.81 21.54 -20.93
C LYS A 1060 -4.70 21.48 -21.98
N VAL A 1061 -3.43 21.28 -21.55
CA VAL A 1061 -2.23 21.23 -22.39
C VAL A 1061 -1.66 19.81 -22.53
N ILE A 1062 -1.58 19.04 -21.41
CA ILE A 1062 -1.03 17.68 -21.41
C ILE A 1062 -1.88 16.71 -22.28
N LYS A 1063 -1.24 15.99 -23.21
CA LYS A 1063 -1.95 15.01 -24.02
C LYS A 1063 -2.13 13.75 -23.15
N SER A 1064 -3.36 13.25 -23.05
CA SER A 1064 -3.64 12.09 -22.23
C SER A 1064 -3.81 10.82 -23.07
N VAL A 1065 -3.02 9.75 -22.79
CA VAL A 1065 -3.13 8.46 -23.50
C VAL A 1065 -4.53 7.89 -23.22
N GLY A 1066 -5.28 7.61 -24.28
CA GLY A 1066 -6.64 7.10 -24.15
C GLY A 1066 -7.68 8.19 -23.91
N LYS A 1067 -7.24 9.47 -23.90
CA LYS A 1067 -8.04 10.67 -23.70
C LYS A 1067 -8.87 10.60 -22.44
N ILE A 1068 -8.26 10.11 -21.35
CA ILE A 1068 -8.93 10.05 -20.04
C ILE A 1068 -8.70 11.38 -19.33
N GLU A 1069 -9.73 11.96 -18.70
CA GLU A 1069 -9.56 13.22 -17.96
C GLU A 1069 -8.79 12.97 -16.66
N HIS A 1070 -7.84 13.84 -16.32
CA HIS A 1070 -7.06 13.69 -15.07
C HIS A 1070 -7.98 13.73 -13.86
N SER A 1071 -8.97 14.63 -13.88
N SER A 1071 -8.97 14.63 -13.88
CA SER A 1071 -9.93 14.81 -12.80
CA SER A 1071 -9.94 14.82 -12.81
C SER A 1071 -10.80 13.58 -12.61
C SER A 1071 -10.80 13.59 -12.62
N PHE A 1072 -11.10 12.86 -13.71
CA PHE A 1072 -11.89 11.64 -13.63
C PHE A 1072 -11.05 10.58 -12.90
N TRP A 1073 -9.78 10.42 -13.31
CA TRP A 1073 -8.81 9.51 -12.75
C TRP A 1073 -8.60 9.76 -11.25
N ARG A 1074 -8.34 11.01 -10.87
CA ARG A 1074 -8.06 11.33 -9.49
C ARG A 1074 -9.25 11.37 -8.58
N SER A 1075 -10.49 11.38 -9.11
CA SER A 1075 -11.70 11.43 -8.29
C SER A 1075 -11.77 10.26 -7.35
N PHE A 1076 -12.11 10.50 -6.07
CA PHE A 1076 -12.25 9.46 -5.05
C PHE A 1076 -13.23 8.39 -5.56
N HIS A 1077 -12.81 7.12 -5.53
CA HIS A 1077 -13.61 6.08 -6.13
C HIS A 1077 -13.81 4.79 -5.32
N THR A 1078 -15.08 4.37 -5.29
CA THR A 1078 -15.62 3.10 -4.80
C THR A 1078 -16.63 2.65 -5.90
N GLU A 1079 -17.04 1.37 -5.91
CA GLU A 1079 -18.00 0.90 -6.93
C GLU A 1079 -19.41 1.53 -6.75
N ARG A 1080 -19.71 2.03 -5.54
CA ARG A 1080 -21.01 2.64 -5.27
C ARG A 1080 -21.04 4.18 -5.51
N LYS A 1081 -19.96 4.89 -5.11
CA LYS A 1081 -19.92 6.35 -5.24
C LYS A 1081 -18.59 6.92 -5.77
N THR A 1082 -18.66 8.13 -6.35
CA THR A 1082 -17.50 8.83 -6.89
C THR A 1082 -17.65 10.36 -6.67
N GLU A 1083 -16.73 10.92 -5.88
CA GLU A 1083 -16.67 12.35 -5.56
C GLU A 1083 -15.35 12.90 -6.07
N PRO A 1084 -15.28 14.18 -6.49
CA PRO A 1084 -13.99 14.72 -6.95
C PRO A 1084 -12.89 14.75 -5.86
N ALA A 1085 -11.65 14.88 -6.30
CA ALA A 1085 -10.52 14.94 -5.40
C ALA A 1085 -10.41 16.34 -4.78
N THR A 1086 -10.15 16.35 -3.48
CA THR A 1086 -10.00 17.58 -2.75
C THR A 1086 -8.81 17.51 -1.78
N GLY A 1087 -8.21 18.63 -1.50
CA GLY A 1087 -7.11 18.72 -0.57
C GLY A 1087 -5.82 18.01 -0.96
N PHE A 1088 -5.73 17.54 -2.21
CA PHE A 1088 -4.52 16.86 -2.69
C PHE A 1088 -4.06 17.38 -4.05
N ILE A 1089 -2.77 17.71 -4.14
CA ILE A 1089 -2.12 18.15 -5.37
C ILE A 1089 -1.29 16.98 -5.87
N ASP A 1090 -1.50 16.58 -7.12
CA ASP A 1090 -0.81 15.50 -7.82
C ASP A 1090 0.54 16.04 -8.32
N GLY A 1091 1.59 15.73 -7.58
CA GLY A 1091 2.95 16.16 -7.92
C GLY A 1091 3.46 15.56 -9.21
N ASP A 1092 2.99 14.37 -9.58
CA ASP A 1092 3.35 13.76 -10.85
C ASP A 1092 2.84 14.61 -12.01
N LEU A 1093 1.69 15.26 -11.84
CA LEU A 1093 1.13 16.14 -12.84
C LEU A 1093 1.86 17.49 -12.79
N ILE A 1094 2.04 18.09 -11.61
CA ILE A 1094 2.76 19.36 -11.49
C ILE A 1094 4.16 19.29 -12.11
N GLU A 1095 4.90 18.20 -11.86
CA GLU A 1095 6.24 18.03 -12.42
C GLU A 1095 6.28 17.90 -13.93
N SER A 1096 5.15 17.54 -14.55
CA SER A 1096 5.06 17.44 -16.00
C SER A 1096 5.10 18.83 -16.69
N PHE A 1097 4.91 19.93 -15.92
CA PHE A 1097 5.04 21.29 -16.44
C PHE A 1097 6.44 21.50 -17.03
N LEU A 1098 7.47 20.85 -16.44
CA LEU A 1098 8.83 20.98 -16.91
C LEU A 1098 9.08 20.38 -18.28
N ASP A 1099 8.18 19.50 -18.74
CA ASP A 1099 8.33 18.81 -20.01
C ASP A 1099 7.47 19.39 -21.14
N ILE A 1100 6.82 20.55 -20.94
CA ILE A 1100 6.00 21.14 -21.99
C ILE A 1100 6.76 22.23 -22.76
N SER A 1101 6.26 22.60 -23.95
CA SER A 1101 6.91 23.60 -24.77
C SER A 1101 6.91 24.96 -24.08
N ARG A 1102 7.86 25.80 -24.47
CA ARG A 1102 7.98 27.13 -23.90
C ARG A 1102 6.68 27.96 -24.08
N PRO A 1103 6.02 27.98 -25.28
CA PRO A 1103 4.77 28.76 -25.38
C PRO A 1103 3.61 28.16 -24.56
N LYS A 1104 3.60 26.82 -24.45
CA LYS A 1104 2.58 26.14 -23.64
C LYS A 1104 2.75 26.41 -22.14
N MET A 1105 4.00 26.67 -21.69
CA MET A 1105 4.28 27.05 -20.31
C MET A 1105 3.67 28.40 -20.00
N GLN A 1106 3.63 29.33 -20.97
CA GLN A 1106 3.02 30.64 -20.75
C GLN A 1106 1.48 30.60 -20.78
N GLU A 1107 0.91 29.64 -21.52
CA GLU A 1107 -0.52 29.39 -21.57
C GLU A 1107 -0.96 28.94 -20.16
N VAL A 1108 -0.21 27.99 -19.56
CA VAL A 1108 -0.45 27.46 -18.23
C VAL A 1108 -0.37 28.55 -17.14
N VAL A 1109 0.60 29.47 -17.23
CA VAL A 1109 0.79 30.49 -16.20
C VAL A 1109 0.21 31.87 -16.55
N ALA A 1110 -0.60 31.96 -17.61
CA ALA A 1110 -1.20 33.19 -18.13
C ALA A 1110 -1.77 34.16 -17.08
N ASN A 1111 -2.72 33.73 -16.22
CA ASN A 1111 -3.27 34.64 -15.21
C ASN A 1111 -3.08 34.13 -13.78
N LEU A 1112 -2.05 33.29 -13.56
CA LEU A 1112 -1.74 32.78 -12.23
C LEU A 1112 -1.22 33.93 -11.34
N GLN A 1113 -1.40 33.81 -10.03
CA GLN A 1113 -0.96 34.84 -9.10
C GLN A 1113 0.19 34.33 -8.24
N TYR A 1114 1.41 34.69 -8.60
CA TYR A 1114 2.60 34.25 -7.87
C TYR A 1114 2.83 35.08 -6.61
N ASP A 1115 2.79 34.40 -5.44
CA ASP A 1115 3.01 35.09 -4.17
C ASP A 1115 4.48 35.02 -3.78
N ASP A 1116 5.13 36.18 -3.65
CA ASP A 1116 6.53 36.23 -3.24
C ASP A 1116 6.66 36.66 -1.75
N GLY A 1117 5.98 35.91 -0.87
CA GLY A 1117 6.00 36.10 0.58
C GLY A 1117 5.51 37.44 1.09
N SER A 1118 4.45 37.99 0.48
CA SER A 1118 3.92 39.29 0.90
C SER A 1118 2.40 39.46 0.73
N GLY A 1119 1.79 38.49 0.08
CA GLY A 1119 0.36 38.53 -0.21
C GLY A 1119 0.10 39.32 -1.47
N MET A 1120 1.14 39.92 -2.02
CA MET A 1120 1.04 40.72 -3.21
C MET A 1120 1.28 39.87 -4.44
N LYS A 1121 0.20 39.31 -4.94
CA LYS A 1121 0.27 38.48 -6.12
C LYS A 1121 0.54 39.30 -7.37
N ARG A 1122 1.26 38.72 -8.30
CA ARG A 1122 1.54 39.35 -9.59
C ARG A 1122 1.30 38.33 -10.73
N GLU A 1123 1.43 38.76 -11.99
CA GLU A 1123 1.32 37.86 -13.12
C GLU A 1123 2.53 36.89 -13.04
N ALA A 1124 2.25 35.59 -12.92
CA ALA A 1124 3.30 34.60 -12.81
C ALA A 1124 3.94 34.37 -14.18
N THR A 1125 5.26 34.15 -14.21
CA THR A 1125 5.95 33.88 -15.49
C THR A 1125 6.35 32.39 -15.57
N ALA A 1126 6.76 31.91 -16.77
CA ALA A 1126 7.22 30.55 -16.97
C ALA A 1126 8.47 30.29 -16.11
N ASP A 1127 9.37 31.26 -16.04
CA ASP A 1127 10.60 31.13 -15.24
C ASP A 1127 10.35 31.07 -13.74
N ASP A 1128 9.27 31.68 -13.26
CA ASP A 1128 8.89 31.63 -11.85
C ASP A 1128 8.46 30.21 -11.51
N LEU A 1129 7.62 29.60 -12.36
CA LEU A 1129 7.14 28.24 -12.10
C LEU A 1129 8.15 27.17 -12.47
N ILE A 1130 9.18 27.49 -13.27
CA ILE A 1130 10.25 26.53 -13.55
C ILE A 1130 11.03 26.38 -12.23
N LYS A 1131 11.42 27.49 -11.61
CA LYS A 1131 12.11 27.48 -10.32
C LYS A 1131 11.29 26.76 -9.22
N VAL A 1132 9.98 26.99 -9.16
CA VAL A 1132 9.07 26.40 -8.19
C VAL A 1132 8.96 24.89 -8.40
N VAL A 1133 8.68 24.46 -9.63
CA VAL A 1133 8.52 23.04 -9.91
C VAL A 1133 9.85 22.30 -9.80
N GLU A 1134 10.95 22.93 -10.20
CA GLU A 1134 12.29 22.33 -10.09
C GLU A 1134 12.65 22.05 -8.66
N GLU A 1135 12.27 22.93 -7.72
CA GLU A 1135 12.56 22.69 -6.32
C GLU A 1135 11.65 21.59 -5.75
N LEU A 1136 10.42 21.44 -6.31
CA LEU A 1136 9.48 20.37 -5.94
C LEU A 1136 10.02 19.01 -6.34
N THR A 1137 10.77 18.91 -7.44
CA THR A 1137 11.38 17.64 -7.87
C THR A 1137 12.51 17.19 -6.92
N ARG A 1138 13.15 18.15 -6.21
CA ARG A 1138 14.23 17.85 -5.28
C ARG A 1138 13.75 17.30 -3.94
N ILE A 1139 12.43 17.16 -3.73
CA ILE A 1139 11.91 16.66 -2.45
C ILE A 1139 11.84 15.12 -2.38
N HIS A 1140 12.01 14.43 -3.54
CA HIS A 1140 11.94 12.97 -3.66
C HIS A 1140 12.96 12.44 -4.69
N TRP A 1141 13.17 11.11 -4.73
CA TRP A 1141 14.09 10.45 -5.68
C TRP A 1141 13.67 10.71 -7.13
N SER A 1142 14.65 10.94 -8.02
CA SER A 1142 14.35 11.18 -9.44
C SER A 1142 14.07 9.88 -10.20
N HIS A 1143 13.25 9.97 -11.25
CA HIS A 1143 12.88 8.78 -12.02
C HIS A 1143 13.84 8.50 -13.15
N PRO A 1144 14.26 7.23 -13.32
CA PRO A 1144 15.18 6.90 -14.42
C PRO A 1144 14.55 7.08 -15.79
N GLN A 1145 15.38 7.36 -16.79
CA GLN A 1145 14.90 7.46 -18.16
C GLN A 1145 14.73 6.03 -18.66
N PHE A 1146 13.57 5.73 -19.24
CA PHE A 1146 13.32 4.37 -19.74
C PHE A 1146 14.12 4.12 -21.03
N GLU A 1147 13.74 4.83 -22.12
CA GLU A 1147 14.31 4.77 -23.46
C GLU A 1147 15.78 5.00 -23.47
N LYS A 1148 16.51 4.22 -24.28
CA LYS A 1148 17.96 4.37 -24.40
C LYS A 1148 18.31 5.76 -25.05
N PRO B 9 -38.16 -30.02 23.88
CA PRO B 9 -39.42 -29.35 23.48
C PRO B 9 -39.64 -29.38 21.97
N ASN B 10 -40.92 -29.41 21.53
CA ASN B 10 -41.25 -29.46 20.10
C ASN B 10 -42.55 -28.71 19.78
N ILE B 11 -42.66 -28.17 18.54
CA ILE B 11 -43.87 -27.46 18.13
C ILE B 11 -44.84 -28.36 17.35
N ILE B 12 -45.85 -28.90 18.03
CA ILE B 12 -46.84 -29.78 17.43
C ILE B 12 -48.23 -29.16 17.54
N ASN B 13 -49.04 -29.27 16.48
CA ASN B 13 -50.39 -28.72 16.41
C ASN B 13 -50.44 -27.20 16.47
N PHE B 14 -49.36 -26.51 16.03
CA PHE B 14 -49.35 -25.06 15.96
C PHE B 14 -48.72 -24.59 14.66
N ASP B 15 -49.52 -23.90 13.84
CA ASP B 15 -49.08 -23.37 12.56
C ASP B 15 -48.22 -22.13 12.83
N THR B 16 -46.90 -22.27 12.75
CA THR B 16 -45.98 -21.15 13.00
C THR B 16 -46.15 -19.97 12.03
N SER B 17 -46.94 -20.14 10.96
CA SER B 17 -47.22 -19.06 10.02
C SER B 17 -48.37 -18.16 10.52
N LEU B 18 -49.22 -18.66 11.44
CA LEU B 18 -50.34 -17.92 12.03
C LEU B 18 -49.93 -16.59 12.69
N PRO B 19 -48.93 -16.53 13.62
CA PRO B 19 -48.60 -15.24 14.25
C PRO B 19 -48.16 -14.16 13.28
N THR B 20 -47.55 -14.55 12.17
CA THR B 20 -47.07 -13.62 11.15
C THR B 20 -48.23 -12.99 10.33
N SER B 21 -49.39 -13.66 10.28
CA SER B 21 -50.57 -13.22 9.54
C SER B 21 -51.33 -12.10 10.25
N HIS B 22 -51.18 -11.98 11.59
CA HIS B 22 -51.87 -11.00 12.41
C HIS B 22 -53.36 -11.16 12.26
N THR B 23 -53.85 -12.39 12.48
CA THR B 23 -55.26 -12.74 12.31
C THR B 23 -56.17 -12.07 13.35
N TYR B 24 -55.63 -11.75 14.54
CA TYR B 24 -56.38 -11.06 15.59
C TYR B 24 -56.93 -9.71 15.13
N LEU B 25 -56.31 -9.16 14.09
CA LEU B 25 -56.68 -7.90 13.50
C LEU B 25 -58.06 -7.93 12.88
N GLY B 26 -58.39 -9.03 12.24
CA GLY B 26 -59.70 -9.11 11.63
C GLY B 26 -59.70 -9.77 10.28
N ALA B 27 -60.68 -9.37 9.49
CA ALA B 27 -60.91 -9.88 8.13
C ALA B 27 -59.85 -9.43 7.15
N ASP B 28 -59.83 -10.09 6.00
CA ASP B 28 -58.83 -9.81 4.98
C ASP B 28 -58.82 -8.34 4.62
N MET B 29 -57.62 -7.81 4.60
CA MET B 29 -57.38 -6.39 4.37
C MET B 29 -56.96 -6.16 2.90
N GLU B 30 -57.20 -4.94 2.37
CA GLU B 30 -56.79 -4.60 1.01
C GLU B 30 -55.26 -4.58 0.97
N GLU B 31 -54.64 -5.27 -0.01
CA GLU B 31 -53.19 -5.28 -0.11
C GLU B 31 -52.63 -4.30 -1.15
N PHE B 32 -51.43 -3.81 -0.90
CA PHE B 32 -50.71 -2.88 -1.77
C PHE B 32 -49.33 -3.45 -1.98
N HIS B 33 -48.84 -3.49 -3.23
CA HIS B 33 -47.55 -4.09 -3.51
C HIS B 33 -46.53 -3.15 -4.18
N GLY B 34 -46.96 -1.95 -4.57
CA GLY B 34 -46.08 -0.97 -5.20
C GLY B 34 -45.11 -0.32 -4.23
N ARG B 35 -43.84 -0.77 -4.22
CA ARG B 35 -42.84 -0.23 -3.31
C ARG B 35 -42.39 1.19 -3.68
N THR B 36 -41.99 1.98 -2.69
CA THR B 36 -41.53 3.35 -2.88
C THR B 36 -40.24 3.57 -2.10
N LEU B 37 -39.16 3.96 -2.78
CA LEU B 37 -37.90 4.24 -2.10
C LEU B 37 -37.37 5.61 -2.52
N HIS B 38 -36.75 6.32 -1.58
CA HIS B 38 -36.20 7.64 -1.84
C HIS B 38 -34.69 7.57 -2.16
N ASP B 39 -34.16 8.55 -2.91
CA ASP B 39 -32.75 8.58 -3.27
C ASP B 39 -31.88 8.69 -2.02
N ASP B 40 -30.78 7.93 -1.95
CA ASP B 40 -29.94 7.93 -0.77
C ASP B 40 -29.27 9.28 -0.52
N ASP B 41 -29.42 9.79 0.72
CA ASP B 41 -28.91 11.07 1.20
C ASP B 41 -29.77 12.25 0.71
N SER B 42 -31.10 12.08 0.69
CA SER B 42 -32.03 13.14 0.26
C SER B 42 -32.91 13.64 1.40
N CYS B 43 -33.36 14.91 1.33
N CYS B 43 -33.35 14.90 1.32
CA CYS B 43 -34.19 15.47 2.38
CA CYS B 43 -34.20 15.48 2.36
C CYS B 43 -35.68 15.46 2.05
C CYS B 43 -35.69 15.42 2.01
N GLN B 44 -36.44 14.58 2.72
CA GLN B 44 -37.88 14.41 2.51
C GLN B 44 -38.65 14.81 3.78
N VAL B 45 -39.93 15.18 3.63
CA VAL B 45 -40.76 15.53 4.78
C VAL B 45 -41.86 14.48 4.94
N ILE B 46 -41.73 13.59 5.95
CA ILE B 46 -42.65 12.46 6.14
C ILE B 46 -43.52 12.62 7.41
N PRO B 47 -44.83 12.28 7.38
CA PRO B 47 -45.68 12.44 8.59
C PRO B 47 -45.37 11.42 9.68
N VAL B 48 -45.51 11.81 10.95
CA VAL B 48 -45.23 10.93 12.07
C VAL B 48 -46.50 10.57 12.83
N LEU B 49 -46.74 9.27 13.08
CA LEU B 49 -47.89 8.85 13.87
C LEU B 49 -47.63 9.27 15.32
N PRO B 50 -48.58 9.95 15.98
CA PRO B 50 -48.30 10.47 17.34
C PRO B 50 -48.14 9.44 18.45
N GLN B 51 -49.05 8.45 18.54
CA GLN B 51 -49.00 7.46 19.61
C GLN B 51 -47.91 6.41 19.48
N VAL B 52 -47.34 6.22 18.28
CA VAL B 52 -46.31 5.21 18.07
C VAL B 52 -45.02 5.53 18.80
N MET B 53 -44.61 4.63 19.72
CA MET B 53 -43.39 4.80 20.50
C MET B 53 -42.24 3.87 20.02
N MET B 54 -42.58 2.75 19.38
CA MET B 54 -41.66 1.71 18.88
C MET B 54 -40.49 2.18 17.99
N ILE B 55 -39.36 1.43 18.02
CA ILE B 55 -38.15 1.63 17.20
C ILE B 55 -38.14 0.57 16.08
N LEU B 56 -38.52 0.99 14.86
CA LEU B 56 -38.66 0.10 13.72
C LEU B 56 -37.36 -0.21 12.98
N ILE B 57 -37.23 -1.46 12.51
CA ILE B 57 -36.07 -1.93 11.77
C ILE B 57 -36.48 -2.26 10.35
N PRO B 58 -35.72 -1.87 9.31
CA PRO B 58 -36.10 -2.21 7.93
C PRO B 58 -36.42 -3.70 7.74
N GLY B 59 -37.50 -3.97 7.01
CA GLY B 59 -37.98 -5.33 6.77
C GLY B 59 -38.88 -5.89 7.85
N GLN B 60 -39.09 -5.12 8.95
CA GLN B 60 -39.91 -5.51 10.11
C GLN B 60 -41.34 -5.03 9.93
N THR B 61 -42.32 -5.87 10.28
CA THR B 61 -43.72 -5.49 10.17
C THR B 61 -44.24 -4.79 11.43
N LEU B 62 -45.01 -3.72 11.23
CA LEU B 62 -45.64 -2.93 12.27
C LEU B 62 -47.18 -3.00 12.14
N PRO B 63 -47.84 -3.73 13.06
CA PRO B 63 -49.31 -3.82 13.00
C PRO B 63 -49.94 -2.67 13.79
N LEU B 64 -50.94 -1.97 13.23
CA LEU B 64 -51.54 -0.82 13.90
C LEU B 64 -53.07 -0.78 13.87
N GLN B 65 -53.65 -0.12 14.89
CA GLN B 65 -55.09 0.11 15.04
C GLN B 65 -55.19 1.57 15.41
N LEU B 66 -55.91 2.36 14.61
CA LEU B 66 -56.03 3.80 14.84
C LEU B 66 -57.49 4.17 15.08
N PHE B 67 -57.79 4.85 16.19
CA PHE B 67 -59.18 5.19 16.53
C PHE B 67 -59.47 6.70 16.47
N HIS B 68 -58.45 7.53 16.69
N HIS B 68 -58.44 7.53 16.68
CA HIS B 68 -58.60 8.97 16.71
CA HIS B 68 -58.52 8.99 16.70
C HIS B 68 -58.75 9.53 15.30
C HIS B 68 -58.76 9.52 15.29
N PRO B 69 -59.63 10.52 15.11
CA PRO B 69 -59.90 11.03 13.74
C PRO B 69 -58.72 11.69 13.04
N GLN B 70 -57.76 12.24 13.79
CA GLN B 70 -56.57 12.83 13.18
C GLN B 70 -55.65 11.71 12.67
N GLU B 71 -55.55 10.58 13.42
CA GLU B 71 -54.76 9.41 13.03
C GLU B 71 -55.42 8.74 11.82
N VAL B 72 -56.76 8.64 11.83
CA VAL B 72 -57.54 7.99 10.78
C VAL B 72 -57.48 8.79 9.48
N SER B 73 -57.70 10.12 9.55
CA SER B 73 -57.62 10.96 8.37
C SER B 73 -56.21 10.98 7.77
N MET B 74 -55.18 10.88 8.61
CA MET B 74 -53.79 10.87 8.15
C MET B 74 -53.51 9.67 7.25
N VAL B 75 -53.87 8.46 7.71
CA VAL B 75 -53.69 7.22 6.97
C VAL B 75 -54.59 7.15 5.75
N ARG B 76 -55.81 7.70 5.83
CA ARG B 76 -56.73 7.72 4.70
C ARG B 76 -56.13 8.50 3.52
N ASN B 77 -55.50 9.65 3.78
CA ASN B 77 -54.85 10.44 2.72
C ASN B 77 -53.46 9.88 2.34
N LEU B 78 -52.83 9.13 3.26
CA LEU B 78 -51.54 8.48 3.07
C LEU B 78 -51.67 7.33 2.07
N ILE B 79 -52.81 6.59 2.12
CA ILE B 79 -53.07 5.50 1.18
C ILE B 79 -53.18 6.05 -0.25
N GLN B 80 -53.74 7.26 -0.41
CA GLN B 80 -53.85 7.91 -1.73
C GLN B 80 -52.51 8.44 -2.29
N LYS B 81 -51.41 8.33 -1.51
CA LYS B 81 -50.10 8.83 -1.94
C LYS B 81 -48.99 7.73 -1.88
N ASP B 82 -47.81 7.98 -1.26
CA ASP B 82 -46.72 7.01 -1.20
C ASP B 82 -46.85 5.96 -0.06
N ARG B 83 -47.98 5.98 0.68
CA ARG B 83 -48.32 5.08 1.79
C ARG B 83 -47.23 4.97 2.84
N THR B 84 -46.42 6.03 2.99
CA THR B 84 -45.28 6.02 3.89
C THR B 84 -45.39 7.05 5.01
N PHE B 85 -45.12 6.60 6.24
CA PHE B 85 -45.05 7.44 7.43
C PHE B 85 -43.68 7.25 8.13
N ALA B 86 -43.34 8.10 9.11
CA ALA B 86 -42.06 8.05 9.83
C ALA B 86 -42.21 7.47 11.22
N VAL B 87 -41.40 6.46 11.54
CA VAL B 87 -41.41 5.84 12.87
C VAL B 87 -40.12 6.28 13.55
N LEU B 88 -40.22 7.10 14.60
CA LEU B 88 -39.05 7.63 15.28
C LEU B 88 -38.50 6.75 16.39
N ALA B 89 -37.17 6.65 16.45
CA ALA B 89 -36.49 5.94 17.53
C ALA B 89 -36.21 7.02 18.58
N TYR B 90 -37.16 7.22 19.51
CA TYR B 90 -37.01 8.25 20.53
C TYR B 90 -35.96 7.90 21.54
N SER B 91 -34.95 8.76 21.69
CA SER B 91 -33.93 8.63 22.72
C SER B 91 -34.64 8.95 24.07
N ASN B 92 -35.46 10.03 24.09
CA ASN B 92 -36.24 10.43 25.25
C ASN B 92 -37.75 10.38 24.88
N VAL B 93 -38.46 9.35 25.36
CA VAL B 93 -39.88 9.19 25.04
C VAL B 93 -40.77 10.25 25.69
N GLN B 94 -40.48 10.60 26.94
CA GLN B 94 -41.26 11.62 27.64
C GLN B 94 -40.97 13.02 27.09
N GLU B 95 -39.68 13.30 26.79
CA GLU B 95 -39.29 14.59 26.21
C GLU B 95 -39.50 14.67 24.68
N ARG B 96 -39.96 13.56 24.04
CA ARG B 96 -40.21 13.43 22.60
C ARG B 96 -38.97 13.77 21.76
N GLU B 97 -37.80 13.41 22.28
CA GLU B 97 -36.54 13.66 21.60
C GLU B 97 -36.17 12.46 20.75
N ALA B 98 -36.00 12.67 19.45
CA ALA B 98 -35.61 11.58 18.56
C ALA B 98 -34.59 12.11 17.57
N GLN B 99 -33.51 11.34 17.35
CA GLN B 99 -32.45 11.72 16.42
C GLN B 99 -32.47 10.86 15.15
N PHE B 100 -33.04 9.65 15.22
CA PHE B 100 -33.09 8.74 14.07
C PHE B 100 -34.48 8.11 13.92
N GLY B 101 -34.71 7.43 12.81
CA GLY B 101 -35.97 6.74 12.56
C GLY B 101 -35.96 5.84 11.35
N THR B 102 -37.09 5.19 11.09
CA THR B 102 -37.25 4.30 9.94
C THR B 102 -38.58 4.66 9.23
N THR B 103 -38.59 4.67 7.89
CA THR B 103 -39.84 4.92 7.17
C THR B 103 -40.62 3.60 7.18
N ALA B 104 -41.94 3.68 7.33
CA ALA B 104 -42.79 2.50 7.33
C ALA B 104 -43.77 2.62 6.18
N GLU B 105 -43.82 1.62 5.31
CA GLU B 105 -44.70 1.64 4.16
C GLU B 105 -45.86 0.70 4.39
N ILE B 106 -47.10 1.21 4.26
CA ILE B 106 -48.30 0.41 4.45
C ILE B 106 -48.48 -0.58 3.31
N TYR B 107 -48.55 -1.88 3.64
CA TYR B 107 -48.78 -2.92 2.64
C TYR B 107 -50.18 -3.57 2.76
N ALA B 108 -50.88 -3.39 3.89
CA ALA B 108 -52.22 -3.93 4.10
C ALA B 108 -53.05 -2.91 4.90
N TYR B 109 -54.30 -2.69 4.49
CA TYR B 109 -55.14 -1.68 5.11
C TYR B 109 -56.58 -2.13 5.20
N ARG B 110 -57.28 -1.77 6.28
CA ARG B 110 -58.68 -2.12 6.45
C ARG B 110 -59.41 -1.13 7.30
N GLU B 111 -60.46 -0.52 6.75
CA GLU B 111 -61.24 0.45 7.50
C GLU B 111 -62.53 -0.17 8.03
N GLU B 112 -62.87 0.13 9.28
CA GLU B 112 -64.07 -0.37 9.93
C GLU B 112 -64.99 0.81 10.29
N GLN B 113 -66.27 0.72 9.95
CA GLN B 113 -67.22 1.79 10.26
C GLN B 113 -68.50 1.26 10.95
N ASP B 114 -68.43 0.05 11.54
CA ASP B 114 -69.54 -0.60 12.24
C ASP B 114 -69.92 0.18 13.47
N PHE B 115 -71.23 0.40 13.66
CA PHE B 115 -71.77 1.17 14.78
C PHE B 115 -71.33 2.66 14.77
N GLY B 116 -70.88 3.15 13.61
CA GLY B 116 -70.46 4.54 13.43
C GLY B 116 -69.18 4.91 14.15
N ILE B 117 -68.35 3.92 14.46
CA ILE B 117 -67.08 4.09 15.13
C ILE B 117 -66.04 3.79 14.08
N GLU B 118 -65.24 4.79 13.68
N GLU B 118 -65.23 4.80 13.68
CA GLU B 118 -64.23 4.60 12.64
CA GLU B 118 -64.23 4.59 12.65
C GLU B 118 -62.93 4.04 13.20
C GLU B 118 -62.94 4.03 13.22
N ILE B 119 -62.46 2.91 12.65
CA ILE B 119 -61.24 2.25 13.08
C ILE B 119 -60.40 1.95 11.84
N VAL B 120 -59.09 2.14 11.90
CA VAL B 120 -58.21 1.83 10.78
C VAL B 120 -57.16 0.80 11.19
N LYS B 121 -57.12 -0.33 10.50
CA LYS B 121 -56.18 -1.38 10.82
C LYS B 121 -55.15 -1.47 9.69
N VAL B 122 -53.87 -1.17 9.97
CA VAL B 122 -52.83 -1.20 8.94
C VAL B 122 -51.68 -2.12 9.29
N LYS B 123 -51.01 -2.64 8.27
CA LYS B 123 -49.83 -3.45 8.43
C LYS B 123 -48.80 -2.76 7.58
N ALA B 124 -47.82 -2.15 8.23
CA ALA B 124 -46.75 -1.41 7.60
C ALA B 124 -45.42 -2.16 7.73
N ILE B 125 -44.41 -1.81 6.93
CA ILE B 125 -43.12 -2.48 7.00
C ILE B 125 -41.99 -1.48 6.96
N GLY B 126 -40.96 -1.69 7.78
CA GLY B 126 -39.78 -0.83 7.77
C GLY B 126 -39.09 -0.84 6.42
N ARG B 127 -38.68 0.34 5.97
CA ARG B 127 -38.04 0.49 4.67
C ARG B 127 -36.67 1.17 4.74
N GLN B 128 -36.62 2.45 5.14
CA GLN B 128 -35.36 3.19 5.14
C GLN B 128 -35.01 3.88 6.46
N ARG B 129 -33.75 3.79 6.87
CA ARG B 129 -33.28 4.49 8.06
C ARG B 129 -33.01 5.95 7.69
N PHE B 130 -33.07 6.85 8.67
CA PHE B 130 -32.86 8.27 8.42
C PHE B 130 -32.44 9.04 9.66
N LYS B 131 -31.93 10.27 9.45
CA LYS B 131 -31.54 11.17 10.53
C LYS B 131 -32.57 12.31 10.61
N VAL B 132 -32.98 12.67 11.82
CA VAL B 132 -33.95 13.73 12.03
C VAL B 132 -33.26 15.09 11.93
N LEU B 133 -33.87 16.04 11.21
CA LEU B 133 -33.34 17.40 11.04
C LEU B 133 -34.18 18.38 11.89
N GLU B 134 -35.51 18.21 11.89
CA GLU B 134 -36.42 19.00 12.72
C GLU B 134 -37.79 18.33 12.86
N LEU B 135 -38.46 18.56 14.00
CA LEU B 135 -39.76 17.98 14.25
C LEU B 135 -40.81 19.05 14.52
N ARG B 136 -41.50 19.49 13.46
CA ARG B 136 -42.55 20.50 13.57
C ARG B 136 -43.90 19.81 13.68
N THR B 137 -44.74 20.25 14.63
CA THR B 137 -46.05 19.64 14.82
C THR B 137 -47.15 20.47 14.14
N GLN B 138 -48.05 19.79 13.41
CA GLN B 138 -49.14 20.43 12.68
C GLN B 138 -50.41 20.61 13.53
N SER B 139 -51.39 21.42 13.02
CA SER B 139 -52.66 21.71 13.68
C SER B 139 -53.39 20.47 14.18
N ASP B 140 -53.44 19.39 13.38
CA ASP B 140 -54.11 18.17 13.80
C ASP B 140 -53.33 17.33 14.82
N GLY B 141 -52.27 17.91 15.40
CA GLY B 141 -51.43 17.22 16.38
C GLY B 141 -50.36 16.35 15.75
N ILE B 142 -50.56 15.94 14.49
CA ILE B 142 -49.66 15.10 13.71
C ILE B 142 -48.36 15.82 13.43
N GLN B 143 -47.23 15.20 13.76
CA GLN B 143 -45.92 15.81 13.50
C GLN B 143 -45.49 15.54 12.06
N GLN B 144 -44.61 16.38 11.52
CA GLN B 144 -44.07 16.20 10.18
C GLN B 144 -42.57 16.36 10.33
N ALA B 145 -41.79 15.31 10.08
CA ALA B 145 -40.35 15.36 10.27
C ALA B 145 -39.54 15.73 9.03
N LYS B 146 -38.48 16.54 9.21
CA LYS B 146 -37.54 16.91 8.15
C LYS B 146 -36.53 15.77 8.22
N VAL B 147 -36.48 14.92 7.21
CA VAL B 147 -35.71 13.70 7.25
C VAL B 147 -34.60 13.59 6.21
N GLN B 148 -33.37 13.24 6.64
CA GLN B 148 -32.28 13.01 5.70
C GLN B 148 -32.06 11.50 5.58
N ILE B 149 -32.25 10.95 4.38
CA ILE B 149 -32.16 9.51 4.12
C ILE B 149 -30.76 8.93 4.37
N LEU B 150 -30.66 8.00 5.31
CA LEU B 150 -29.39 7.33 5.60
C LEU B 150 -29.19 6.22 4.55
N PRO B 151 -27.96 6.04 4.07
CA PRO B 151 -27.74 5.03 3.03
C PRO B 151 -27.27 3.69 3.56
N GLU B 152 -27.54 2.61 2.81
CA GLU B 152 -27.09 1.28 3.21
C GLU B 152 -25.73 1.00 2.61
N CYS B 153 -24.71 0.84 3.45
CA CYS B 153 -23.35 0.61 2.97
C CYS B 153 -23.13 -0.77 2.43
N VAL B 154 -23.06 -0.87 1.10
CA VAL B 154 -22.76 -2.12 0.44
C VAL B 154 -21.24 -2.12 0.25
N LEU B 155 -20.56 -3.12 0.80
CA LEU B 155 -19.10 -3.18 0.71
C LEU B 155 -18.66 -4.36 -0.13
N PRO B 156 -17.64 -4.21 -1.00
CA PRO B 156 -17.16 -5.36 -1.77
C PRO B 156 -16.34 -6.31 -0.86
N SER B 157 -15.62 -7.28 -1.45
CA SER B 157 -14.78 -8.18 -0.65
C SER B 157 -13.57 -7.40 -0.14
N THR B 158 -12.97 -7.89 0.95
CA THR B 158 -11.75 -7.27 1.46
C THR B 158 -10.58 -7.46 0.45
N MET B 159 -10.63 -8.55 -0.34
CA MET B 159 -9.62 -8.84 -1.34
C MET B 159 -9.92 -8.23 -2.71
N SER B 160 -11.10 -7.63 -2.92
CA SER B 160 -11.48 -7.03 -4.19
C SER B 160 -10.53 -5.94 -4.70
N ALA B 161 -9.59 -5.49 -3.86
CA ALA B 161 -8.61 -4.49 -4.28
C ALA B 161 -7.19 -5.12 -4.47
N VAL B 162 -6.66 -5.82 -3.44
CA VAL B 162 -5.34 -6.43 -3.52
C VAL B 162 -5.24 -7.67 -4.45
N GLN B 163 -6.30 -8.53 -4.46
CA GLN B 163 -6.32 -9.78 -5.24
C GLN B 163 -5.75 -9.67 -6.65
N LEU B 164 -4.61 -10.35 -6.87
CA LEU B 164 -3.91 -10.42 -8.15
C LEU B 164 -4.81 -11.00 -9.24
N GLU B 165 -4.65 -10.52 -10.48
CA GLU B 165 -5.43 -10.99 -11.62
C GLU B 165 -5.26 -12.49 -11.93
N SER B 166 -4.07 -13.06 -11.61
CA SER B 166 -3.80 -14.49 -11.83
C SER B 166 -4.59 -15.36 -10.85
N LEU B 167 -4.76 -14.88 -9.61
CA LEU B 167 -5.54 -15.61 -8.61
C LEU B 167 -7.00 -15.13 -8.54
N ASN B 168 -7.50 -14.51 -9.63
CA ASN B 168 -8.88 -14.04 -9.72
C ASN B 168 -9.80 -15.24 -9.94
N LYS B 169 -9.39 -16.18 -10.82
CA LYS B 169 -10.15 -17.38 -11.17
C LYS B 169 -10.42 -18.34 -9.98
N CYS B 170 -9.75 -18.11 -8.84
CA CYS B 170 -9.97 -18.91 -7.64
C CYS B 170 -10.94 -18.23 -6.66
N GLN B 171 -11.65 -17.15 -7.08
CA GLN B 171 -12.58 -16.44 -6.22
C GLN B 171 -13.86 -17.23 -6.01
N ILE B 172 -14.36 -17.87 -7.07
CA ILE B 172 -15.56 -18.70 -6.97
C ILE B 172 -15.17 -20.09 -6.47
N PHE B 173 -15.72 -20.51 -5.32
CA PHE B 173 -15.41 -21.81 -4.73
C PHE B 173 -16.56 -22.80 -4.90
N PRO B 174 -16.26 -24.10 -5.09
CA PRO B 174 -17.33 -25.10 -5.27
C PRO B 174 -18.34 -25.23 -4.11
N SER B 175 -19.54 -25.78 -4.41
CA SER B 175 -20.68 -25.96 -3.50
C SER B 175 -20.36 -26.43 -2.08
N LYS B 176 -21.07 -25.86 -1.08
CA LYS B 176 -20.92 -26.18 0.34
C LYS B 176 -21.84 -27.32 0.76
N PRO B 177 -21.28 -28.49 1.12
CA PRO B 177 -22.15 -29.61 1.53
C PRO B 177 -22.79 -29.40 2.90
N SER B 185 -19.31 -28.16 8.85
CA SER B 185 -18.15 -28.73 8.16
C SER B 185 -16.95 -27.78 8.27
N TYR B 186 -16.14 -27.94 9.34
CA TYR B 186 -14.98 -27.10 9.62
C TYR B 186 -13.91 -27.17 8.54
N LYS B 187 -13.78 -28.34 7.89
CA LYS B 187 -12.78 -28.51 6.83
C LYS B 187 -13.14 -27.67 5.60
N TRP B 188 -14.46 -27.53 5.31
CA TRP B 188 -14.92 -26.73 4.17
C TRP B 188 -14.64 -25.26 4.42
N TRP B 189 -14.91 -24.78 5.64
CA TRP B 189 -14.67 -23.39 6.02
C TRP B 189 -13.17 -23.07 6.12
N GLN B 190 -12.34 -24.09 6.42
CA GLN B 190 -10.88 -23.94 6.45
C GLN B 190 -10.40 -23.69 5.02
N LYS B 191 -10.97 -24.43 4.04
CA LYS B 191 -10.64 -24.32 2.63
C LYS B 191 -11.16 -23.02 2.01
N TYR B 192 -12.35 -22.58 2.46
CA TYR B 192 -12.99 -21.35 1.99
C TYR B 192 -12.16 -20.12 2.37
N GLN B 193 -11.60 -20.13 3.58
CA GLN B 193 -10.81 -19.02 4.07
C GLN B 193 -9.52 -18.91 3.28
N LYS B 194 -8.79 -20.03 3.09
CA LYS B 194 -7.52 -20.03 2.37
C LYS B 194 -7.64 -19.63 0.89
N ARG B 195 -8.80 -19.86 0.28
CA ARG B 195 -9.01 -19.51 -1.12
C ARG B 195 -9.53 -18.09 -1.28
N LYS B 196 -10.55 -17.73 -0.50
CA LYS B 196 -11.14 -16.38 -0.55
C LYS B 196 -10.14 -15.32 -0.15
N PHE B 197 -9.31 -15.58 0.87
CA PHE B 197 -8.35 -14.59 1.34
C PHE B 197 -6.91 -14.98 1.03
N HIS B 198 -6.69 -15.56 -0.16
CA HIS B 198 -5.35 -15.98 -0.55
C HIS B 198 -4.43 -14.78 -0.70
N CYS B 199 -4.93 -13.68 -1.27
CA CYS B 199 -4.10 -12.51 -1.46
C CYS B 199 -3.98 -11.64 -0.21
N ALA B 200 -4.25 -12.21 0.99
CA ALA B 200 -4.01 -11.57 2.28
C ALA B 200 -2.51 -11.38 2.52
N ASN B 201 -1.67 -12.27 1.93
N ASN B 201 -1.66 -12.26 1.93
CA ASN B 201 -0.22 -12.22 2.02
CA ASN B 201 -0.21 -12.22 2.01
C ASN B 201 0.39 -10.99 1.34
C ASN B 201 0.37 -10.95 1.37
N LEU B 202 -0.42 -10.25 0.57
CA LEU B 202 0.05 -9.04 -0.09
C LEU B 202 -0.19 -7.83 0.78
N THR B 203 -0.81 -8.03 1.93
CA THR B 203 -1.16 -6.98 2.87
C THR B 203 -0.52 -7.19 4.22
N SER B 204 -0.89 -6.37 5.18
CA SER B 204 -0.34 -6.46 6.52
C SER B 204 -1.04 -7.40 7.47
N TRP B 205 -2.18 -7.94 7.09
CA TRP B 205 -2.95 -8.80 7.98
C TRP B 205 -3.08 -10.26 7.56
N PRO B 206 -3.35 -11.16 8.53
CA PRO B 206 -3.59 -12.57 8.19
C PRO B 206 -5.00 -12.81 7.62
N ARG B 207 -5.20 -13.97 6.97
CA ARG B 207 -6.52 -14.34 6.42
C ARG B 207 -7.55 -14.44 7.54
N TRP B 208 -7.14 -14.99 8.71
CA TRP B 208 -8.08 -15.14 9.81
C TRP B 208 -8.65 -13.81 10.29
N LEU B 209 -7.92 -12.70 10.05
CA LEU B 209 -8.38 -11.36 10.41
C LEU B 209 -9.46 -10.97 9.40
N TYR B 210 -9.19 -11.13 8.10
CA TYR B 210 -10.16 -10.83 7.05
C TYR B 210 -11.46 -11.58 7.22
N SER B 211 -11.42 -12.79 7.83
CA SER B 211 -12.58 -13.62 8.13
C SER B 211 -13.53 -12.93 9.12
N LEU B 212 -12.97 -12.18 10.07
CA LEU B 212 -13.77 -11.45 11.07
C LEU B 212 -14.59 -10.29 10.47
N TYR B 213 -14.29 -9.89 9.22
CA TYR B 213 -15.03 -8.86 8.50
C TYR B 213 -15.71 -9.43 7.23
N ASP B 214 -15.80 -10.76 7.10
CA ASP B 214 -16.39 -11.42 5.95
C ASP B 214 -17.87 -11.67 6.22
N ALA B 215 -18.77 -11.03 5.46
CA ALA B 215 -20.22 -11.18 5.66
C ALA B 215 -20.68 -12.63 5.64
N GLU B 216 -20.21 -13.43 4.67
CA GLU B 216 -20.64 -14.82 4.55
C GLU B 216 -20.25 -15.67 5.77
N THR B 217 -19.04 -15.47 6.33
CA THR B 217 -18.63 -16.22 7.51
C THR B 217 -19.43 -15.77 8.71
N LEU B 218 -19.60 -14.45 8.88
CA LEU B 218 -20.32 -13.88 9.99
C LEU B 218 -21.78 -14.35 9.99
N MET B 219 -22.41 -14.41 8.81
CA MET B 219 -23.80 -14.87 8.72
C MET B 219 -23.89 -16.34 9.17
N ASP B 220 -22.91 -17.16 8.82
CA ASP B 220 -22.88 -18.56 9.19
C ASP B 220 -22.72 -18.75 10.69
N ARG B 221 -21.93 -17.90 11.34
CA ARG B 221 -21.73 -17.96 12.79
C ARG B 221 -23.03 -17.61 13.51
N ILE B 222 -23.78 -16.62 12.99
CA ILE B 222 -25.06 -16.20 13.54
C ILE B 222 -26.09 -17.30 13.30
N LYS B 223 -26.08 -17.91 12.11
CA LYS B 223 -26.96 -19.02 11.76
C LYS B 223 -26.80 -20.18 12.74
N LYS B 224 -25.59 -20.39 13.28
CA LYS B 224 -25.36 -21.46 14.24
C LYS B 224 -26.14 -21.24 15.54
N GLN B 225 -26.26 -20.00 15.99
CA GLN B 225 -27.02 -19.69 17.21
C GLN B 225 -28.51 -19.48 16.94
N LEU B 226 -28.85 -19.00 15.74
CA LEU B 226 -30.25 -18.85 15.31
C LEU B 226 -30.91 -20.23 15.13
N ARG B 227 -30.10 -21.27 14.83
CA ARG B 227 -30.59 -22.66 14.72
C ARG B 227 -30.93 -23.22 16.10
N GLU B 228 -30.31 -22.71 17.19
CA GLU B 228 -30.64 -23.18 18.54
C GLU B 228 -32.03 -22.72 18.93
N TRP B 229 -32.39 -21.47 18.60
CA TRP B 229 -33.70 -20.89 18.87
C TRP B 229 -34.78 -21.51 17.99
N ASP B 230 -34.48 -21.72 16.71
CA ASP B 230 -35.41 -22.31 15.74
C ASP B 230 -34.79 -23.59 15.16
N GLU B 231 -34.93 -24.72 15.87
CA GLU B 231 -34.38 -26.00 15.40
C GLU B 231 -35.17 -26.62 14.21
N ASN B 232 -36.32 -26.00 13.83
CA ASN B 232 -37.16 -26.43 12.72
C ASN B 232 -36.63 -25.90 11.40
N ASP B 236 -33.74 -23.28 7.33
CA ASP B 236 -32.94 -22.53 6.35
C ASP B 236 -33.75 -21.41 5.65
N SER B 237 -34.77 -20.87 6.34
CA SER B 237 -35.65 -19.83 5.80
C SER B 237 -35.19 -18.40 6.11
N LEU B 238 -33.86 -18.14 6.06
CA LEU B 238 -33.27 -16.82 6.30
C LEU B 238 -32.77 -16.19 4.97
N PRO B 239 -32.66 -14.85 4.87
CA PRO B 239 -32.19 -14.25 3.60
C PRO B 239 -30.73 -14.56 3.23
N SER B 240 -30.40 -14.33 1.96
CA SER B 240 -29.06 -14.54 1.43
C SER B 240 -28.23 -13.24 1.50
N ASN B 241 -28.88 -12.11 1.20
CA ASN B 241 -28.30 -10.78 1.21
C ASN B 241 -27.90 -10.41 2.64
N PRO B 242 -26.63 -10.04 2.89
CA PRO B 242 -26.22 -9.69 4.25
C PRO B 242 -26.96 -8.49 4.83
N ILE B 243 -27.50 -7.59 3.98
CA ILE B 243 -28.27 -6.44 4.43
C ILE B 243 -29.57 -6.94 5.04
N ASP B 244 -30.28 -7.80 4.30
CA ASP B 244 -31.55 -8.35 4.73
C ASP B 244 -31.41 -9.31 5.90
N PHE B 245 -30.29 -10.03 5.97
CA PHE B 245 -30.04 -10.98 7.05
C PHE B 245 -29.77 -10.27 8.37
N SER B 246 -28.94 -9.22 8.34
CA SER B 246 -28.60 -8.45 9.53
C SER B 246 -29.82 -7.73 10.10
N TYR B 247 -30.77 -7.34 9.24
CA TYR B 247 -31.99 -6.69 9.70
C TYR B 247 -32.94 -7.70 10.34
N ARG B 248 -33.02 -8.92 9.76
CA ARG B 248 -33.85 -10.00 10.30
C ARG B 248 -33.32 -10.40 11.68
N VAL B 249 -31.98 -10.45 11.85
CA VAL B 249 -31.39 -10.81 13.13
C VAL B 249 -31.61 -9.70 14.15
N ALA B 250 -31.55 -8.42 13.74
CA ALA B 250 -31.75 -7.27 14.62
C ALA B 250 -33.15 -7.22 15.19
N ALA B 251 -34.16 -7.55 14.38
CA ALA B 251 -35.55 -7.55 14.82
C ALA B 251 -35.85 -8.67 15.84
N CYS B 252 -34.99 -9.67 15.95
CA CYS B 252 -35.18 -10.79 16.87
C CYS B 252 -34.47 -10.60 18.20
N LEU B 253 -33.35 -9.85 18.21
CA LEU B 253 -32.56 -9.66 19.42
C LEU B 253 -33.30 -8.84 20.45
N PRO B 254 -33.63 -9.45 21.61
CA PRO B 254 -34.34 -8.70 22.65
C PRO B 254 -33.37 -7.88 23.49
N ILE B 255 -33.06 -6.68 22.99
CA ILE B 255 -32.13 -5.79 23.67
C ILE B 255 -32.82 -4.48 24.12
N ASP B 256 -32.16 -3.73 24.99
CA ASP B 256 -32.64 -2.44 25.45
C ASP B 256 -32.71 -1.43 24.30
N ASP B 257 -33.56 -0.42 24.43
CA ASP B 257 -33.78 0.61 23.41
C ASP B 257 -32.47 1.29 22.97
N VAL B 258 -31.54 1.52 23.90
CA VAL B 258 -30.27 2.16 23.57
C VAL B 258 -29.42 1.27 22.67
N LEU B 259 -29.39 -0.04 22.93
CA LEU B 259 -28.62 -0.97 22.07
C LEU B 259 -29.27 -1.12 20.68
N ARG B 260 -30.59 -0.97 20.61
CA ARG B 260 -31.36 -1.04 19.37
C ARG B 260 -31.11 0.20 18.49
N ILE B 261 -31.05 1.40 19.10
CA ILE B 261 -30.78 2.62 18.36
C ILE B 261 -29.32 2.61 17.82
N GLN B 262 -28.38 1.95 18.54
CA GLN B 262 -27.01 1.81 18.08
C GLN B 262 -26.94 0.84 16.91
N LEU B 263 -27.69 -0.28 16.96
CA LEU B 263 -27.77 -1.25 15.87
C LEU B 263 -28.40 -0.63 14.60
N LEU B 264 -29.36 0.28 14.80
CA LEU B 264 -30.05 1.01 13.74
C LEU B 264 -29.16 2.16 13.17
N LYS B 265 -28.20 2.65 13.97
CA LYS B 265 -27.28 3.69 13.51
C LYS B 265 -26.26 3.14 12.53
N ILE B 266 -25.87 1.86 12.69
CA ILE B 266 -24.88 1.22 11.82
C ILE B 266 -25.24 1.25 10.34
N GLY B 267 -24.30 1.68 9.51
CA GLY B 267 -24.49 1.79 8.07
C GLY B 267 -24.16 0.54 7.28
N SER B 268 -23.15 -0.22 7.72
CA SER B 268 -22.73 -1.42 7.00
C SER B 268 -23.35 -2.70 7.54
N ALA B 269 -23.64 -3.65 6.66
CA ALA B 269 -24.14 -4.96 7.04
C ALA B 269 -23.09 -5.71 7.85
N ILE B 270 -21.80 -5.57 7.50
CA ILE B 270 -20.70 -6.26 8.20
C ILE B 270 -20.56 -5.78 9.64
N GLN B 271 -20.64 -4.46 9.88
CA GLN B 271 -20.56 -3.94 11.24
C GLN B 271 -21.80 -4.38 12.02
N ARG B 272 -22.98 -4.40 11.36
CA ARG B 272 -24.23 -4.84 11.97
C ARG B 272 -24.15 -6.30 12.37
N LEU B 273 -23.73 -7.16 11.46
CA LEU B 273 -23.58 -8.60 11.71
C LEU B 273 -22.61 -8.86 12.86
N ARG B 274 -21.49 -8.12 12.90
CA ARG B 274 -20.49 -8.23 13.96
C ARG B 274 -21.07 -7.83 15.33
N CYS B 275 -21.82 -6.71 15.38
CA CYS B 275 -22.45 -6.24 16.61
C CYS B 275 -23.46 -7.26 17.11
N GLU B 276 -24.25 -7.83 16.20
CA GLU B 276 -25.24 -8.83 16.54
C GLU B 276 -24.56 -10.07 17.12
N LEU B 277 -23.42 -10.48 16.57
CA LEU B 277 -22.69 -11.62 17.10
C LEU B 277 -22.19 -11.35 18.51
N ASP B 278 -21.72 -10.12 18.76
CA ASP B 278 -21.25 -9.70 20.06
C ASP B 278 -22.38 -9.79 21.10
N ILE B 279 -23.56 -9.24 20.75
CA ILE B 279 -24.73 -9.26 21.61
C ILE B 279 -25.13 -10.70 21.91
N MET B 280 -25.12 -11.56 20.90
CA MET B 280 -25.51 -12.96 21.03
C MET B 280 -24.57 -13.78 21.88
N ASN B 281 -23.29 -13.43 21.90
CA ASN B 281 -22.30 -14.14 22.68
C ASN B 281 -22.25 -13.63 24.12
N LYS B 282 -22.19 -12.32 24.24
CA LYS B 282 -22.18 -11.64 25.53
C LYS B 282 -23.48 -11.57 26.35
N CYS B 283 -24.58 -11.24 25.69
CA CYS B 283 -25.85 -11.07 26.39
C CYS B 283 -26.72 -12.32 26.43
N THR B 284 -26.55 -13.11 27.48
CA THR B 284 -27.29 -14.35 27.63
C THR B 284 -28.31 -14.41 28.76
N SER B 285 -28.61 -13.28 29.39
CA SER B 285 -29.58 -13.30 30.50
C SER B 285 -30.58 -12.15 30.35
N LEU B 286 -31.85 -12.39 30.67
CA LEU B 286 -32.87 -11.35 30.54
C LEU B 286 -33.52 -11.05 31.88
N CYS B 287 -33.34 -9.82 32.36
CA CYS B 287 -33.85 -9.42 33.66
C CYS B 287 -34.94 -8.36 33.56
N CYS B 288 -35.68 -8.11 34.66
CA CYS B 288 -36.72 -7.09 34.71
C CYS B 288 -36.03 -5.71 34.58
N LYS B 289 -36.45 -4.87 33.62
CA LYS B 289 -35.84 -3.57 33.38
C LYS B 289 -36.02 -2.61 34.56
N GLN B 290 -37.15 -2.72 35.27
CA GLN B 290 -37.43 -1.88 36.42
C GLN B 290 -36.68 -2.34 37.67
N CYS B 291 -36.46 -3.66 37.81
CA CYS B 291 -35.81 -4.27 38.97
C CYS B 291 -34.32 -4.32 38.85
N GLN B 292 -33.81 -4.89 37.73
CA GLN B 292 -32.40 -5.20 37.52
C GLN B 292 -31.86 -6.17 38.64
N GLU B 293 -32.80 -6.72 39.46
CA GLU B 293 -32.61 -7.65 40.58
C GLU B 293 -33.53 -8.87 40.46
N THR B 294 -34.06 -9.16 39.25
CA THR B 294 -34.95 -10.28 39.02
C THR B 294 -34.67 -10.89 37.65
N GLU B 295 -34.22 -12.15 37.59
CA GLU B 295 -33.95 -12.82 36.32
C GLU B 295 -35.23 -13.44 35.80
N ILE B 296 -35.75 -12.90 34.70
CA ILE B 296 -36.98 -13.41 34.11
C ILE B 296 -36.72 -14.69 33.30
N THR B 297 -35.72 -14.68 32.39
CA THR B 297 -35.38 -15.84 31.54
C THR B 297 -33.92 -15.79 30.99
N THR B 298 -33.45 -16.86 30.32
CA THR B 298 -32.11 -16.95 29.70
C THR B 298 -32.22 -17.26 28.19
N LYS B 299 -31.14 -16.99 27.41
CA LYS B 299 -31.14 -17.27 25.97
C LYS B 299 -31.50 -18.72 25.65
N ASN B 300 -31.21 -19.65 26.57
CA ASN B 300 -31.51 -21.06 26.42
C ASN B 300 -33.02 -21.35 26.27
N GLU B 301 -33.88 -20.45 26.77
CA GLU B 301 -35.33 -20.64 26.69
C GLU B 301 -36.00 -20.01 25.48
N ILE B 302 -35.32 -19.07 24.83
CA ILE B 302 -35.85 -18.38 23.65
C ILE B 302 -36.17 -19.37 22.53
N PHE B 303 -37.39 -19.34 22.01
CA PHE B 303 -37.77 -20.19 20.89
C PHE B 303 -38.64 -19.42 19.90
N SER B 304 -38.60 -19.80 18.62
CA SER B 304 -39.37 -19.10 17.59
C SER B 304 -40.69 -19.78 17.34
N LEU B 305 -41.75 -19.25 17.93
CA LEU B 305 -43.09 -19.78 17.65
C LEU B 305 -43.71 -19.17 16.36
N SER B 306 -43.02 -18.20 15.72
CA SER B 306 -43.42 -17.54 14.49
C SER B 306 -42.36 -17.77 13.40
N LEU B 307 -42.73 -17.53 12.14
CA LEU B 307 -41.78 -17.65 11.03
C LEU B 307 -40.72 -16.53 11.08
N CYS B 308 -41.06 -15.35 11.64
CA CYS B 308 -40.13 -14.22 11.73
C CYS B 308 -39.00 -14.40 12.74
N GLY B 309 -39.20 -15.26 13.73
CA GLY B 309 -38.18 -15.49 14.74
C GLY B 309 -38.75 -15.54 16.14
N PRO B 310 -37.89 -15.43 17.15
CA PRO B 310 -38.37 -15.50 18.53
C PRO B 310 -39.00 -14.22 19.07
N MET B 311 -39.01 -13.13 18.30
CA MET B 311 -39.60 -11.87 18.75
C MET B 311 -40.16 -11.06 17.60
N ALA B 312 -41.44 -10.64 17.72
CA ALA B 312 -42.12 -9.84 16.70
C ALA B 312 -43.03 -8.79 17.33
N ALA B 313 -43.39 -7.74 16.58
CA ALA B 313 -44.30 -6.72 17.08
C ALA B 313 -45.76 -7.11 16.80
N TYR B 314 -46.64 -6.93 17.79
CA TYR B 314 -48.07 -7.18 17.68
C TYR B 314 -48.78 -6.02 18.33
N VAL B 315 -50.00 -5.71 17.89
CA VAL B 315 -50.75 -4.59 18.47
C VAL B 315 -51.87 -5.10 19.40
N ASN B 316 -52.11 -4.41 20.52
CA ASN B 316 -53.18 -4.80 21.45
C ASN B 316 -54.53 -4.13 21.02
N PRO B 317 -55.68 -4.41 21.69
CA PRO B 317 -56.95 -3.83 21.22
C PRO B 317 -57.03 -2.30 21.26
N HIS B 318 -56.15 -1.66 22.02
CA HIS B 318 -56.16 -0.21 22.16
C HIS B 318 -55.13 0.52 21.28
N GLY B 319 -54.41 -0.21 20.42
CA GLY B 319 -53.42 0.39 19.54
C GLY B 319 -52.02 0.44 20.09
N TYR B 320 -51.77 -0.22 21.24
CA TYR B 320 -50.43 -0.23 21.83
C TYR B 320 -49.61 -1.41 21.25
N VAL B 321 -48.42 -1.13 20.69
CA VAL B 321 -47.58 -2.16 20.09
C VAL B 321 -46.62 -2.77 21.11
N HIS B 322 -46.56 -4.11 21.16
CA HIS B 322 -45.66 -4.85 22.06
C HIS B 322 -44.77 -5.77 21.26
N GLU B 323 -43.46 -5.59 21.36
CA GLU B 323 -42.54 -6.51 20.71
C GLU B 323 -42.43 -7.69 21.65
N THR B 324 -43.11 -8.77 21.30
CA THR B 324 -43.21 -9.95 22.14
C THR B 324 -42.20 -11.05 21.77
N LEU B 325 -41.39 -11.42 22.76
CA LEU B 325 -40.39 -12.48 22.71
C LEU B 325 -41.03 -13.75 23.29
N THR B 326 -40.95 -14.88 22.58
CA THR B 326 -41.53 -16.13 23.05
C THR B 326 -40.47 -16.99 23.71
N VAL B 327 -40.70 -17.39 24.97
CA VAL B 327 -39.77 -18.25 25.68
C VAL B 327 -40.48 -19.51 26.21
N TYR B 328 -39.72 -20.60 26.38
CA TYR B 328 -40.26 -21.85 26.90
C TYR B 328 -40.56 -21.75 28.39
N LYS B 329 -39.67 -21.11 29.15
CA LYS B 329 -39.79 -20.99 30.59
C LYS B 329 -39.46 -19.57 31.06
N ALA B 330 -40.23 -19.07 32.00
CA ALA B 330 -40.01 -17.77 32.62
C ALA B 330 -40.11 -17.95 34.13
N CYS B 331 -39.33 -17.18 34.86
CA CYS B 331 -39.26 -17.28 36.31
C CYS B 331 -39.56 -15.96 37.00
N ASN B 332 -39.85 -16.05 38.30
CA ASN B 332 -40.08 -14.89 39.18
C ASN B 332 -41.17 -13.98 38.67
N LEU B 333 -42.26 -14.58 38.18
CA LEU B 333 -43.41 -13.84 37.68
C LEU B 333 -44.67 -14.30 38.39
N ASN B 334 -45.56 -13.35 38.67
CA ASN B 334 -46.84 -13.62 39.29
C ASN B 334 -47.93 -13.46 38.25
N LEU B 335 -48.84 -14.44 38.18
CA LEU B 335 -49.92 -14.44 37.20
C LEU B 335 -51.20 -13.83 37.72
N ILE B 336 -51.62 -12.72 37.12
CA ILE B 336 -52.83 -12.03 37.56
C ILE B 336 -53.92 -12.13 36.50
N GLY B 337 -55.15 -12.36 36.95
CA GLY B 337 -56.29 -12.51 36.05
C GLY B 337 -56.56 -13.95 35.66
N ARG B 338 -57.55 -14.15 34.80
CA ARG B 338 -57.89 -15.48 34.32
C ARG B 338 -57.60 -15.60 32.81
N PRO B 339 -57.12 -16.75 32.31
CA PRO B 339 -56.78 -16.85 30.89
C PRO B 339 -57.87 -16.43 29.93
N SER B 340 -57.51 -15.59 28.94
CA SER B 340 -58.46 -15.06 27.97
C SER B 340 -57.95 -15.30 26.55
N THR B 341 -58.81 -15.74 25.63
CA THR B 341 -58.40 -15.91 24.23
C THR B 341 -58.70 -14.66 23.37
N GLU B 342 -59.22 -13.57 23.99
CA GLU B 342 -59.57 -12.34 23.31
C GLU B 342 -58.33 -11.67 22.76
N HIS B 343 -58.35 -11.34 21.46
CA HIS B 343 -57.26 -10.66 20.77
C HIS B 343 -55.94 -11.43 20.86
N SER B 344 -55.98 -12.75 21.07
CA SER B 344 -54.76 -13.54 21.20
C SER B 344 -53.87 -13.50 19.95
N TRP B 345 -52.62 -13.14 20.16
CA TRP B 345 -51.62 -13.05 19.10
C TRP B 345 -51.11 -14.41 18.61
N PHE B 346 -51.46 -15.50 19.31
CA PHE B 346 -51.10 -16.88 19.00
C PHE B 346 -52.39 -17.72 19.03
N PRO B 347 -53.15 -17.74 17.91
CA PRO B 347 -54.42 -18.49 17.90
C PRO B 347 -54.32 -19.93 18.41
N GLY B 348 -55.15 -20.24 19.39
CA GLY B 348 -55.13 -21.54 20.05
C GLY B 348 -54.61 -21.44 21.47
N TYR B 349 -54.03 -20.27 21.84
CA TYR B 349 -53.50 -19.97 23.16
C TYR B 349 -54.33 -18.85 23.83
N ALA B 350 -54.39 -18.88 25.16
CA ALA B 350 -55.04 -17.88 25.99
C ALA B 350 -53.95 -17.18 26.79
N TRP B 351 -54.11 -15.87 27.01
CA TRP B 351 -53.13 -15.10 27.74
C TRP B 351 -53.55 -14.76 29.15
N THR B 352 -52.56 -14.61 30.03
CA THR B 352 -52.76 -14.22 31.42
C THR B 352 -51.61 -13.27 31.73
N VAL B 353 -51.93 -12.05 32.16
CA VAL B 353 -50.94 -11.05 32.52
C VAL B 353 -49.96 -11.56 33.58
N ALA B 354 -48.66 -11.33 33.36
CA ALA B 354 -47.62 -11.76 34.26
C ALA B 354 -46.79 -10.56 34.70
N GLN B 355 -46.69 -10.33 36.01
CA GLN B 355 -45.92 -9.21 36.55
C GLN B 355 -44.67 -9.70 37.27
N CYS B 356 -43.65 -8.83 37.45
CA CYS B 356 -42.44 -9.18 38.19
C CYS B 356 -42.83 -9.40 39.65
N LYS B 357 -42.40 -10.50 40.27
CA LYS B 357 -42.76 -10.78 41.65
C LYS B 357 -42.19 -9.74 42.64
N ILE B 358 -41.14 -9.01 42.25
CA ILE B 358 -40.53 -8.02 43.10
C ILE B 358 -41.15 -6.63 42.93
N CYS B 359 -41.18 -6.09 41.70
CA CYS B 359 -41.65 -4.72 41.46
C CYS B 359 -43.01 -4.60 40.81
N ALA B 360 -43.76 -5.71 40.63
CA ALA B 360 -45.10 -5.73 40.02
C ALA B 360 -45.19 -5.17 38.58
N SER B 361 -44.04 -4.94 37.91
CA SER B 361 -44.06 -4.41 36.54
C SER B 361 -44.65 -5.44 35.62
N HIS B 362 -45.47 -4.99 34.66
CA HIS B 362 -46.04 -5.87 33.67
C HIS B 362 -44.91 -6.31 32.74
N ILE B 363 -44.40 -7.52 32.95
CA ILE B 363 -43.31 -8.10 32.15
C ILE B 363 -43.84 -8.68 30.83
N GLY B 364 -45.03 -9.24 30.88
CA GLY B 364 -45.64 -9.84 29.71
C GLY B 364 -46.85 -10.69 30.05
N TRP B 365 -46.94 -11.88 29.43
CA TRP B 365 -48.06 -12.80 29.57
C TRP B 365 -47.63 -14.25 29.50
N LYS B 366 -48.36 -15.13 30.17
CA LYS B 366 -48.16 -16.57 30.06
C LYS B 366 -49.22 -17.04 29.06
N PHE B 367 -48.81 -17.83 28.06
CA PHE B 367 -49.74 -18.36 27.09
C PHE B 367 -50.04 -19.83 27.36
N THR B 368 -51.32 -20.18 27.32
CA THR B 368 -51.79 -21.51 27.64
C THR B 368 -52.59 -22.12 26.52
N ALA B 369 -52.25 -23.34 26.09
CA ALA B 369 -52.95 -24.02 25.00
C ALA B 369 -54.38 -24.33 25.40
N THR B 370 -55.32 -24.17 24.47
CA THR B 370 -56.73 -24.46 24.76
C THR B 370 -57.13 -25.93 24.43
N LYS B 371 -56.32 -26.61 23.61
CA LYS B 371 -56.55 -27.99 23.24
C LYS B 371 -55.45 -28.87 23.87
N LYS B 372 -55.81 -30.07 24.35
CA LYS B 372 -54.83 -30.96 24.98
C LYS B 372 -53.80 -31.51 23.98
N ASP B 373 -54.15 -31.56 22.68
CA ASP B 373 -53.29 -32.06 21.62
C ASP B 373 -52.22 -31.07 21.14
N MET B 374 -52.22 -29.83 21.65
CA MET B 374 -51.26 -28.80 21.25
C MET B 374 -49.91 -28.94 21.94
N SER B 375 -48.87 -28.34 21.32
CA SER B 375 -47.50 -28.35 21.83
C SER B 375 -46.73 -27.13 21.28
N PRO B 376 -46.08 -26.36 22.16
CA PRO B 376 -46.00 -26.53 23.63
C PRO B 376 -47.32 -26.20 24.33
N GLN B 377 -47.60 -26.88 25.45
CA GLN B 377 -48.84 -26.62 26.20
C GLN B 377 -48.81 -25.24 26.89
N LYS B 378 -47.61 -24.75 27.25
CA LYS B 378 -47.45 -23.46 27.88
C LYS B 378 -46.13 -22.79 27.47
N PHE B 379 -46.20 -21.49 27.19
CA PHE B 379 -45.03 -20.68 26.86
C PHE B 379 -45.21 -19.26 27.42
N TRP B 380 -44.24 -18.40 27.24
CA TRP B 380 -44.34 -17.05 27.73
C TRP B 380 -44.01 -16.03 26.65
N GLY B 381 -44.76 -14.95 26.62
CA GLY B 381 -44.49 -13.90 25.68
C GLY B 381 -44.08 -12.74 26.54
N LEU B 382 -42.86 -12.27 26.36
CA LEU B 382 -42.35 -11.19 27.18
C LEU B 382 -42.16 -9.96 26.33
N THR B 383 -42.55 -8.81 26.85
CA THR B 383 -42.44 -7.61 26.05
C THR B 383 -41.03 -7.03 26.20
N ARG B 384 -40.41 -6.65 25.07
CA ARG B 384 -39.03 -6.12 25.00
C ARG B 384 -38.84 -4.90 25.89
N SER B 385 -39.83 -4.00 25.94
CA SER B 385 -39.77 -2.79 26.76
C SER B 385 -39.70 -3.06 28.26
N ALA B 386 -40.03 -4.29 28.70
CA ALA B 386 -39.99 -4.67 30.11
C ALA B 386 -38.73 -5.43 30.51
N LEU B 387 -37.95 -5.92 29.53
CA LEU B 387 -36.74 -6.72 29.74
C LEU B 387 -35.46 -5.93 29.52
N LEU B 388 -34.36 -6.44 30.10
CA LEU B 388 -33.04 -5.83 29.99
C LEU B 388 -32.00 -6.94 29.90
N PRO B 389 -31.25 -7.00 28.80
CA PRO B 389 -30.23 -8.05 28.68
C PRO B 389 -29.04 -7.75 29.59
N THR B 390 -28.61 -8.77 30.36
CA THR B 390 -27.52 -8.61 31.31
C THR B 390 -26.41 -9.61 31.02
N ILE B 391 -25.15 -9.16 31.07
CA ILE B 391 -23.98 -10.01 30.88
C ILE B 391 -23.69 -10.64 32.25
N PRO B 392 -23.93 -11.95 32.40
CA PRO B 392 -23.69 -12.60 33.71
C PRO B 392 -22.23 -12.85 34.07
N ASP B 393 -21.85 -12.57 35.33
CA ASP B 393 -20.49 -12.81 35.82
C ASP B 393 -20.48 -12.97 37.34
#